data_4RUD
# 
_entry.id   4RUD 
# 
_audit_conform.dict_name       mmcif_pdbx.dic 
_audit_conform.dict_version    5.398 
_audit_conform.dict_location   http://mmcif.pdb.org/dictionaries/ascii/mmcif_pdbx.dic 
# 
loop_
_database_2.database_id 
_database_2.database_code 
_database_2.pdbx_database_accession 
_database_2.pdbx_DOI 
RCSB  RCSB087806   ?            ?                   
PDB   4RUD         pdb_00004rud 10.2210/pdb4rud/pdb 
WWPDB D_1000087806 ?            ?                   
# 
loop_
_pdbx_audit_revision_history.ordinal 
_pdbx_audit_revision_history.data_content_type 
_pdbx_audit_revision_history.major_revision 
_pdbx_audit_revision_history.minor_revision 
_pdbx_audit_revision_history.revision_date 
1 'Structure model' 1 0 2016-05-18 
2 'Structure model' 1 1 2017-11-22 
3 'Structure model' 1 2 2018-07-18 
4 'Structure model' 1 3 2020-01-22 
5 'Structure model' 1 4 2022-08-24 
6 'Structure model' 1 5 2023-11-08 
7 'Structure model' 1 6 2024-11-13 
# 
_pdbx_audit_revision_details.ordinal             1 
_pdbx_audit_revision_details.revision_ordinal    1 
_pdbx_audit_revision_details.data_content_type   'Structure model' 
_pdbx_audit_revision_details.provider            repository 
_pdbx_audit_revision_details.type                'Initial release' 
_pdbx_audit_revision_details.description         ? 
_pdbx_audit_revision_details.details             ? 
# 
loop_
_pdbx_audit_revision_group.ordinal 
_pdbx_audit_revision_group.revision_ordinal 
_pdbx_audit_revision_group.data_content_type 
_pdbx_audit_revision_group.group 
1  2 'Structure model' 'Refinement description' 
2  3 'Structure model' 'Data collection'        
3  3 'Structure model' 'Database references'    
4  4 'Structure model' 'Database references'    
5  4 'Structure model' 'Source and taxonomy'    
6  4 'Structure model' 'Structure summary'      
7  5 'Structure model' 'Database references'    
8  5 'Structure model' 'Derived calculations'   
9  6 'Structure model' 'Data collection'        
10 6 'Structure model' 'Refinement description' 
11 7 'Structure model' 'Structure summary'      
# 
loop_
_pdbx_audit_revision_category.ordinal 
_pdbx_audit_revision_category.revision_ordinal 
_pdbx_audit_revision_category.data_content_type 
_pdbx_audit_revision_category.category 
1  2 'Structure model' software                      
2  3 'Structure model' struct_ref_seq_dif            
3  4 'Structure model' citation                      
4  4 'Structure model' citation_author               
5  4 'Structure model' entity                        
6  4 'Structure model' entity_src_gen                
7  4 'Structure model' entity_src_nat                
8  5 'Structure model' citation                      
9  5 'Structure model' database_2                    
10 5 'Structure model' struct_site                   
11 6 'Structure model' chem_comp_atom                
12 6 'Structure model' chem_comp_bond                
13 6 'Structure model' pdbx_initial_refinement_model 
14 7 'Structure model' pdbx_entry_details            
15 7 'Structure model' pdbx_modification_feature     
# 
loop_
_pdbx_audit_revision_item.ordinal 
_pdbx_audit_revision_item.revision_ordinal 
_pdbx_audit_revision_item.data_content_type 
_pdbx_audit_revision_item.item 
1  3 'Structure model' '_struct_ref_seq_dif.details'         
2  4 'Structure model' '_citation.country'                   
3  4 'Structure model' '_citation.journal_abbrev'            
4  4 'Structure model' '_citation.journal_id_ASTM'           
5  4 'Structure model' '_citation.journal_id_CSD'            
6  4 'Structure model' '_citation.journal_id_ISSN'           
7  4 'Structure model' '_citation.pdbx_database_id_DOI'      
8  4 'Structure model' '_citation.pdbx_database_id_PubMed'   
9  4 'Structure model' '_citation.title'                     
10 4 'Structure model' '_citation.year'                      
11 4 'Structure model' '_entity.src_method'                  
12 5 'Structure model' '_citation.journal_volume'            
13 5 'Structure model' '_citation.page_first'                
14 5 'Structure model' '_citation.page_last'                 
15 5 'Structure model' '_citation.title'                     
16 5 'Structure model' '_citation.year'                      
17 5 'Structure model' '_database_2.pdbx_DOI'                
18 5 'Structure model' '_database_2.pdbx_database_accession' 
19 5 'Structure model' '_struct_site.pdbx_auth_asym_id'      
20 5 'Structure model' '_struct_site.pdbx_auth_comp_id'      
21 5 'Structure model' '_struct_site.pdbx_auth_seq_id'       
# 
_pdbx_database_status.status_code                     REL 
_pdbx_database_status.entry_id                        4RUD 
_pdbx_database_status.recvd_initial_deposition_date   2014-11-18 
_pdbx_database_status.deposit_site                    RCSB 
_pdbx_database_status.process_site                    PDBJ 
_pdbx_database_status.methods_development_category    ? 
_pdbx_database_status.status_code_sf                  REL 
_pdbx_database_status.status_code_mr                  ? 
_pdbx_database_status.SG_entry                        ? 
_pdbx_database_status.status_code_cs                  ? 
_pdbx_database_status.pdb_format_compatible           Y 
_pdbx_database_status.status_code_nmr_data            ? 
# 
loop_
_audit_author.name 
_audit_author.pdbx_ordinal 
'Jobichen, C.'  1 
'Sivaraman, J.' 2 
# 
_citation.id                        primary 
_citation.title                     
'Fulditoxin, representing a new class of dimeric snake toxins, defines novel pharmacology at nicotinic ACh receptors.' 
_citation.journal_abbrev            Br.J.Pharmacol. 
_citation.journal_volume            177 
_citation.page_first                1822 
_citation.page_last                 1840 
_citation.year                      2020 
_citation.journal_id_ASTM           BJPCBH 
_citation.country                   UK 
_citation.journal_id_ISSN           0007-1188 
_citation.journal_id_CSD            1097 
_citation.book_publisher            ? 
_citation.pdbx_database_id_PubMed   31877243 
_citation.pdbx_database_id_DOI      10.1111/bph.14954 
# 
loop_
_citation_author.citation_id 
_citation_author.name 
_citation_author.ordinal 
_citation_author.identifier_ORCID 
primary 'Foo, C.S.'             1  ?                   
primary 'Jobichen, C.'          2  ?                   
primary 'Hassan-Puttaswamy, V.' 3  ?                   
primary 'Dekan, Z.'             4  ?                   
primary 'Tae, H.S.'             5  0000-0001-8961-7194 
primary 'Bertrand, D.'          6  ?                   
primary 'Adams, D.J.'           7  0000-0002-7030-2288 
primary 'Alewood, P.F.'         8  ?                   
primary 'Sivaraman, J.'         9  ?                   
primary 'Nirthanan, S.'         10 0000-0001-9888-8447 
primary 'Kini, R.M.'            11 ?                   
# 
loop_
_entity.id 
_entity.type 
_entity.src_method 
_entity.pdbx_description 
_entity.formula_weight 
_entity.pdbx_number_of_molecules 
_entity.pdbx_ec 
_entity.pdbx_mutation 
_entity.pdbx_fragment 
_entity.details 
1 polymer     man 'Three-finger toxin 3b' 6543.485 2   ? A25V 'UNP residues 22-79' ? 
2 non-polymer syn 'ZINC ION'              65.409   2   ? ?    ?                    ? 
3 water       nat water                   18.015   141 ? ?    ?                    ? 
# 
_entity_poly.entity_id                      1 
_entity_poly.type                           'polypeptide(L)' 
_entity_poly.nstd_linkage                   no 
_entity_poly.nstd_monomer                   no 
_entity_poly.pdbx_seq_one_letter_code       LKCYSSRTETMTCPEGEDKCEKYAVGLMHGSFFFIYTCTSKCHEGAYNVCCSTDLCNK 
_entity_poly.pdbx_seq_one_letter_code_can   LKCYSSRTETMTCPEGEDKCEKYAVGLMHGSFFFIYTCTSKCHEGAYNVCCSTDLCNK 
_entity_poly.pdbx_strand_id                 A,B 
_entity_poly.pdbx_target_identifier         ? 
# 
loop_
_pdbx_entity_nonpoly.entity_id 
_pdbx_entity_nonpoly.name 
_pdbx_entity_nonpoly.comp_id 
2 'ZINC ION' ZN  
3 water      HOH 
# 
loop_
_entity_poly_seq.entity_id 
_entity_poly_seq.num 
_entity_poly_seq.mon_id 
_entity_poly_seq.hetero 
1 1  LEU n 
1 2  LYS n 
1 3  CYS n 
1 4  TYR n 
1 5  SER n 
1 6  SER n 
1 7  ARG n 
1 8  THR n 
1 9  GLU n 
1 10 THR n 
1 11 MET n 
1 12 THR n 
1 13 CYS n 
1 14 PRO n 
1 15 GLU n 
1 16 GLY n 
1 17 GLU n 
1 18 ASP n 
1 19 LYS n 
1 20 CYS n 
1 21 GLU n 
1 22 LYS n 
1 23 TYR n 
1 24 ALA n 
1 25 VAL n 
1 26 GLY n 
1 27 LEU n 
1 28 MET n 
1 29 HIS n 
1 30 GLY n 
1 31 SER n 
1 32 PHE n 
1 33 PHE n 
1 34 PHE n 
1 35 ILE n 
1 36 TYR n 
1 37 THR n 
1 38 CYS n 
1 39 THR n 
1 40 SER n 
1 41 LYS n 
1 42 CYS n 
1 43 HIS n 
1 44 GLU n 
1 45 GLY n 
1 46 ALA n 
1 47 TYR n 
1 48 ASN n 
1 49 VAL n 
1 50 CYS n 
1 51 CYS n 
1 52 SER n 
1 53 THR n 
1 54 ASP n 
1 55 LEU n 
1 56 CYS n 
1 57 ASN n 
1 58 LYS n 
# 
_entity_src_gen.entity_id                          1 
_entity_src_gen.pdbx_src_id                        1 
_entity_src_gen.pdbx_alt_source_flag               sample 
_entity_src_gen.pdbx_seq_type                      ? 
_entity_src_gen.pdbx_beg_seq_num                   ? 
_entity_src_gen.pdbx_end_seq_num                   ? 
_entity_src_gen.gene_src_common_name               'harlequin coralsnake' 
_entity_src_gen.gene_src_genus                     ? 
_entity_src_gen.pdbx_gene_src_gene                 ? 
_entity_src_gen.gene_src_species                   ? 
_entity_src_gen.gene_src_strain                    ? 
_entity_src_gen.gene_src_tissue                    ? 
_entity_src_gen.gene_src_tissue_fraction           ? 
_entity_src_gen.gene_src_details                   ? 
_entity_src_gen.pdbx_gene_src_fragment             ? 
_entity_src_gen.pdbx_gene_src_scientific_name      'Micrurus fulvius' 
_entity_src_gen.pdbx_gene_src_ncbi_taxonomy_id     8637 
_entity_src_gen.pdbx_gene_src_variant              ? 
_entity_src_gen.pdbx_gene_src_cell_line            ? 
_entity_src_gen.pdbx_gene_src_atcc                 ? 
_entity_src_gen.pdbx_gene_src_organ                ? 
_entity_src_gen.pdbx_gene_src_organelle            ? 
_entity_src_gen.pdbx_gene_src_cell                 ? 
_entity_src_gen.pdbx_gene_src_cellular_location    ? 
_entity_src_gen.host_org_common_name               ? 
_entity_src_gen.pdbx_host_org_scientific_name      'Xenopus laevis' 
_entity_src_gen.pdbx_host_org_ncbi_taxonomy_id     8355 
_entity_src_gen.host_org_genus                     ? 
_entity_src_gen.pdbx_host_org_gene                 ? 
_entity_src_gen.pdbx_host_org_organ                ? 
_entity_src_gen.host_org_species                   ? 
_entity_src_gen.pdbx_host_org_tissue               ? 
_entity_src_gen.pdbx_host_org_tissue_fraction      ? 
_entity_src_gen.pdbx_host_org_strain               ? 
_entity_src_gen.pdbx_host_org_variant              ? 
_entity_src_gen.pdbx_host_org_cell_line            Oocytes 
_entity_src_gen.pdbx_host_org_atcc                 ? 
_entity_src_gen.pdbx_host_org_culture_collection   ? 
_entity_src_gen.pdbx_host_org_cell                 ? 
_entity_src_gen.pdbx_host_org_organelle            ? 
_entity_src_gen.pdbx_host_org_cellular_location    ? 
_entity_src_gen.pdbx_host_org_vector_type          ? 
_entity_src_gen.pdbx_host_org_vector               ? 
_entity_src_gen.host_org_details                   ? 
_entity_src_gen.expression_system_id               ? 
_entity_src_gen.plasmid_name                       ? 
_entity_src_gen.plasmid_details                    ? 
_entity_src_gen.pdbx_description                   ? 
# 
loop_
_chem_comp.id 
_chem_comp.type 
_chem_comp.mon_nstd_flag 
_chem_comp.name 
_chem_comp.pdbx_synonyms 
_chem_comp.formula 
_chem_comp.formula_weight 
ALA 'L-peptide linking' y ALANINE         ? 'C3 H7 N O2'     89.093  
ARG 'L-peptide linking' y ARGININE        ? 'C6 H15 N4 O2 1' 175.209 
ASN 'L-peptide linking' y ASPARAGINE      ? 'C4 H8 N2 O3'    132.118 
ASP 'L-peptide linking' y 'ASPARTIC ACID' ? 'C4 H7 N O4'     133.103 
CYS 'L-peptide linking' y CYSTEINE        ? 'C3 H7 N O2 S'   121.158 
GLU 'L-peptide linking' y 'GLUTAMIC ACID' ? 'C5 H9 N O4'     147.129 
GLY 'peptide linking'   y GLYCINE         ? 'C2 H5 N O2'     75.067  
HIS 'L-peptide linking' y HISTIDINE       ? 'C6 H10 N3 O2 1' 156.162 
HOH non-polymer         . WATER           ? 'H2 O'           18.015  
ILE 'L-peptide linking' y ISOLEUCINE      ? 'C6 H13 N O2'    131.173 
LEU 'L-peptide linking' y LEUCINE         ? 'C6 H13 N O2'    131.173 
LYS 'L-peptide linking' y LYSINE          ? 'C6 H15 N2 O2 1' 147.195 
MET 'L-peptide linking' y METHIONINE      ? 'C5 H11 N O2 S'  149.211 
PHE 'L-peptide linking' y PHENYLALANINE   ? 'C9 H11 N O2'    165.189 
PRO 'L-peptide linking' y PROLINE         ? 'C5 H9 N O2'     115.130 
SER 'L-peptide linking' y SERINE          ? 'C3 H7 N O3'     105.093 
THR 'L-peptide linking' y THREONINE       ? 'C4 H9 N O3'     119.119 
TYR 'L-peptide linking' y TYROSINE        ? 'C9 H11 N O3'    181.189 
VAL 'L-peptide linking' y VALINE          ? 'C5 H11 N O2'    117.146 
ZN  non-polymer         . 'ZINC ION'      ? 'Zn 2'           65.409  
# 
loop_
_pdbx_poly_seq_scheme.asym_id 
_pdbx_poly_seq_scheme.entity_id 
_pdbx_poly_seq_scheme.seq_id 
_pdbx_poly_seq_scheme.mon_id 
_pdbx_poly_seq_scheme.ndb_seq_num 
_pdbx_poly_seq_scheme.pdb_seq_num 
_pdbx_poly_seq_scheme.auth_seq_num 
_pdbx_poly_seq_scheme.pdb_mon_id 
_pdbx_poly_seq_scheme.auth_mon_id 
_pdbx_poly_seq_scheme.pdb_strand_id 
_pdbx_poly_seq_scheme.pdb_ins_code 
_pdbx_poly_seq_scheme.hetero 
A 1 1  LEU 1  1  1  LEU LEU A . n 
A 1 2  LYS 2  2  2  LYS LYS A . n 
A 1 3  CYS 3  3  3  CYS CYS A . n 
A 1 4  TYR 4  4  4  TYR TYR A . n 
A 1 5  SER 5  5  5  SER SER A . n 
A 1 6  SER 6  6  6  SER SER A . n 
A 1 7  ARG 7  7  7  ARG ARG A . n 
A 1 8  THR 8  8  8  THR THR A . n 
A 1 9  GLU 9  9  9  GLU GLU A . n 
A 1 10 THR 10 10 10 THR THR A . n 
A 1 11 MET 11 11 11 MET MET A . n 
A 1 12 THR 12 12 12 THR THR A . n 
A 1 13 CYS 13 13 13 CYS CYS A . n 
A 1 14 PRO 14 14 14 PRO PRO A . n 
A 1 15 GLU 15 15 15 GLU GLU A . n 
A 1 16 GLY 16 16 16 GLY GLY A . n 
A 1 17 GLU 17 17 17 GLU GLU A . n 
A 1 18 ASP 18 18 18 ASP ASP A . n 
A 1 19 LYS 19 19 19 LYS LYS A . n 
A 1 20 CYS 20 20 20 CYS CYS A . n 
A 1 21 GLU 21 21 21 GLU GLU A . n 
A 1 22 LYS 22 22 22 LYS LYS A . n 
A 1 23 TYR 23 23 23 TYR TYR A . n 
A 1 24 ALA 24 24 24 ALA ALA A . n 
A 1 25 VAL 25 25 25 VAL VAL A . n 
A 1 26 GLY 26 26 26 GLY GLY A . n 
A 1 27 LEU 27 27 27 LEU LEU A . n 
A 1 28 MET 28 28 28 MET MET A . n 
A 1 29 HIS 29 29 29 HIS HIS A . n 
A 1 30 GLY 30 30 30 GLY GLY A . n 
A 1 31 SER 31 31 31 SER SER A . n 
A 1 32 PHE 32 32 32 PHE PHE A . n 
A 1 33 PHE 33 33 33 PHE PHE A . n 
A 1 34 PHE 34 34 34 PHE PHE A . n 
A 1 35 ILE 35 35 35 ILE ILE A . n 
A 1 36 TYR 36 36 36 TYR TYR A . n 
A 1 37 THR 37 37 37 THR THR A . n 
A 1 38 CYS 38 38 38 CYS CYS A . n 
A 1 39 THR 39 39 39 THR THR A . n 
A 1 40 SER 40 40 40 SER SER A . n 
A 1 41 LYS 41 41 41 LYS LYS A . n 
A 1 42 CYS 42 42 42 CYS CYS A . n 
A 1 43 HIS 43 43 43 HIS HIS A . n 
A 1 44 GLU 44 44 44 GLU GLU A . n 
A 1 45 GLY 45 45 45 GLY GLY A . n 
A 1 46 ALA 46 46 46 ALA ALA A . n 
A 1 47 TYR 47 47 47 TYR TYR A . n 
A 1 48 ASN 48 48 48 ASN ASN A . n 
A 1 49 VAL 49 49 49 VAL VAL A . n 
A 1 50 CYS 50 50 50 CYS CYS A . n 
A 1 51 CYS 51 51 51 CYS CYS A . n 
A 1 52 SER 52 52 52 SER SER A . n 
A 1 53 THR 53 53 53 THR THR A . n 
A 1 54 ASP 54 54 54 ASP ASP A . n 
A 1 55 LEU 55 55 55 LEU LEU A . n 
A 1 56 CYS 56 56 56 CYS CYS A . n 
A 1 57 ASN 57 57 57 ASN ASN A . n 
A 1 58 LYS 58 58 58 LYS LYS A . n 
B 1 1  LEU 1  1  1  LEU LEU B . n 
B 1 2  LYS 2  2  2  LYS LYS B . n 
B 1 3  CYS 3  3  3  CYS CYS B . n 
B 1 4  TYR 4  4  4  TYR TYR B . n 
B 1 5  SER 5  5  5  SER SER B . n 
B 1 6  SER 6  6  6  SER SER B . n 
B 1 7  ARG 7  7  7  ARG ARG B . n 
B 1 8  THR 8  8  8  THR THR B . n 
B 1 9  GLU 9  9  9  GLU GLU B . n 
B 1 10 THR 10 10 10 THR THR B . n 
B 1 11 MET 11 11 11 MET MET B . n 
B 1 12 THR 12 12 12 THR THR B . n 
B 1 13 CYS 13 13 13 CYS CYS B . n 
B 1 14 PRO 14 14 14 PRO PRO B . n 
B 1 15 GLU 15 15 15 GLU GLU B . n 
B 1 16 GLY 16 16 16 GLY GLY B . n 
B 1 17 GLU 17 17 17 GLU GLU B . n 
B 1 18 ASP 18 18 18 ASP ASP B . n 
B 1 19 LYS 19 19 19 LYS LYS B . n 
B 1 20 CYS 20 20 20 CYS CYS B . n 
B 1 21 GLU 21 21 21 GLU GLU B . n 
B 1 22 LYS 22 22 22 LYS LYS B . n 
B 1 23 TYR 23 23 23 TYR TYR B . n 
B 1 24 ALA 24 24 24 ALA ALA B . n 
B 1 25 VAL 25 25 25 VAL VAL B . n 
B 1 26 GLY 26 26 26 GLY GLY B . n 
B 1 27 LEU 27 27 27 LEU LEU B . n 
B 1 28 MET 28 28 28 MET MET B . n 
B 1 29 HIS 29 29 29 HIS HIS B . n 
B 1 30 GLY 30 30 30 GLY GLY B . n 
B 1 31 SER 31 31 31 SER SER B . n 
B 1 32 PHE 32 32 32 PHE PHE B . n 
B 1 33 PHE 33 33 33 PHE PHE B . n 
B 1 34 PHE 34 34 34 PHE PHE B . n 
B 1 35 ILE 35 35 35 ILE ILE B . n 
B 1 36 TYR 36 36 36 TYR TYR B . n 
B 1 37 THR 37 37 37 THR THR B . n 
B 1 38 CYS 38 38 38 CYS CYS B . n 
B 1 39 THR 39 39 39 THR THR B . n 
B 1 40 SER 40 40 40 SER SER B . n 
B 1 41 LYS 41 41 41 LYS LYS B . n 
B 1 42 CYS 42 42 42 CYS CYS B . n 
B 1 43 HIS 43 43 43 HIS HIS B . n 
B 1 44 GLU 44 44 44 GLU GLU B . n 
B 1 45 GLY 45 45 45 GLY GLY B . n 
B 1 46 ALA 46 46 46 ALA ALA B . n 
B 1 47 TYR 47 47 47 TYR TYR B . n 
B 1 48 ASN 48 48 48 ASN ASN B . n 
B 1 49 VAL 49 49 49 VAL VAL B . n 
B 1 50 CYS 50 50 50 CYS CYS B . n 
B 1 51 CYS 51 51 51 CYS CYS B . n 
B 1 52 SER 52 52 52 SER SER B . n 
B 1 53 THR 53 53 53 THR THR B . n 
B 1 54 ASP 54 54 54 ASP ASP B . n 
B 1 55 LEU 55 55 55 LEU LEU B . n 
B 1 56 CYS 56 56 56 CYS CYS B . n 
B 1 57 ASN 57 57 57 ASN ASN B . n 
B 1 58 LYS 58 58 58 LYS LYS B . n 
# 
loop_
_pdbx_nonpoly_scheme.asym_id 
_pdbx_nonpoly_scheme.entity_id 
_pdbx_nonpoly_scheme.mon_id 
_pdbx_nonpoly_scheme.ndb_seq_num 
_pdbx_nonpoly_scheme.pdb_seq_num 
_pdbx_nonpoly_scheme.auth_seq_num 
_pdbx_nonpoly_scheme.pdb_mon_id 
_pdbx_nonpoly_scheme.auth_mon_id 
_pdbx_nonpoly_scheme.pdb_strand_id 
_pdbx_nonpoly_scheme.pdb_ins_code 
C 2 ZN  1  101 61  ZN  ZN  A . 
D 2 ZN  1  101 61  ZN  ZN  B . 
E 3 HOH 1  201 1   HOH HOH A . 
E 3 HOH 2  202 2   HOH HOH A . 
E 3 HOH 3  203 3   HOH HOH A . 
E 3 HOH 4  204 5   HOH HOH A . 
E 3 HOH 5  205 6   HOH HOH A . 
E 3 HOH 6  206 8   HOH HOH A . 
E 3 HOH 7  207 10  HOH HOH A . 
E 3 HOH 8  208 13  HOH HOH A . 
E 3 HOH 9  209 14  HOH HOH A . 
E 3 HOH 10 210 15  HOH HOH A . 
E 3 HOH 11 211 16  HOH HOH A . 
E 3 HOH 12 212 18  HOH HOH A . 
E 3 HOH 13 213 20  HOH HOH A . 
E 3 HOH 14 214 21  HOH HOH A . 
E 3 HOH 15 215 23  HOH HOH A . 
E 3 HOH 16 216 24  HOH HOH A . 
E 3 HOH 17 217 27  HOH HOH A . 
E 3 HOH 18 218 28  HOH HOH A . 
E 3 HOH 19 219 29  HOH HOH A . 
E 3 HOH 20 220 30  HOH HOH A . 
E 3 HOH 21 221 31  HOH HOH A . 
E 3 HOH 22 222 32  HOH HOH A . 
E 3 HOH 23 223 40  HOH HOH A . 
E 3 HOH 24 224 41  HOH HOH A . 
E 3 HOH 25 225 43  HOH HOH A . 
E 3 HOH 26 226 44  HOH HOH A . 
E 3 HOH 27 227 45  HOH HOH A . 
E 3 HOH 28 228 46  HOH HOH A . 
E 3 HOH 29 229 47  HOH HOH A . 
E 3 HOH 30 230 48  HOH HOH A . 
E 3 HOH 31 231 49  HOH HOH A . 
E 3 HOH 32 232 51  HOH HOH A . 
E 3 HOH 33 233 52  HOH HOH A . 
E 3 HOH 34 234 54  HOH HOH A . 
E 3 HOH 35 235 57  HOH HOH A . 
E 3 HOH 36 236 58  HOH HOH A . 
E 3 HOH 37 237 59  HOH HOH A . 
E 3 HOH 38 238 62  HOH HOH A . 
E 3 HOH 39 239 63  HOH HOH A . 
E 3 HOH 40 240 64  HOH HOH A . 
E 3 HOH 41 241 65  HOH HOH A . 
E 3 HOH 42 242 66  HOH HOH A . 
E 3 HOH 43 243 70  HOH HOH A . 
E 3 HOH 44 244 72  HOH HOH A . 
E 3 HOH 45 245 73  HOH HOH A . 
E 3 HOH 46 246 74  HOH HOH A . 
E 3 HOH 47 247 76  HOH HOH A . 
E 3 HOH 48 248 77  HOH HOH A . 
E 3 HOH 49 249 78  HOH HOH A . 
E 3 HOH 50 250 79  HOH HOH A . 
E 3 HOH 51 251 85  HOH HOH A . 
E 3 HOH 52 252 88  HOH HOH A . 
E 3 HOH 53 253 89  HOH HOH A . 
E 3 HOH 54 254 98  HOH HOH A . 
E 3 HOH 55 255 99  HOH HOH A . 
E 3 HOH 56 256 105 HOH HOH A . 
E 3 HOH 57 257 107 HOH HOH A . 
E 3 HOH 58 258 111 HOH HOH A . 
E 3 HOH 59 259 113 HOH HOH A . 
E 3 HOH 60 260 114 HOH HOH A . 
E 3 HOH 61 261 118 HOH HOH A . 
E 3 HOH 62 262 119 HOH HOH A . 
E 3 HOH 63 263 120 HOH HOH A . 
E 3 HOH 64 264 126 HOH HOH A . 
E 3 HOH 65 265 128 HOH HOH A . 
E 3 HOH 66 266 130 HOH HOH A . 
E 3 HOH 67 267 133 HOH HOH A . 
E 3 HOH 68 268 137 HOH HOH A . 
E 3 HOH 69 269 138 HOH HOH A . 
E 3 HOH 70 270 140 HOH HOH A . 
E 3 HOH 71 271 143 HOH HOH A . 
E 3 HOH 72 272 147 HOH HOH A . 
E 3 HOH 73 273 155 HOH HOH A . 
F 3 HOH 1  201 4   HOH HOH B . 
F 3 HOH 2  202 7   HOH HOH B . 
F 3 HOH 3  203 9   HOH HOH B . 
F 3 HOH 4  204 11  HOH HOH B . 
F 3 HOH 5  205 12  HOH HOH B . 
F 3 HOH 6  206 17  HOH HOH B . 
F 3 HOH 7  207 19  HOH HOH B . 
F 3 HOH 8  208 22  HOH HOH B . 
F 3 HOH 9  209 25  HOH HOH B . 
F 3 HOH 10 210 26  HOH HOH B . 
F 3 HOH 11 211 33  HOH HOH B . 
F 3 HOH 12 212 34  HOH HOH B . 
F 3 HOH 13 213 35  HOH HOH B . 
F 3 HOH 14 214 36  HOH HOH B . 
F 3 HOH 15 215 37  HOH HOH B . 
F 3 HOH 16 216 38  HOH HOH B . 
F 3 HOH 17 217 39  HOH HOH B . 
F 3 HOH 18 218 42  HOH HOH B . 
F 3 HOH 19 219 50  HOH HOH B . 
F 3 HOH 20 220 53  HOH HOH B . 
F 3 HOH 21 221 55  HOH HOH B . 
F 3 HOH 22 222 56  HOH HOH B . 
F 3 HOH 23 223 60  HOH HOH B . 
F 3 HOH 24 224 61  HOH HOH B . 
F 3 HOH 25 225 67  HOH HOH B . 
F 3 HOH 26 226 68  HOH HOH B . 
F 3 HOH 27 227 69  HOH HOH B . 
F 3 HOH 28 228 71  HOH HOH B . 
F 3 HOH 29 229 75  HOH HOH B . 
F 3 HOH 30 230 80  HOH HOH B . 
F 3 HOH 31 231 81  HOH HOH B . 
F 3 HOH 32 232 82  HOH HOH B . 
F 3 HOH 33 233 83  HOH HOH B . 
F 3 HOH 34 234 84  HOH HOH B . 
F 3 HOH 35 235 86  HOH HOH B . 
F 3 HOH 36 236 87  HOH HOH B . 
F 3 HOH 37 237 90  HOH HOH B . 
F 3 HOH 38 238 91  HOH HOH B . 
F 3 HOH 39 239 92  HOH HOH B . 
F 3 HOH 40 240 93  HOH HOH B . 
F 3 HOH 41 241 100 HOH HOH B . 
F 3 HOH 42 242 101 HOH HOH B . 
F 3 HOH 43 243 102 HOH HOH B . 
F 3 HOH 44 244 103 HOH HOH B . 
F 3 HOH 45 245 104 HOH HOH B . 
F 3 HOH 46 246 106 HOH HOH B . 
F 3 HOH 47 247 109 HOH HOH B . 
F 3 HOH 48 248 110 HOH HOH B . 
F 3 HOH 49 249 112 HOH HOH B . 
F 3 HOH 50 250 115 HOH HOH B . 
F 3 HOH 51 251 116 HOH HOH B . 
F 3 HOH 52 252 117 HOH HOH B . 
F 3 HOH 53 253 121 HOH HOH B . 
F 3 HOH 54 254 122 HOH HOH B . 
F 3 HOH 55 255 124 HOH HOH B . 
F 3 HOH 56 256 129 HOH HOH B . 
F 3 HOH 57 257 132 HOH HOH B . 
F 3 HOH 58 258 134 HOH HOH B . 
F 3 HOH 59 259 136 HOH HOH B . 
F 3 HOH 60 260 141 HOH HOH B . 
F 3 HOH 61 261 142 HOH HOH B . 
F 3 HOH 62 262 144 HOH HOH B . 
F 3 HOH 63 263 146 HOH HOH B . 
F 3 HOH 64 264 149 HOH HOH B . 
F 3 HOH 65 265 150 HOH HOH B . 
F 3 HOH 66 266 152 HOH HOH B . 
F 3 HOH 67 267 153 HOH HOH B . 
F 3 HOH 68 268 154 HOH HOH B . 
# 
loop_
_software.name 
_software.classification 
_software.version 
_software.citation_id 
_software.pdbx_ordinal 
ADSC     'data collection' Quantum                      ? 1 
PHASER   phasing           .                            ? 2 
PHENIX   refinement        '(phenix.refine: 1.7.2_869)' ? 3 
HKL-2000 'data reduction'  .                            ? 4 
HKL-2000 'data scaling'    .                            ? 5 
# 
_cell.entry_id           4RUD 
_cell.length_a           58.800 
_cell.length_b           58.800 
_cell.length_c           70.567 
_cell.angle_alpha        90.00 
_cell.angle_beta         90.00 
_cell.angle_gamma        90.00 
_cell.Z_PDB              16 
_cell.pdbx_unique_axis   ? 
_cell.length_a_esd       ? 
_cell.length_b_esd       ? 
_cell.length_c_esd       ? 
_cell.angle_alpha_esd    ? 
_cell.angle_beta_esd     ? 
_cell.angle_gamma_esd    ? 
# 
_symmetry.entry_id                         4RUD 
_symmetry.space_group_name_H-M             'P 4 21 2' 
_symmetry.pdbx_full_space_group_name_H-M   ? 
_symmetry.cell_setting                     ? 
_symmetry.Int_Tables_number                90 
_symmetry.space_group_name_Hall            ? 
# 
_exptl.entry_id          4RUD 
_exptl.method            'X-RAY DIFFRACTION' 
_exptl.crystals_number   1 
# 
_exptl_crystal.id                    1 
_exptl_crystal.density_meas          ? 
_exptl_crystal.density_Matthews      2.33 
_exptl_crystal.density_percent_sol   47.22 
_exptl_crystal.description           'The entry contains Friedel pairs in F_Plus/Minus columns' 
_exptl_crystal.F_000                 ? 
_exptl_crystal.preparation           ? 
# 
_exptl_crystal_grow.crystal_id      1 
_exptl_crystal_grow.method          'VAPOR DIFFUSION, HANGING DROP' 
_exptl_crystal_grow.temp            298 
_exptl_crystal_grow.temp_details    ? 
_exptl_crystal_grow.pH              7.5 
_exptl_crystal_grow.pdbx_details    '20mM Tris-HCl, 150mM NaCl, pH 7.5, VAPOR DIFFUSION, HANGING DROP, temperature 298K' 
_exptl_crystal_grow.pdbx_pH_range   . 
# 
_diffrn.id                     1 
_diffrn.ambient_temp           200 
_diffrn.ambient_temp_details   ? 
_diffrn.crystal_id             1 
# 
_diffrn_detector.diffrn_id              1 
_diffrn_detector.detector               CCD 
_diffrn_detector.type                   'ADSC QUANTUM 270' 
_diffrn_detector.pdbx_collection_date   2012-04-20 
_diffrn_detector.details                ? 
# 
_diffrn_radiation.diffrn_id                        1 
_diffrn_radiation.wavelength_id                    1 
_diffrn_radiation.pdbx_monochromatic_or_laue_m_l   M 
_diffrn_radiation.monochromator                    GRAPHITE 
_diffrn_radiation.pdbx_diffrn_protocol             'SINGLE WAVELENGTH' 
_diffrn_radiation.pdbx_scattering_type             x-ray 
# 
_diffrn_radiation_wavelength.id           1 
_diffrn_radiation_wavelength.wavelength   0.9798 
_diffrn_radiation_wavelength.wt           1.0 
# 
_diffrn_source.diffrn_id                   1 
_diffrn_source.source                      SYNCHROTRON 
_diffrn_source.type                        'NSLS BEAMLINE X6A' 
_diffrn_source.pdbx_synchrotron_site       NSLS 
_diffrn_source.pdbx_synchrotron_beamline   X6A 
_diffrn_source.pdbx_wavelength             ? 
_diffrn_source.pdbx_wavelength_list        0.9798 
# 
_reflns.entry_id                     4RUD 
_reflns.observed_criterion_sigma_I   1.0 
_reflns.observed_criterion_sigma_F   1.0 
_reflns.d_resolution_low             30.255 
_reflns.d_resolution_high            1.95 
_reflns.number_obs                   18858 
_reflns.number_all                   18858 
_reflns.percent_possible_obs         99.4 
_reflns.pdbx_Rmerge_I_obs            ? 
_reflns.pdbx_Rsym_value              ? 
_reflns.pdbx_netI_over_sigmaI        ? 
_reflns.B_iso_Wilson_estimate        ? 
_reflns.pdbx_redundancy              ? 
_reflns.R_free_details               ? 
_reflns.limit_h_max                  ? 
_reflns.limit_h_min                  ? 
_reflns.limit_k_max                  ? 
_reflns.limit_k_min                  ? 
_reflns.limit_l_max                  ? 
_reflns.limit_l_min                  ? 
_reflns.observed_criterion_F_max     ? 
_reflns.observed_criterion_F_min     ? 
_reflns.pdbx_chi_squared             ? 
_reflns.pdbx_scaling_rejects         ? 
_reflns.pdbx_ordinal                 1 
_reflns.pdbx_diffrn_id               1 
# 
_reflns_shell.d_res_high                  1.95 
_reflns_shell.d_res_low                   1.99 
_reflns_shell.percent_possible_all        99.4 
_reflns_shell.Rmerge_I_obs                ? 
_reflns_shell.pdbx_Rsym_value             ? 
_reflns_shell.meanI_over_sigI_obs         ? 
_reflns_shell.pdbx_redundancy             ? 
_reflns_shell.percent_possible_obs        ? 
_reflns_shell.number_unique_all           ? 
_reflns_shell.number_measured_all         ? 
_reflns_shell.number_measured_obs         ? 
_reflns_shell.number_unique_obs           ? 
_reflns_shell.pdbx_chi_squared            ? 
_reflns_shell.pdbx_rejects                ? 
_reflns_shell.pdbx_netI_over_sigmaI_obs   ? 
_reflns_shell.number_possible             ? 
_reflns_shell.Rmerge_F_all                ? 
_reflns_shell.Rmerge_F_obs                ? 
_reflns_shell.Rmerge_I_all                ? 
_reflns_shell.meanI_over_sigI_all         ? 
_reflns_shell.pdbx_Rrim_I_all             ? 
_reflns_shell.pdbx_Rpim_I_all             ? 
_reflns_shell.pdbx_ordinal                1 
_reflns_shell.pdbx_diffrn_id              1 
# 
_refine.entry_id                                 4RUD 
_refine.ls_number_reflns_obs                     17153 
_refine.ls_number_reflns_all                     18858 
_refine.pdbx_ls_sigma_I                          ? 
_refine.pdbx_ls_sigma_F                          1.34 
_refine.pdbx_data_cutoff_high_absF               ? 
_refine.pdbx_data_cutoff_low_absF                ? 
_refine.pdbx_data_cutoff_high_rms_absF           ? 
_refine.ls_d_res_low                             30.255 
_refine.ls_d_res_high                            1.950 
_refine.ls_percent_reflns_obs                    99.38 
_refine.ls_R_factor_obs                          0.2042 
_refine.ls_R_factor_all                          0.2042 
_refine.ls_R_factor_R_work                       0.2005 
_refine.ls_R_factor_R_free                       0.2371 
_refine.ls_R_factor_R_free_error                 ? 
_refine.ls_R_factor_R_free_error_details         ? 
_refine.ls_percent_reflns_R_free                 9.94 
_refine.ls_number_reflns_R_free                  1705 
_refine.ls_number_parameters                     ? 
_refine.ls_number_restraints                     ? 
_refine.occupancy_min                            ? 
_refine.occupancy_max                            ? 
_refine.correlation_coeff_Fo_to_Fc               ? 
_refine.correlation_coeff_Fo_to_Fc_free          ? 
_refine.B_iso_mean                               21.2391 
_refine.aniso_B[1][1]                            -4.6367 
_refine.aniso_B[2][2]                            -4.6367 
_refine.aniso_B[3][3]                            9.2734 
_refine.aniso_B[1][2]                            -0.0000 
_refine.aniso_B[1][3]                            0.0000 
_refine.aniso_B[2][3]                            0.0000 
_refine.solvent_model_details                    'FLAT BULK SOLVENT MODEL' 
_refine.solvent_model_param_ksol                 0.357 
_refine.solvent_model_param_bsol                 29.580 
_refine.pdbx_solvent_vdw_probe_radii             1.10 
_refine.pdbx_solvent_ion_probe_radii             ? 
_refine.pdbx_solvent_shrinkage_radii             0.86 
_refine.pdbx_ls_cross_valid_method               ? 
_refine.details                                  'The entry contains Friedel pairs in F_Plus/Minus columns' 
_refine.pdbx_starting_model                      3PLC 
_refine.pdbx_method_to_determine_struct          'MOLECULAR REPLACEMENT' 
_refine.pdbx_isotropic_thermal_model             ? 
_refine.pdbx_stereochemistry_target_values       ML 
_refine.pdbx_stereochem_target_val_spec_case     ? 
_refine.pdbx_R_Free_selection_details            RANDOM 
_refine.pdbx_overall_ESU_R                       ? 
_refine.pdbx_overall_ESU_R_Free                  ? 
_refine.overall_SU_ML                            0.43 
_refine.B_iso_max                                55.240 
_refine.B_iso_min                                10.810 
_refine.pdbx_overall_phase_error                 22.8900 
_refine.pdbx_diffrn_id                           1 
_refine.pdbx_refine_id                           'X-RAY DIFFRACTION' 
_refine.ls_redundancy_reflns_obs                 ? 
_refine.overall_SU_B                             ? 
_refine.overall_SU_R_Cruickshank_DPI             ? 
_refine.overall_SU_R_free                        ? 
_refine.ls_wR_factor_R_free                      ? 
_refine.ls_wR_factor_R_work                      ? 
_refine.overall_FOM_free_R_set                   ? 
_refine.overall_FOM_work_R_set                   ? 
_refine.pdbx_TLS_residual_ADP_flag               ? 
_refine.pdbx_overall_SU_R_free_Cruickshank_DPI   ? 
_refine.pdbx_overall_SU_R_Blow_DPI               ? 
_refine.pdbx_overall_SU_R_free_Blow_DPI          ? 
# 
_refine_hist.pdbx_refine_id                   'X-RAY DIFFRACTION' 
_refine_hist.cycle_id                         LAST 
_refine_hist.pdbx_number_atoms_protein        898 
_refine_hist.pdbx_number_atoms_nucleic_acid   0 
_refine_hist.pdbx_number_atoms_ligand         2 
_refine_hist.number_atoms_solvent             141 
_refine_hist.number_atoms_total               1041 
_refine_hist.d_res_high                       1.950 
_refine_hist.d_res_low                        30.255 
# 
loop_
_refine_ls_restr.pdbx_refine_id 
_refine_ls_restr.type 
_refine_ls_restr.number 
_refine_ls_restr.dev_ideal 
_refine_ls_restr.dev_ideal_target 
_refine_ls_restr.weight 
_refine_ls_restr.pdbx_restraint_function 
'X-RAY DIFFRACTION' f_bond_d           932  0.007  ? ? ? 
'X-RAY DIFFRACTION' f_angle_d          1228 1.244  ? ? ? 
'X-RAY DIFFRACTION' f_chiral_restr     132  0.097  ? ? ? 
'X-RAY DIFFRACTION' f_plane_restr      154  0.004  ? ? ? 
'X-RAY DIFFRACTION' f_dihedral_angle_d 330  14.589 ? ? ? 
# 
loop_
_refine_ls_shell.d_res_high 
_refine_ls_shell.d_res_low 
_refine_ls_shell.pdbx_total_number_of_bins_used 
_refine_ls_shell.percent_reflns_obs 
_refine_ls_shell.number_reflns_R_work 
_refine_ls_shell.R_factor_all 
_refine_ls_shell.R_factor_R_work 
_refine_ls_shell.R_factor_R_free 
_refine_ls_shell.percent_reflns_R_free 
_refine_ls_shell.number_reflns_R_free 
_refine_ls_shell.R_factor_R_free_error 
_refine_ls_shell.number_reflns_all 
_refine_ls_shell.number_reflns_obs 
_refine_ls_shell.pdbx_refine_id 
_refine_ls_shell.redundancy_reflns_obs 
1.9500 2.0074  12 100.0000 1263 . 0.2446 0.3024 . 142 . 1405 . 'X-RAY DIFFRACTION' . 
2.0074 2.0722  12 100.0000 1315 . 0.1832 0.2539 . 147 . 1462 . 'X-RAY DIFFRACTION' . 
2.0722 2.1462  12 100.0000 1288 . 0.1814 0.2138 . 141 . 1429 . 'X-RAY DIFFRACTION' . 
2.1462 2.2321  12 97.0000  1262 . 0.2587 0.2603 . 140 . 1402 . 'X-RAY DIFFRACTION' . 
2.2321 2.3337  12 97.0000  1258 . 0.2991 0.3978 . 131 . 1389 . 'X-RAY DIFFRACTION' . 
2.3337 2.4566  12 100.0000 1293 . 0.2264 0.2532 . 147 . 1440 . 'X-RAY DIFFRACTION' . 
2.4566 2.6105  12 100.0000 1287 . 0.2126 0.2492 . 141 . 1428 . 'X-RAY DIFFRACTION' . 
2.6105 2.8119  12 100.0000 1295 . 0.2025 0.2171 . 145 . 1440 . 'X-RAY DIFFRACTION' . 
2.8119 3.0946  12 100.0000 1311 . 0.1930 0.2519 . 139 . 1450 . 'X-RAY DIFFRACTION' . 
3.0946 3.5418  12 100.0000 1289 . 0.1780 0.2091 . 143 . 1432 . 'X-RAY DIFFRACTION' . 
3.5418 4.4600  12 100.0000 1275 . 0.1589 0.1978 . 148 . 1423 . 'X-RAY DIFFRACTION' . 
4.4600 30.2582 12 100.0000 1312 . 0.1904 0.2050 . 141 . 1453 . 'X-RAY DIFFRACTION' . 
# 
_struct.entry_id                  4RUD 
_struct.title                     'Crystal structure of a three finger toxin' 
_struct.pdbx_model_details        ? 
_struct.pdbx_CASP_flag            ? 
_struct.pdbx_model_type_details   ? 
# 
_struct_keywords.entry_id        4RUD 
_struct_keywords.pdbx_keywords   TOXIN 
_struct_keywords.text            'Three Finger Toxin, Snake venom toxin, Toxin' 
# 
loop_
_struct_asym.id 
_struct_asym.pdbx_blank_PDB_chainid_flag 
_struct_asym.pdbx_modified 
_struct_asym.entity_id 
_struct_asym.details 
A N N 1 ? 
B N N 1 ? 
C N N 2 ? 
D N N 2 ? 
E N N 3 ? 
F N N 3 ? 
# 
_struct_ref.id                         1 
_struct_ref.db_name                    UNP 
_struct_ref.db_code                    U3EPL2_MICFL 
_struct_ref.pdbx_db_accession          U3EPL2 
_struct_ref.entity_id                  1 
_struct_ref.pdbx_seq_one_letter_code   LKCYSSRTETMTCPEGEDKCEKYAAGLMHGSFFFIYTCTSKCHEGAYNVCCSTDLCNK 
_struct_ref.pdbx_align_begin           22 
_struct_ref.pdbx_db_isoform            ? 
# 
loop_
_struct_ref_seq.align_id 
_struct_ref_seq.ref_id 
_struct_ref_seq.pdbx_PDB_id_code 
_struct_ref_seq.pdbx_strand_id 
_struct_ref_seq.seq_align_beg 
_struct_ref_seq.pdbx_seq_align_beg_ins_code 
_struct_ref_seq.seq_align_end 
_struct_ref_seq.pdbx_seq_align_end_ins_code 
_struct_ref_seq.pdbx_db_accession 
_struct_ref_seq.db_align_beg 
_struct_ref_seq.pdbx_db_align_beg_ins_code 
_struct_ref_seq.db_align_end 
_struct_ref_seq.pdbx_db_align_end_ins_code 
_struct_ref_seq.pdbx_auth_seq_align_beg 
_struct_ref_seq.pdbx_auth_seq_align_end 
1 1 4RUD A 1 ? 58 ? U3EPL2 22 ? 79 ? 1 58 
2 1 4RUD B 1 ? 58 ? U3EPL2 22 ? 79 ? 1 58 
# 
loop_
_struct_ref_seq_dif.align_id 
_struct_ref_seq_dif.pdbx_pdb_id_code 
_struct_ref_seq_dif.mon_id 
_struct_ref_seq_dif.pdbx_pdb_strand_id 
_struct_ref_seq_dif.seq_num 
_struct_ref_seq_dif.pdbx_pdb_ins_code 
_struct_ref_seq_dif.pdbx_seq_db_name 
_struct_ref_seq_dif.pdbx_seq_db_accession_code 
_struct_ref_seq_dif.db_mon_id 
_struct_ref_seq_dif.pdbx_seq_db_seq_num 
_struct_ref_seq_dif.details 
_struct_ref_seq_dif.pdbx_auth_seq_num 
_struct_ref_seq_dif.pdbx_ordinal 
1 4RUD VAL A 25 ? UNP U3EPL2 ALA 46 conflict 25 1 
2 4RUD VAL B 25 ? UNP U3EPL2 ALA 46 conflict 25 2 
# 
_pdbx_struct_assembly.id                   1 
_pdbx_struct_assembly.details              author_and_software_defined_assembly 
_pdbx_struct_assembly.method_details       PISA 
_pdbx_struct_assembly.oligomeric_details   dimeric 
_pdbx_struct_assembly.oligomeric_count     2 
# 
loop_
_pdbx_struct_assembly_prop.biol_id 
_pdbx_struct_assembly_prop.type 
_pdbx_struct_assembly_prop.value 
_pdbx_struct_assembly_prop.details 
1 'ABSA (A^2)' 1030 ? 
1 MORE         -6   ? 
1 'SSA (A^2)'  7270 ? 
# 
_pdbx_struct_assembly_gen.assembly_id       1 
_pdbx_struct_assembly_gen.oper_expression   1 
_pdbx_struct_assembly_gen.asym_id_list      A,B,C,D,E,F 
# 
_pdbx_struct_oper_list.id                   1 
_pdbx_struct_oper_list.type                 'identity operation' 
_pdbx_struct_oper_list.name                 1_555 
_pdbx_struct_oper_list.symmetry_operation   x,y,z 
_pdbx_struct_oper_list.matrix[1][1]         1.0000000000 
_pdbx_struct_oper_list.matrix[1][2]         0.0000000000 
_pdbx_struct_oper_list.matrix[1][3]         0.0000000000 
_pdbx_struct_oper_list.vector[1]            0.0000000000 
_pdbx_struct_oper_list.matrix[2][1]         0.0000000000 
_pdbx_struct_oper_list.matrix[2][2]         1.0000000000 
_pdbx_struct_oper_list.matrix[2][3]         0.0000000000 
_pdbx_struct_oper_list.vector[2]            0.0000000000 
_pdbx_struct_oper_list.matrix[3][1]         0.0000000000 
_pdbx_struct_oper_list.matrix[3][2]         0.0000000000 
_pdbx_struct_oper_list.matrix[3][3]         1.0000000000 
_pdbx_struct_oper_list.vector[3]            0.0000000000 
# 
loop_
_struct_conn.id 
_struct_conn.conn_type_id 
_struct_conn.pdbx_leaving_atom_flag 
_struct_conn.pdbx_PDB_id 
_struct_conn.ptnr1_label_asym_id 
_struct_conn.ptnr1_label_comp_id 
_struct_conn.ptnr1_label_seq_id 
_struct_conn.ptnr1_label_atom_id 
_struct_conn.pdbx_ptnr1_label_alt_id 
_struct_conn.pdbx_ptnr1_PDB_ins_code 
_struct_conn.pdbx_ptnr1_standard_comp_id 
_struct_conn.ptnr1_symmetry 
_struct_conn.ptnr2_label_asym_id 
_struct_conn.ptnr2_label_comp_id 
_struct_conn.ptnr2_label_seq_id 
_struct_conn.ptnr2_label_atom_id 
_struct_conn.pdbx_ptnr2_label_alt_id 
_struct_conn.pdbx_ptnr2_PDB_ins_code 
_struct_conn.ptnr1_auth_asym_id 
_struct_conn.ptnr1_auth_comp_id 
_struct_conn.ptnr1_auth_seq_id 
_struct_conn.ptnr2_auth_asym_id 
_struct_conn.ptnr2_auth_comp_id 
_struct_conn.ptnr2_auth_seq_id 
_struct_conn.ptnr2_symmetry 
_struct_conn.pdbx_ptnr3_label_atom_id 
_struct_conn.pdbx_ptnr3_label_seq_id 
_struct_conn.pdbx_ptnr3_label_comp_id 
_struct_conn.pdbx_ptnr3_label_asym_id 
_struct_conn.pdbx_ptnr3_label_alt_id 
_struct_conn.pdbx_ptnr3_PDB_ins_code 
_struct_conn.details 
_struct_conn.pdbx_dist_value 
_struct_conn.pdbx_value_order 
_struct_conn.pdbx_role 
disulf1 disulf ? ? A CYS 3  SG  ? ? ? 1_555 A CYS 20 SG ? ? A CYS 3  A CYS 20  1_555 ? ? ? ? ? ? ? 2.036 ? ? 
disulf2 disulf ? ? A CYS 13 SG  ? ? ? 1_555 A CYS 38 SG ? ? A CYS 13 A CYS 38  1_555 ? ? ? ? ? ? ? 2.032 ? ? 
disulf3 disulf ? ? A CYS 42 SG  ? ? ? 1_555 A CYS 50 SG ? ? A CYS 42 A CYS 50  1_555 ? ? ? ? ? ? ? 2.014 ? ? 
disulf4 disulf ? ? A CYS 51 SG  ? ? ? 1_555 A CYS 56 SG ? ? A CYS 51 A CYS 56  1_555 ? ? ? ? ? ? ? 2.030 ? ? 
disulf5 disulf ? ? B CYS 3  SG  ? ? ? 1_555 B CYS 20 SG ? ? B CYS 3  B CYS 20  1_555 ? ? ? ? ? ? ? 2.014 ? ? 
disulf6 disulf ? ? B CYS 13 SG  ? ? ? 1_555 B CYS 38 SG ? ? B CYS 13 B CYS 38  1_555 ? ? ? ? ? ? ? 2.047 ? ? 
disulf7 disulf ? ? B CYS 42 SG  ? ? ? 1_555 B CYS 50 SG ? ? B CYS 42 B CYS 50  1_555 ? ? ? ? ? ? ? 2.016 ? ? 
disulf8 disulf ? ? B CYS 51 SG  ? ? ? 1_555 B CYS 56 SG ? ? B CYS 51 B CYS 56  1_555 ? ? ? ? ? ? ? 2.030 ? ? 
metalc1 metalc ? ? A HIS 29 NE2 ? ? ? 1_555 C ZN  .  ZN ? ? A HIS 29 A ZN  101 1_555 ? ? ? ? ? ? ? 2.050 ? ? 
metalc2 metalc ? ? B HIS 29 NE2 ? ? ? 1_555 D ZN  .  ZN ? ? B HIS 29 B ZN  101 1_555 ? ? ? ? ? ? ? 2.062 ? ? 
# 
loop_
_struct_conn_type.id 
_struct_conn_type.criteria 
_struct_conn_type.reference 
disulf ? ? 
metalc ? ? 
# 
loop_
_pdbx_modification_feature.ordinal 
_pdbx_modification_feature.label_comp_id 
_pdbx_modification_feature.label_asym_id 
_pdbx_modification_feature.label_seq_id 
_pdbx_modification_feature.label_alt_id 
_pdbx_modification_feature.modified_residue_label_comp_id 
_pdbx_modification_feature.modified_residue_label_asym_id 
_pdbx_modification_feature.modified_residue_label_seq_id 
_pdbx_modification_feature.modified_residue_label_alt_id 
_pdbx_modification_feature.auth_comp_id 
_pdbx_modification_feature.auth_asym_id 
_pdbx_modification_feature.auth_seq_id 
_pdbx_modification_feature.PDB_ins_code 
_pdbx_modification_feature.symmetry 
_pdbx_modification_feature.modified_residue_auth_comp_id 
_pdbx_modification_feature.modified_residue_auth_asym_id 
_pdbx_modification_feature.modified_residue_auth_seq_id 
_pdbx_modification_feature.modified_residue_PDB_ins_code 
_pdbx_modification_feature.modified_residue_symmetry 
_pdbx_modification_feature.comp_id_linking_atom 
_pdbx_modification_feature.modified_residue_id_linking_atom 
_pdbx_modification_feature.modified_residue_id 
_pdbx_modification_feature.ref_pcm_id 
_pdbx_modification_feature.ref_comp_id 
_pdbx_modification_feature.type 
_pdbx_modification_feature.category 
1 CYS A 3  ? CYS A 20 ? CYS A 3  ? 1_555 CYS A 20 ? 1_555 SG SG . . . None 'Disulfide bridge' 
2 CYS A 13 ? CYS A 38 ? CYS A 13 ? 1_555 CYS A 38 ? 1_555 SG SG . . . None 'Disulfide bridge' 
3 CYS A 42 ? CYS A 50 ? CYS A 42 ? 1_555 CYS A 50 ? 1_555 SG SG . . . None 'Disulfide bridge' 
4 CYS A 51 ? CYS A 56 ? CYS A 51 ? 1_555 CYS A 56 ? 1_555 SG SG . . . None 'Disulfide bridge' 
5 CYS B 3  ? CYS B 20 ? CYS B 3  ? 1_555 CYS B 20 ? 1_555 SG SG . . . None 'Disulfide bridge' 
6 CYS B 13 ? CYS B 38 ? CYS B 13 ? 1_555 CYS B 38 ? 1_555 SG SG . . . None 'Disulfide bridge' 
7 CYS B 42 ? CYS B 50 ? CYS B 42 ? 1_555 CYS B 50 ? 1_555 SG SG . . . None 'Disulfide bridge' 
8 CYS B 51 ? CYS B 56 ? CYS B 51 ? 1_555 CYS B 56 ? 1_555 SG SG . . . None 'Disulfide bridge' 
# 
loop_
_struct_sheet.id 
_struct_sheet.type 
_struct_sheet.number_strands 
_struct_sheet.details 
A ? 2 ? 
B ? 3 ? 
C ? 2 ? 
D ? 3 ? 
# 
loop_
_struct_sheet_order.sheet_id 
_struct_sheet_order.range_id_1 
_struct_sheet_order.range_id_2 
_struct_sheet_order.offset 
_struct_sheet_order.sense 
A 1 2 ? anti-parallel 
B 1 2 ? anti-parallel 
B 2 3 ? anti-parallel 
C 1 2 ? anti-parallel 
D 1 2 ? anti-parallel 
D 2 3 ? anti-parallel 
# 
loop_
_struct_sheet_range.sheet_id 
_struct_sheet_range.id 
_struct_sheet_range.beg_label_comp_id 
_struct_sheet_range.beg_label_asym_id 
_struct_sheet_range.beg_label_seq_id 
_struct_sheet_range.pdbx_beg_PDB_ins_code 
_struct_sheet_range.end_label_comp_id 
_struct_sheet_range.end_label_asym_id 
_struct_sheet_range.end_label_seq_id 
_struct_sheet_range.pdbx_end_PDB_ins_code 
_struct_sheet_range.beg_auth_comp_id 
_struct_sheet_range.beg_auth_asym_id 
_struct_sheet_range.beg_auth_seq_id 
_struct_sheet_range.end_auth_comp_id 
_struct_sheet_range.end_auth_asym_id 
_struct_sheet_range.end_auth_seq_id 
A 1 LYS A 2  ? TYR A 4  ? LYS A 2  TYR A 4  
A 2 THR A 10 ? THR A 12 ? THR A 10 THR A 12 
B 1 PHE A 32 ? THR A 39 ? PHE A 32 THR A 39 
B 2 LYS A 19 ? GLY A 26 ? LYS A 19 GLY A 26 
B 3 VAL A 49 ? CYS A 51 ? VAL A 49 CYS A 51 
C 1 LYS B 2  ? TYR B 4  ? LYS B 2  TYR B 4  
C 2 THR B 10 ? THR B 12 ? THR B 10 THR B 12 
D 1 PHE B 32 ? THR B 39 ? PHE B 32 THR B 39 
D 2 LYS B 19 ? GLY B 26 ? LYS B 19 GLY B 26 
D 3 VAL B 49 ? CYS B 51 ? VAL B 49 CYS B 51 
# 
loop_
_pdbx_struct_sheet_hbond.sheet_id 
_pdbx_struct_sheet_hbond.range_id_1 
_pdbx_struct_sheet_hbond.range_id_2 
_pdbx_struct_sheet_hbond.range_1_label_atom_id 
_pdbx_struct_sheet_hbond.range_1_label_comp_id 
_pdbx_struct_sheet_hbond.range_1_label_asym_id 
_pdbx_struct_sheet_hbond.range_1_label_seq_id 
_pdbx_struct_sheet_hbond.range_1_PDB_ins_code 
_pdbx_struct_sheet_hbond.range_1_auth_atom_id 
_pdbx_struct_sheet_hbond.range_1_auth_comp_id 
_pdbx_struct_sheet_hbond.range_1_auth_asym_id 
_pdbx_struct_sheet_hbond.range_1_auth_seq_id 
_pdbx_struct_sheet_hbond.range_2_label_atom_id 
_pdbx_struct_sheet_hbond.range_2_label_comp_id 
_pdbx_struct_sheet_hbond.range_2_label_asym_id 
_pdbx_struct_sheet_hbond.range_2_label_seq_id 
_pdbx_struct_sheet_hbond.range_2_PDB_ins_code 
_pdbx_struct_sheet_hbond.range_2_auth_atom_id 
_pdbx_struct_sheet_hbond.range_2_auth_comp_id 
_pdbx_struct_sheet_hbond.range_2_auth_asym_id 
_pdbx_struct_sheet_hbond.range_2_auth_seq_id 
A 1 2 N CYS A 3  ? N CYS A 3  O MET A 11 ? O MET A 11 
B 1 2 O ILE A 35 ? O ILE A 35 N TYR A 23 ? N TYR A 23 
B 2 3 N CYS A 20 ? N CYS A 20 O CYS A 51 ? O CYS A 51 
C 1 2 N CYS B 3  ? N CYS B 3  O MET B 11 ? O MET B 11 
D 1 2 O ILE B 35 ? O ILE B 35 N TYR B 23 ? N TYR B 23 
D 2 3 N CYS B 20 ? N CYS B 20 O CYS B 51 ? O CYS B 51 
# 
loop_
_struct_site.id 
_struct_site.pdbx_evidence_code 
_struct_site.pdbx_auth_asym_id 
_struct_site.pdbx_auth_comp_id 
_struct_site.pdbx_auth_seq_id 
_struct_site.pdbx_auth_ins_code 
_struct_site.pdbx_num_residues 
_struct_site.details 
AC1 Software A ZN 101 ? 8 'BINDING SITE FOR RESIDUE ZN A 101' 
AC2 Software B ZN 101 ? 4 'BINDING SITE FOR RESIDUE ZN B 101' 
# 
loop_
_struct_site_gen.id 
_struct_site_gen.site_id 
_struct_site_gen.pdbx_num_res 
_struct_site_gen.label_comp_id 
_struct_site_gen.label_asym_id 
_struct_site_gen.label_seq_id 
_struct_site_gen.pdbx_auth_ins_code 
_struct_site_gen.auth_comp_id 
_struct_site_gen.auth_asym_id 
_struct_site_gen.auth_seq_id 
_struct_site_gen.label_atom_id 
_struct_site_gen.label_alt_id 
_struct_site_gen.symmetry 
_struct_site_gen.details 
1  AC1 8 HIS A 29 ? HIS A 29  . ? 1_555 ? 
2  AC1 8 HIS A 29 ? HIS A 29  . ? 3_555 ? 
3  AC1 8 HIS A 29 ? HIS A 29  . ? 2_565 ? 
4  AC1 8 HIS A 29 ? HIS A 29  . ? 4_455 ? 
5  AC1 8 HOH E .  ? HOH A 254 . ? 4_455 ? 
6  AC1 8 HOH E .  ? HOH A 254 . ? 3_555 ? 
7  AC1 8 HOH E .  ? HOH A 254 . ? 2_565 ? 
8  AC1 8 HOH E .  ? HOH A 254 . ? 1_555 ? 
9  AC2 4 HIS B 29 ? HIS B 29  . ? 2_565 ? 
10 AC2 4 HIS B 29 ? HIS B 29  . ? 3_555 ? 
11 AC2 4 HIS B 29 ? HIS B 29  . ? 4_455 ? 
12 AC2 4 HIS B 29 ? HIS B 29  . ? 1_555 ? 
# 
_pdbx_entry_details.entry_id                   4RUD 
_pdbx_entry_details.compound_details           ? 
_pdbx_entry_details.source_details             ? 
_pdbx_entry_details.nonpolymer_details         ? 
_pdbx_entry_details.sequence_details           ? 
_pdbx_entry_details.has_ligand_of_interest     ? 
_pdbx_entry_details.has_protein_modification   Y 
# 
loop_
_pdbx_validate_torsion.id 
_pdbx_validate_torsion.PDB_model_num 
_pdbx_validate_torsion.auth_comp_id 
_pdbx_validate_torsion.auth_asym_id 
_pdbx_validate_torsion.auth_seq_id 
_pdbx_validate_torsion.PDB_ins_code 
_pdbx_validate_torsion.label_alt_id 
_pdbx_validate_torsion.phi 
_pdbx_validate_torsion.psi 
1 1 SER A 6  ? ? -167.41 -169.13 
2 1 LEU A 27 ? ? -106.44 -71.07  
3 1 ASN A 57 ? ? -86.09  34.62   
4 1 LEU B 27 ? ? -105.63 -76.70  
# 
loop_
_pdbx_struct_special_symmetry.id 
_pdbx_struct_special_symmetry.PDB_model_num 
_pdbx_struct_special_symmetry.auth_asym_id 
_pdbx_struct_special_symmetry.auth_comp_id 
_pdbx_struct_special_symmetry.auth_seq_id 
_pdbx_struct_special_symmetry.PDB_ins_code 
_pdbx_struct_special_symmetry.label_asym_id 
_pdbx_struct_special_symmetry.label_comp_id 
_pdbx_struct_special_symmetry.label_seq_id 
1 1 A ZN  101 ? C ZN  . 
2 1 B ZN  101 ? D ZN  . 
3 1 A HOH 244 ? E HOH . 
4 1 A HOH 254 ? E HOH . 
5 1 A HOH 268 ? E HOH . 
# 
loop_
_chem_comp_atom.comp_id 
_chem_comp_atom.atom_id 
_chem_comp_atom.type_symbol 
_chem_comp_atom.pdbx_aromatic_flag 
_chem_comp_atom.pdbx_stereo_config 
_chem_comp_atom.pdbx_ordinal 
ALA N    N  N N 1   
ALA CA   C  N S 2   
ALA C    C  N N 3   
ALA O    O  N N 4   
ALA CB   C  N N 5   
ALA OXT  O  N N 6   
ALA H    H  N N 7   
ALA H2   H  N N 8   
ALA HA   H  N N 9   
ALA HB1  H  N N 10  
ALA HB2  H  N N 11  
ALA HB3  H  N N 12  
ALA HXT  H  N N 13  
ARG N    N  N N 14  
ARG CA   C  N S 15  
ARG C    C  N N 16  
ARG O    O  N N 17  
ARG CB   C  N N 18  
ARG CG   C  N N 19  
ARG CD   C  N N 20  
ARG NE   N  N N 21  
ARG CZ   C  N N 22  
ARG NH1  N  N N 23  
ARG NH2  N  N N 24  
ARG OXT  O  N N 25  
ARG H    H  N N 26  
ARG H2   H  N N 27  
ARG HA   H  N N 28  
ARG HB2  H  N N 29  
ARG HB3  H  N N 30  
ARG HG2  H  N N 31  
ARG HG3  H  N N 32  
ARG HD2  H  N N 33  
ARG HD3  H  N N 34  
ARG HE   H  N N 35  
ARG HH11 H  N N 36  
ARG HH12 H  N N 37  
ARG HH21 H  N N 38  
ARG HH22 H  N N 39  
ARG HXT  H  N N 40  
ASN N    N  N N 41  
ASN CA   C  N S 42  
ASN C    C  N N 43  
ASN O    O  N N 44  
ASN CB   C  N N 45  
ASN CG   C  N N 46  
ASN OD1  O  N N 47  
ASN ND2  N  N N 48  
ASN OXT  O  N N 49  
ASN H    H  N N 50  
ASN H2   H  N N 51  
ASN HA   H  N N 52  
ASN HB2  H  N N 53  
ASN HB3  H  N N 54  
ASN HD21 H  N N 55  
ASN HD22 H  N N 56  
ASN HXT  H  N N 57  
ASP N    N  N N 58  
ASP CA   C  N S 59  
ASP C    C  N N 60  
ASP O    O  N N 61  
ASP CB   C  N N 62  
ASP CG   C  N N 63  
ASP OD1  O  N N 64  
ASP OD2  O  N N 65  
ASP OXT  O  N N 66  
ASP H    H  N N 67  
ASP H2   H  N N 68  
ASP HA   H  N N 69  
ASP HB2  H  N N 70  
ASP HB3  H  N N 71  
ASP HD2  H  N N 72  
ASP HXT  H  N N 73  
CYS N    N  N N 74  
CYS CA   C  N R 75  
CYS C    C  N N 76  
CYS O    O  N N 77  
CYS CB   C  N N 78  
CYS SG   S  N N 79  
CYS OXT  O  N N 80  
CYS H    H  N N 81  
CYS H2   H  N N 82  
CYS HA   H  N N 83  
CYS HB2  H  N N 84  
CYS HB3  H  N N 85  
CYS HG   H  N N 86  
CYS HXT  H  N N 87  
GLU N    N  N N 88  
GLU CA   C  N S 89  
GLU C    C  N N 90  
GLU O    O  N N 91  
GLU CB   C  N N 92  
GLU CG   C  N N 93  
GLU CD   C  N N 94  
GLU OE1  O  N N 95  
GLU OE2  O  N N 96  
GLU OXT  O  N N 97  
GLU H    H  N N 98  
GLU H2   H  N N 99  
GLU HA   H  N N 100 
GLU HB2  H  N N 101 
GLU HB3  H  N N 102 
GLU HG2  H  N N 103 
GLU HG3  H  N N 104 
GLU HE2  H  N N 105 
GLU HXT  H  N N 106 
GLY N    N  N N 107 
GLY CA   C  N N 108 
GLY C    C  N N 109 
GLY O    O  N N 110 
GLY OXT  O  N N 111 
GLY H    H  N N 112 
GLY H2   H  N N 113 
GLY HA2  H  N N 114 
GLY HA3  H  N N 115 
GLY HXT  H  N N 116 
HIS N    N  N N 117 
HIS CA   C  N S 118 
HIS C    C  N N 119 
HIS O    O  N N 120 
HIS CB   C  N N 121 
HIS CG   C  Y N 122 
HIS ND1  N  Y N 123 
HIS CD2  C  Y N 124 
HIS CE1  C  Y N 125 
HIS NE2  N  Y N 126 
HIS OXT  O  N N 127 
HIS H    H  N N 128 
HIS H2   H  N N 129 
HIS HA   H  N N 130 
HIS HB2  H  N N 131 
HIS HB3  H  N N 132 
HIS HD1  H  N N 133 
HIS HD2  H  N N 134 
HIS HE1  H  N N 135 
HIS HE2  H  N N 136 
HIS HXT  H  N N 137 
HOH O    O  N N 138 
HOH H1   H  N N 139 
HOH H2   H  N N 140 
ILE N    N  N N 141 
ILE CA   C  N S 142 
ILE C    C  N N 143 
ILE O    O  N N 144 
ILE CB   C  N S 145 
ILE CG1  C  N N 146 
ILE CG2  C  N N 147 
ILE CD1  C  N N 148 
ILE OXT  O  N N 149 
ILE H    H  N N 150 
ILE H2   H  N N 151 
ILE HA   H  N N 152 
ILE HB   H  N N 153 
ILE HG12 H  N N 154 
ILE HG13 H  N N 155 
ILE HG21 H  N N 156 
ILE HG22 H  N N 157 
ILE HG23 H  N N 158 
ILE HD11 H  N N 159 
ILE HD12 H  N N 160 
ILE HD13 H  N N 161 
ILE HXT  H  N N 162 
LEU N    N  N N 163 
LEU CA   C  N S 164 
LEU C    C  N N 165 
LEU O    O  N N 166 
LEU CB   C  N N 167 
LEU CG   C  N N 168 
LEU CD1  C  N N 169 
LEU CD2  C  N N 170 
LEU OXT  O  N N 171 
LEU H    H  N N 172 
LEU H2   H  N N 173 
LEU HA   H  N N 174 
LEU HB2  H  N N 175 
LEU HB3  H  N N 176 
LEU HG   H  N N 177 
LEU HD11 H  N N 178 
LEU HD12 H  N N 179 
LEU HD13 H  N N 180 
LEU HD21 H  N N 181 
LEU HD22 H  N N 182 
LEU HD23 H  N N 183 
LEU HXT  H  N N 184 
LYS N    N  N N 185 
LYS CA   C  N S 186 
LYS C    C  N N 187 
LYS O    O  N N 188 
LYS CB   C  N N 189 
LYS CG   C  N N 190 
LYS CD   C  N N 191 
LYS CE   C  N N 192 
LYS NZ   N  N N 193 
LYS OXT  O  N N 194 
LYS H    H  N N 195 
LYS H2   H  N N 196 
LYS HA   H  N N 197 
LYS HB2  H  N N 198 
LYS HB3  H  N N 199 
LYS HG2  H  N N 200 
LYS HG3  H  N N 201 
LYS HD2  H  N N 202 
LYS HD3  H  N N 203 
LYS HE2  H  N N 204 
LYS HE3  H  N N 205 
LYS HZ1  H  N N 206 
LYS HZ2  H  N N 207 
LYS HZ3  H  N N 208 
LYS HXT  H  N N 209 
MET N    N  N N 210 
MET CA   C  N S 211 
MET C    C  N N 212 
MET O    O  N N 213 
MET CB   C  N N 214 
MET CG   C  N N 215 
MET SD   S  N N 216 
MET CE   C  N N 217 
MET OXT  O  N N 218 
MET H    H  N N 219 
MET H2   H  N N 220 
MET HA   H  N N 221 
MET HB2  H  N N 222 
MET HB3  H  N N 223 
MET HG2  H  N N 224 
MET HG3  H  N N 225 
MET HE1  H  N N 226 
MET HE2  H  N N 227 
MET HE3  H  N N 228 
MET HXT  H  N N 229 
PHE N    N  N N 230 
PHE CA   C  N S 231 
PHE C    C  N N 232 
PHE O    O  N N 233 
PHE CB   C  N N 234 
PHE CG   C  Y N 235 
PHE CD1  C  Y N 236 
PHE CD2  C  Y N 237 
PHE CE1  C  Y N 238 
PHE CE2  C  Y N 239 
PHE CZ   C  Y N 240 
PHE OXT  O  N N 241 
PHE H    H  N N 242 
PHE H2   H  N N 243 
PHE HA   H  N N 244 
PHE HB2  H  N N 245 
PHE HB3  H  N N 246 
PHE HD1  H  N N 247 
PHE HD2  H  N N 248 
PHE HE1  H  N N 249 
PHE HE2  H  N N 250 
PHE HZ   H  N N 251 
PHE HXT  H  N N 252 
PRO N    N  N N 253 
PRO CA   C  N S 254 
PRO C    C  N N 255 
PRO O    O  N N 256 
PRO CB   C  N N 257 
PRO CG   C  N N 258 
PRO CD   C  N N 259 
PRO OXT  O  N N 260 
PRO H    H  N N 261 
PRO HA   H  N N 262 
PRO HB2  H  N N 263 
PRO HB3  H  N N 264 
PRO HG2  H  N N 265 
PRO HG3  H  N N 266 
PRO HD2  H  N N 267 
PRO HD3  H  N N 268 
PRO HXT  H  N N 269 
SER N    N  N N 270 
SER CA   C  N S 271 
SER C    C  N N 272 
SER O    O  N N 273 
SER CB   C  N N 274 
SER OG   O  N N 275 
SER OXT  O  N N 276 
SER H    H  N N 277 
SER H2   H  N N 278 
SER HA   H  N N 279 
SER HB2  H  N N 280 
SER HB3  H  N N 281 
SER HG   H  N N 282 
SER HXT  H  N N 283 
THR N    N  N N 284 
THR CA   C  N S 285 
THR C    C  N N 286 
THR O    O  N N 287 
THR CB   C  N R 288 
THR OG1  O  N N 289 
THR CG2  C  N N 290 
THR OXT  O  N N 291 
THR H    H  N N 292 
THR H2   H  N N 293 
THR HA   H  N N 294 
THR HB   H  N N 295 
THR HG1  H  N N 296 
THR HG21 H  N N 297 
THR HG22 H  N N 298 
THR HG23 H  N N 299 
THR HXT  H  N N 300 
TYR N    N  N N 301 
TYR CA   C  N S 302 
TYR C    C  N N 303 
TYR O    O  N N 304 
TYR CB   C  N N 305 
TYR CG   C  Y N 306 
TYR CD1  C  Y N 307 
TYR CD2  C  Y N 308 
TYR CE1  C  Y N 309 
TYR CE2  C  Y N 310 
TYR CZ   C  Y N 311 
TYR OH   O  N N 312 
TYR OXT  O  N N 313 
TYR H    H  N N 314 
TYR H2   H  N N 315 
TYR HA   H  N N 316 
TYR HB2  H  N N 317 
TYR HB3  H  N N 318 
TYR HD1  H  N N 319 
TYR HD2  H  N N 320 
TYR HE1  H  N N 321 
TYR HE2  H  N N 322 
TYR HH   H  N N 323 
TYR HXT  H  N N 324 
VAL N    N  N N 325 
VAL CA   C  N S 326 
VAL C    C  N N 327 
VAL O    O  N N 328 
VAL CB   C  N N 329 
VAL CG1  C  N N 330 
VAL CG2  C  N N 331 
VAL OXT  O  N N 332 
VAL H    H  N N 333 
VAL H2   H  N N 334 
VAL HA   H  N N 335 
VAL HB   H  N N 336 
VAL HG11 H  N N 337 
VAL HG12 H  N N 338 
VAL HG13 H  N N 339 
VAL HG21 H  N N 340 
VAL HG22 H  N N 341 
VAL HG23 H  N N 342 
VAL HXT  H  N N 343 
ZN  ZN   ZN N N 344 
# 
loop_
_chem_comp_bond.comp_id 
_chem_comp_bond.atom_id_1 
_chem_comp_bond.atom_id_2 
_chem_comp_bond.value_order 
_chem_comp_bond.pdbx_aromatic_flag 
_chem_comp_bond.pdbx_stereo_config 
_chem_comp_bond.pdbx_ordinal 
ALA N   CA   sing N N 1   
ALA N   H    sing N N 2   
ALA N   H2   sing N N 3   
ALA CA  C    sing N N 4   
ALA CA  CB   sing N N 5   
ALA CA  HA   sing N N 6   
ALA C   O    doub N N 7   
ALA C   OXT  sing N N 8   
ALA CB  HB1  sing N N 9   
ALA CB  HB2  sing N N 10  
ALA CB  HB3  sing N N 11  
ALA OXT HXT  sing N N 12  
ARG N   CA   sing N N 13  
ARG N   H    sing N N 14  
ARG N   H2   sing N N 15  
ARG CA  C    sing N N 16  
ARG CA  CB   sing N N 17  
ARG CA  HA   sing N N 18  
ARG C   O    doub N N 19  
ARG C   OXT  sing N N 20  
ARG CB  CG   sing N N 21  
ARG CB  HB2  sing N N 22  
ARG CB  HB3  sing N N 23  
ARG CG  CD   sing N N 24  
ARG CG  HG2  sing N N 25  
ARG CG  HG3  sing N N 26  
ARG CD  NE   sing N N 27  
ARG CD  HD2  sing N N 28  
ARG CD  HD3  sing N N 29  
ARG NE  CZ   sing N N 30  
ARG NE  HE   sing N N 31  
ARG CZ  NH1  sing N N 32  
ARG CZ  NH2  doub N N 33  
ARG NH1 HH11 sing N N 34  
ARG NH1 HH12 sing N N 35  
ARG NH2 HH21 sing N N 36  
ARG NH2 HH22 sing N N 37  
ARG OXT HXT  sing N N 38  
ASN N   CA   sing N N 39  
ASN N   H    sing N N 40  
ASN N   H2   sing N N 41  
ASN CA  C    sing N N 42  
ASN CA  CB   sing N N 43  
ASN CA  HA   sing N N 44  
ASN C   O    doub N N 45  
ASN C   OXT  sing N N 46  
ASN CB  CG   sing N N 47  
ASN CB  HB2  sing N N 48  
ASN CB  HB3  sing N N 49  
ASN CG  OD1  doub N N 50  
ASN CG  ND2  sing N N 51  
ASN ND2 HD21 sing N N 52  
ASN ND2 HD22 sing N N 53  
ASN OXT HXT  sing N N 54  
ASP N   CA   sing N N 55  
ASP N   H    sing N N 56  
ASP N   H2   sing N N 57  
ASP CA  C    sing N N 58  
ASP CA  CB   sing N N 59  
ASP CA  HA   sing N N 60  
ASP C   O    doub N N 61  
ASP C   OXT  sing N N 62  
ASP CB  CG   sing N N 63  
ASP CB  HB2  sing N N 64  
ASP CB  HB3  sing N N 65  
ASP CG  OD1  doub N N 66  
ASP CG  OD2  sing N N 67  
ASP OD2 HD2  sing N N 68  
ASP OXT HXT  sing N N 69  
CYS N   CA   sing N N 70  
CYS N   H    sing N N 71  
CYS N   H2   sing N N 72  
CYS CA  C    sing N N 73  
CYS CA  CB   sing N N 74  
CYS CA  HA   sing N N 75  
CYS C   O    doub N N 76  
CYS C   OXT  sing N N 77  
CYS CB  SG   sing N N 78  
CYS CB  HB2  sing N N 79  
CYS CB  HB3  sing N N 80  
CYS SG  HG   sing N N 81  
CYS OXT HXT  sing N N 82  
GLU N   CA   sing N N 83  
GLU N   H    sing N N 84  
GLU N   H2   sing N N 85  
GLU CA  C    sing N N 86  
GLU CA  CB   sing N N 87  
GLU CA  HA   sing N N 88  
GLU C   O    doub N N 89  
GLU C   OXT  sing N N 90  
GLU CB  CG   sing N N 91  
GLU CB  HB2  sing N N 92  
GLU CB  HB3  sing N N 93  
GLU CG  CD   sing N N 94  
GLU CG  HG2  sing N N 95  
GLU CG  HG3  sing N N 96  
GLU CD  OE1  doub N N 97  
GLU CD  OE2  sing N N 98  
GLU OE2 HE2  sing N N 99  
GLU OXT HXT  sing N N 100 
GLY N   CA   sing N N 101 
GLY N   H    sing N N 102 
GLY N   H2   sing N N 103 
GLY CA  C    sing N N 104 
GLY CA  HA2  sing N N 105 
GLY CA  HA3  sing N N 106 
GLY C   O    doub N N 107 
GLY C   OXT  sing N N 108 
GLY OXT HXT  sing N N 109 
HIS N   CA   sing N N 110 
HIS N   H    sing N N 111 
HIS N   H2   sing N N 112 
HIS CA  C    sing N N 113 
HIS CA  CB   sing N N 114 
HIS CA  HA   sing N N 115 
HIS C   O    doub N N 116 
HIS C   OXT  sing N N 117 
HIS CB  CG   sing N N 118 
HIS CB  HB2  sing N N 119 
HIS CB  HB3  sing N N 120 
HIS CG  ND1  sing Y N 121 
HIS CG  CD2  doub Y N 122 
HIS ND1 CE1  doub Y N 123 
HIS ND1 HD1  sing N N 124 
HIS CD2 NE2  sing Y N 125 
HIS CD2 HD2  sing N N 126 
HIS CE1 NE2  sing Y N 127 
HIS CE1 HE1  sing N N 128 
HIS NE2 HE2  sing N N 129 
HIS OXT HXT  sing N N 130 
HOH O   H1   sing N N 131 
HOH O   H2   sing N N 132 
ILE N   CA   sing N N 133 
ILE N   H    sing N N 134 
ILE N   H2   sing N N 135 
ILE CA  C    sing N N 136 
ILE CA  CB   sing N N 137 
ILE CA  HA   sing N N 138 
ILE C   O    doub N N 139 
ILE C   OXT  sing N N 140 
ILE CB  CG1  sing N N 141 
ILE CB  CG2  sing N N 142 
ILE CB  HB   sing N N 143 
ILE CG1 CD1  sing N N 144 
ILE CG1 HG12 sing N N 145 
ILE CG1 HG13 sing N N 146 
ILE CG2 HG21 sing N N 147 
ILE CG2 HG22 sing N N 148 
ILE CG2 HG23 sing N N 149 
ILE CD1 HD11 sing N N 150 
ILE CD1 HD12 sing N N 151 
ILE CD1 HD13 sing N N 152 
ILE OXT HXT  sing N N 153 
LEU N   CA   sing N N 154 
LEU N   H    sing N N 155 
LEU N   H2   sing N N 156 
LEU CA  C    sing N N 157 
LEU CA  CB   sing N N 158 
LEU CA  HA   sing N N 159 
LEU C   O    doub N N 160 
LEU C   OXT  sing N N 161 
LEU CB  CG   sing N N 162 
LEU CB  HB2  sing N N 163 
LEU CB  HB3  sing N N 164 
LEU CG  CD1  sing N N 165 
LEU CG  CD2  sing N N 166 
LEU CG  HG   sing N N 167 
LEU CD1 HD11 sing N N 168 
LEU CD1 HD12 sing N N 169 
LEU CD1 HD13 sing N N 170 
LEU CD2 HD21 sing N N 171 
LEU CD2 HD22 sing N N 172 
LEU CD2 HD23 sing N N 173 
LEU OXT HXT  sing N N 174 
LYS N   CA   sing N N 175 
LYS N   H    sing N N 176 
LYS N   H2   sing N N 177 
LYS CA  C    sing N N 178 
LYS CA  CB   sing N N 179 
LYS CA  HA   sing N N 180 
LYS C   O    doub N N 181 
LYS C   OXT  sing N N 182 
LYS CB  CG   sing N N 183 
LYS CB  HB2  sing N N 184 
LYS CB  HB3  sing N N 185 
LYS CG  CD   sing N N 186 
LYS CG  HG2  sing N N 187 
LYS CG  HG3  sing N N 188 
LYS CD  CE   sing N N 189 
LYS CD  HD2  sing N N 190 
LYS CD  HD3  sing N N 191 
LYS CE  NZ   sing N N 192 
LYS CE  HE2  sing N N 193 
LYS CE  HE3  sing N N 194 
LYS NZ  HZ1  sing N N 195 
LYS NZ  HZ2  sing N N 196 
LYS NZ  HZ3  sing N N 197 
LYS OXT HXT  sing N N 198 
MET N   CA   sing N N 199 
MET N   H    sing N N 200 
MET N   H2   sing N N 201 
MET CA  C    sing N N 202 
MET CA  CB   sing N N 203 
MET CA  HA   sing N N 204 
MET C   O    doub N N 205 
MET C   OXT  sing N N 206 
MET CB  CG   sing N N 207 
MET CB  HB2  sing N N 208 
MET CB  HB3  sing N N 209 
MET CG  SD   sing N N 210 
MET CG  HG2  sing N N 211 
MET CG  HG3  sing N N 212 
MET SD  CE   sing N N 213 
MET CE  HE1  sing N N 214 
MET CE  HE2  sing N N 215 
MET CE  HE3  sing N N 216 
MET OXT HXT  sing N N 217 
PHE N   CA   sing N N 218 
PHE N   H    sing N N 219 
PHE N   H2   sing N N 220 
PHE CA  C    sing N N 221 
PHE CA  CB   sing N N 222 
PHE CA  HA   sing N N 223 
PHE C   O    doub N N 224 
PHE C   OXT  sing N N 225 
PHE CB  CG   sing N N 226 
PHE CB  HB2  sing N N 227 
PHE CB  HB3  sing N N 228 
PHE CG  CD1  doub Y N 229 
PHE CG  CD2  sing Y N 230 
PHE CD1 CE1  sing Y N 231 
PHE CD1 HD1  sing N N 232 
PHE CD2 CE2  doub Y N 233 
PHE CD2 HD2  sing N N 234 
PHE CE1 CZ   doub Y N 235 
PHE CE1 HE1  sing N N 236 
PHE CE2 CZ   sing Y N 237 
PHE CE2 HE2  sing N N 238 
PHE CZ  HZ   sing N N 239 
PHE OXT HXT  sing N N 240 
PRO N   CA   sing N N 241 
PRO N   CD   sing N N 242 
PRO N   H    sing N N 243 
PRO CA  C    sing N N 244 
PRO CA  CB   sing N N 245 
PRO CA  HA   sing N N 246 
PRO C   O    doub N N 247 
PRO C   OXT  sing N N 248 
PRO CB  CG   sing N N 249 
PRO CB  HB2  sing N N 250 
PRO CB  HB3  sing N N 251 
PRO CG  CD   sing N N 252 
PRO CG  HG2  sing N N 253 
PRO CG  HG3  sing N N 254 
PRO CD  HD2  sing N N 255 
PRO CD  HD3  sing N N 256 
PRO OXT HXT  sing N N 257 
SER N   CA   sing N N 258 
SER N   H    sing N N 259 
SER N   H2   sing N N 260 
SER CA  C    sing N N 261 
SER CA  CB   sing N N 262 
SER CA  HA   sing N N 263 
SER C   O    doub N N 264 
SER C   OXT  sing N N 265 
SER CB  OG   sing N N 266 
SER CB  HB2  sing N N 267 
SER CB  HB3  sing N N 268 
SER OG  HG   sing N N 269 
SER OXT HXT  sing N N 270 
THR N   CA   sing N N 271 
THR N   H    sing N N 272 
THR N   H2   sing N N 273 
THR CA  C    sing N N 274 
THR CA  CB   sing N N 275 
THR CA  HA   sing N N 276 
THR C   O    doub N N 277 
THR C   OXT  sing N N 278 
THR CB  OG1  sing N N 279 
THR CB  CG2  sing N N 280 
THR CB  HB   sing N N 281 
THR OG1 HG1  sing N N 282 
THR CG2 HG21 sing N N 283 
THR CG2 HG22 sing N N 284 
THR CG2 HG23 sing N N 285 
THR OXT HXT  sing N N 286 
TYR N   CA   sing N N 287 
TYR N   H    sing N N 288 
TYR N   H2   sing N N 289 
TYR CA  C    sing N N 290 
TYR CA  CB   sing N N 291 
TYR CA  HA   sing N N 292 
TYR C   O    doub N N 293 
TYR C   OXT  sing N N 294 
TYR CB  CG   sing N N 295 
TYR CB  HB2  sing N N 296 
TYR CB  HB3  sing N N 297 
TYR CG  CD1  doub Y N 298 
TYR CG  CD2  sing Y N 299 
TYR CD1 CE1  sing Y N 300 
TYR CD1 HD1  sing N N 301 
TYR CD2 CE2  doub Y N 302 
TYR CD2 HD2  sing N N 303 
TYR CE1 CZ   doub Y N 304 
TYR CE1 HE1  sing N N 305 
TYR CE2 CZ   sing Y N 306 
TYR CE2 HE2  sing N N 307 
TYR CZ  OH   sing N N 308 
TYR OH  HH   sing N N 309 
TYR OXT HXT  sing N N 310 
VAL N   CA   sing N N 311 
VAL N   H    sing N N 312 
VAL N   H2   sing N N 313 
VAL CA  C    sing N N 314 
VAL CA  CB   sing N N 315 
VAL CA  HA   sing N N 316 
VAL C   O    doub N N 317 
VAL C   OXT  sing N N 318 
VAL CB  CG1  sing N N 319 
VAL CB  CG2  sing N N 320 
VAL CB  HB   sing N N 321 
VAL CG1 HG11 sing N N 322 
VAL CG1 HG12 sing N N 323 
VAL CG1 HG13 sing N N 324 
VAL CG2 HG21 sing N N 325 
VAL CG2 HG22 sing N N 326 
VAL CG2 HG23 sing N N 327 
VAL OXT HXT  sing N N 328 
# 
_pdbx_initial_refinement_model.id               1 
_pdbx_initial_refinement_model.entity_id_list   ? 
_pdbx_initial_refinement_model.type             'experimental model' 
_pdbx_initial_refinement_model.source_name      PDB 
_pdbx_initial_refinement_model.accession_code   3PLC 
_pdbx_initial_refinement_model.details          ? 
# 
_atom_sites.entry_id                    4RUD 
_atom_sites.fract_transf_matrix[1][1]   -0.01544142 
_atom_sites.fract_transf_matrix[1][2]   -0.00292413 
_atom_sites.fract_transf_matrix[1][3]   0.00650002 
_atom_sites.fract_transf_matrix[2][1]   0.00709185 
_atom_sites.fract_transf_matrix[2][2]   -0.00475492 
_atom_sites.fract_transf_matrix[2][3]   0.01470831 
_atom_sites.fract_transf_matrix[3][1]   -0.00059292 
_atom_sites.fract_transf_matrix[3][2]   0.01338593 
_atom_sites.fract_transf_matrix[3][3]   0.00461331 
_atom_sites.fract_transf_vector[1]      0.336073 
_atom_sites.fract_transf_vector[2]      0.328781 
_atom_sites.fract_transf_vector[3]      0.242763 
# 
loop_
_atom_type.symbol 
C  
N  
O  
S  
ZN 
# 
loop_
_atom_site.group_PDB 
_atom_site.id 
_atom_site.type_symbol 
_atom_site.label_atom_id 
_atom_site.label_alt_id 
_atom_site.label_comp_id 
_atom_site.label_asym_id 
_atom_site.label_entity_id 
_atom_site.label_seq_id 
_atom_site.pdbx_PDB_ins_code 
_atom_site.Cartn_x 
_atom_site.Cartn_y 
_atom_site.Cartn_z 
_atom_site.occupancy 
_atom_site.B_iso_or_equiv 
_atom_site.pdbx_formal_charge 
_atom_site.auth_seq_id 
_atom_site.auth_comp_id 
_atom_site.auth_asym_id 
_atom_site.auth_atom_id 
_atom_site.pdbx_PDB_model_num 
ATOM   1    N  N   . LEU A 1 1  ? -10.566 -11.391 -7.658  1.00 20.08 ? 1   LEU A N   1 
ATOM   2    C  CA  . LEU A 1 1  ? -9.383  -10.812 -8.297  1.00 16.56 ? 1   LEU A CA  1 
ATOM   3    C  C   . LEU A 1 1  ? -8.114  -11.252 -7.568  1.00 14.16 ? 1   LEU A C   1 
ATOM   4    O  O   . LEU A 1 1  ? -8.124  -11.426 -6.351  1.00 17.54 ? 1   LEU A O   1 
ATOM   5    C  CB  . LEU A 1 1  ? -9.471  -9.282  -8.289  1.00 16.91 ? 1   LEU A CB  1 
ATOM   6    C  CG  . LEU A 1 1  ? -8.277  -8.516  -8.878  1.00 16.27 ? 1   LEU A CG  1 
ATOM   7    C  CD1 . LEU A 1 1  ? -8.204  -8.717  -10.385 1.00 16.12 ? 1   LEU A CD1 1 
ATOM   8    C  CD2 . LEU A 1 1  ? -8.313  -7.022  -8.527  1.00 12.91 ? 1   LEU A CD2 1 
ATOM   9    N  N   . LYS A 1 2  ? -7.036  -11.436 -8.329  1.00 16.51 ? 2   LYS A N   1 
ATOM   10   C  CA  . LYS A 1 2  ? -5.729  -11.799 -7.791  1.00 18.65 ? 2   LYS A CA  1 
ATOM   11   C  C   . LYS A 1 2  ? -4.691  -10.786 -8.252  1.00 17.36 ? 2   LYS A C   1 
ATOM   12   O  O   . LYS A 1 2  ? -4.721  -10.327 -9.391  1.00 14.30 ? 2   LYS A O   1 
ATOM   13   C  CB  . LYS A 1 2  ? -5.333  -13.201 -8.263  1.00 17.60 ? 2   LYS A CB  1 
ATOM   14   C  CG  . LYS A 1 2  ? -6.225  -14.294 -7.697  1.00 21.66 ? 2   LYS A CG  1 
ATOM   15   C  CD  . LYS A 1 2  ? -6.215  -15.539 -8.569  1.00 22.95 ? 2   LYS A CD  1 
ATOM   16   C  CE  . LYS A 1 2  ? -7.151  -16.610 -8.005  1.00 25.74 ? 2   LYS A CE  1 
ATOM   17   N  NZ  . LYS A 1 2  ? -6.969  -17.907 -8.719  1.00 28.58 ? 2   LYS A NZ  1 
ATOM   18   N  N   . CYS A 1 3  ? -3.776  -10.439 -7.354  1.00 13.53 ? 3   CYS A N   1 
ATOM   19   C  CA  . CYS A 1 3  ? -2.749  -9.450  -7.650  1.00 17.35 ? 3   CYS A CA  1 
ATOM   20   C  C   . CYS A 1 3  ? -1.427  -9.955  -7.138  1.00 13.55 ? 3   CYS A C   1 
ATOM   21   O  O   . CYS A 1 3  ? -1.388  -10.837 -6.271  1.00 11.46 ? 3   CYS A O   1 
ATOM   22   C  CB  . CYS A 1 3  ? -3.057  -8.129  -6.938  1.00 12.77 ? 3   CYS A CB  1 
ATOM   23   S  SG  . CYS A 1 3  ? -4.668  -7.470  -7.337  1.00 14.25 ? 3   CYS A SG  1 
ATOM   24   N  N   . TYR A 1 4  ? -0.339  -9.399  -7.661  1.00 15.28 ? 4   TYR A N   1 
ATOM   25   C  CA  . TYR A 1 4  ? 0.941   -9.566  -6.985  1.00 11.50 ? 4   TYR A CA  1 
ATOM   26   C  C   . TYR A 1 4  ? 0.913   -8.764  -5.697  1.00 12.75 ? 4   TYR A C   1 
ATOM   27   O  O   . TYR A 1 4  ? 0.412   -7.635  -5.671  1.00 14.25 ? 4   TYR A O   1 
ATOM   28   C  CB  . TYR A 1 4  ? 2.101   -9.123  -7.883  1.00 16.51 ? 4   TYR A CB  1 
ATOM   29   C  CG  . TYR A 1 4  ? 2.300   -10.059 -9.040  1.00 13.64 ? 4   TYR A CG  1 
ATOM   30   C  CD1 . TYR A 1 4  ? 3.035   -11.232 -8.895  1.00 17.98 ? 4   TYR A CD1 1 
ATOM   31   C  CD2 . TYR A 1 4  ? 1.735   -9.785  -10.279 1.00 16.63 ? 4   TYR A CD2 1 
ATOM   32   C  CE1 . TYR A 1 4  ? 3.206   -12.111 -9.966  1.00 16.84 ? 4   TYR A CE1 1 
ATOM   33   C  CE2 . TYR A 1 4  ? 1.904   -10.651 -11.346 1.00 22.84 ? 4   TYR A CE2 1 
ATOM   34   C  CZ  . TYR A 1 4  ? 2.634   -11.815 -11.183 1.00 18.90 ? 4   TYR A CZ  1 
ATOM   35   O  OH  . TYR A 1 4  ? 2.798   -12.672 -12.251 1.00 21.88 ? 4   TYR A OH  1 
ATOM   36   N  N   . SER A 1 5  ? 1.427   -9.359  -4.625  1.00 15.14 ? 5   SER A N   1 
ATOM   37   C  CA  . SER A 1 5  ? 1.577   -8.680  -3.343  1.00 13.85 ? 5   SER A CA  1 
ATOM   38   C  C   . SER A 1 5  ? 3.054   -8.425  -3.065  1.00 14.55 ? 5   SER A C   1 
ATOM   39   O  O   . SER A 1 5  ? 3.417   -7.834  -2.053  1.00 14.93 ? 5   SER A O   1 
ATOM   40   C  CB  . SER A 1 5  ? 0.948   -9.506  -2.218  1.00 15.13 ? 5   SER A CB  1 
ATOM   41   O  OG  . SER A 1 5  ? 1.404   -10.848 -2.274  1.00 17.72 ? 5   SER A OG  1 
ATOM   42   N  N   . SER A 1 6  ? 3.903   -8.869  -3.986  1.00 16.77 ? 6   SER A N   1 
ATOM   43   C  CA  . SER A 1 6  ? 5.306   -8.472  -4.014  1.00 19.23 ? 6   SER A CA  1 
ATOM   44   C  C   . SER A 1 6  ? 5.846   -8.918  -5.356  1.00 17.29 ? 6   SER A C   1 
ATOM   45   O  O   . SER A 1 6  ? 5.084   -9.347  -6.211  1.00 19.22 ? 6   SER A O   1 
ATOM   46   C  CB  . SER A 1 6  ? 6.090   -9.172  -2.910  1.00 19.58 ? 6   SER A CB  1 
ATOM   47   O  OG  . SER A 1 6  ? 6.432   -10.477 -3.339  1.00 19.79 ? 6   SER A OG  1 
ATOM   48   N  N   . ARG A 1 7  ? 7.159   -8.869  -5.542  1.00 16.88 ? 7   ARG A N   1 
ATOM   49   C  CA  . ARG A 1 7  ? 7.723   -9.353  -6.794  1.00 16.51 ? 7   ARG A CA  1 
ATOM   50   C  C   . ARG A 1 7  ? 7.576   -10.863 -6.960  1.00 16.31 ? 7   ARG A C   1 
ATOM   51   O  O   . ARG A 1 7  ? 7.637   -11.375 -8.068  1.00 18.68 ? 7   ARG A O   1 
ATOM   52   C  CB  . ARG A 1 7  ? 9.188   -8.942  -6.938  1.00 23.54 ? 7   ARG A CB  1 
ATOM   53   C  CG  . ARG A 1 7  ? 9.359   -7.431  -6.970  1.00 26.20 ? 7   ARG A CG  1 
ATOM   54   C  CD  . ARG A 1 7  ? 10.660  -6.996  -7.620  1.00 25.78 ? 7   ARG A CD  1 
ATOM   55   N  NE  . ARG A 1 7  ? 11.806  -7.763  -7.155  1.00 36.49 ? 7   ARG A NE  1 
ATOM   56   C  CZ  . ARG A 1 7  ? 12.299  -7.702  -5.922  1.00 35.01 ? 7   ARG A CZ  1 
ATOM   57   N  NH1 . ARG A 1 7  ? 11.737  -6.910  -5.017  1.00 40.65 ? 7   ARG A NH1 1 
ATOM   58   N  NH2 . ARG A 1 7  ? 13.353  -8.437  -5.592  1.00 30.38 ? 7   ARG A NH2 1 
ATOM   59   N  N   . THR A 1 8  ? 7.365   -11.577 -5.862  1.00 17.09 ? 8   THR A N   1 
ATOM   60   C  CA  . THR A 1 8  ? 7.360   -13.037 -5.933  1.00 16.87 ? 8   THR A CA  1 
ATOM   61   C  C   . THR A 1 8  ? 6.130   -13.698 -5.294  1.00 18.31 ? 8   THR A C   1 
ATOM   62   O  O   . THR A 1 8  ? 5.999   -14.929 -5.293  1.00 20.98 ? 8   THR A O   1 
ATOM   63   C  CB  . THR A 1 8  ? 8.614   -13.602 -5.260  1.00 18.17 ? 8   THR A CB  1 
ATOM   64   O  OG1 . THR A 1 8  ? 8.588   -13.241 -3.878  1.00 18.76 ? 8   THR A OG1 1 
ATOM   65   C  CG2 . THR A 1 8  ? 9.874   -13.027 -5.894  1.00 20.23 ? 8   THR A CG2 1 
ATOM   66   N  N   . GLU A 1 9  ? 5.229   -12.907 -4.729  1.00 17.73 ? 9   GLU A N   1 
ATOM   67   C  CA  . GLU A 1 9  ? 4.031   -13.510 -4.154  1.00 20.86 ? 9   GLU A CA  1 
ATOM   68   C  C   . GLU A 1 9  ? 2.754   -12.924 -4.732  1.00 22.14 ? 9   GLU A C   1 
ATOM   69   O  O   . GLU A 1 9  ? 2.738   -11.826 -5.294  1.00 16.57 ? 9   GLU A O   1 
ATOM   70   C  CB  . GLU A 1 9  ? 4.039   -13.505 -2.618  1.00 25.88 ? 9   GLU A CB  1 
ATOM   71   C  CG  . GLU A 1 9  ? 4.712   -12.330 -1.967  1.00 23.59 ? 9   GLU A CG  1 
ATOM   72   C  CD  . GLU A 1 9  ? 5.912   -12.719 -1.109  1.00 32.46 ? 9   GLU A CD  1 
ATOM   73   O  OE1 . GLU A 1 9  ? 5.820   -13.725 -0.365  1.00 43.07 ? 9   GLU A OE1 1 
ATOM   74   O  OE2 . GLU A 1 9  ? 6.953   -12.016 -1.169  1.00 30.59 ? 9   GLU A OE2 1 
ATOM   75   N  N   . THR A 1 10 ? 1.689   -13.699 -4.630  1.00 24.38 ? 10  THR A N   1 
ATOM   76   C  CA  . THR A 1 10 ? 0.403   -13.298 -5.158  1.00 18.07 ? 10  THR A CA  1 
ATOM   77   C  C   . THR A 1 10 ? -0.643  -13.613 -4.097  1.00 17.47 ? 10  THR A C   1 
ATOM   78   O  O   . THR A 1 10 ? -0.415  -14.434 -3.208  1.00 20.37 ? 10  THR A O   1 
ATOM   79   C  CB  . THR A 1 10 ? 0.060   -14.079 -6.428  1.00 19.30 ? 10  THR A CB  1 
ATOM   80   O  OG1 . THR A 1 10 ? 0.039   -15.480 -6.125  1.00 23.67 ? 10  THR A OG1 1 
ATOM   81   C  CG2 . THR A 1 10 ? 1.085   -13.818 -7.525  1.00 22.08 ? 10  THR A CG2 1 
ATOM   82   N  N   . MET A 1 11 ? -1.794  -12.968 -4.188  1.00 19.09 ? 11  MET A N   1 
ATOM   83   C  CA  . MET A 1 11 ? -2.872  -13.272 -3.251  1.00 19.75 ? 11  MET A CA  1 
ATOM   84   C  C   . MET A 1 11 ? -4.190  -13.006 -3.926  1.00 16.78 ? 11  MET A C   1 
ATOM   85   O  O   . MET A 1 11 ? -4.241  -12.294 -4.930  1.00 11.41 ? 11  MET A O   1 
ATOM   86   C  CB  . MET A 1 11 ? -2.762  -12.412 -1.998  1.00 21.18 ? 11  MET A CB  1 
ATOM   87   C  CG  . MET A 1 11 ? -2.970  -10.918 -2.246  1.00 16.11 ? 11  MET A CG  1 
ATOM   88   S  SD  . MET A 1 11 ? -3.059  -9.993  -0.701  1.00 24.63 ? 11  MET A SD  1 
ATOM   89   C  CE  . MET A 1 11 ? -4.649  -10.516 -0.058  1.00 27.50 ? 11  MET A CE  1 
ATOM   90   N  N   . THR A 1 12 ? -5.254  -13.595 -3.384  1.00 20.00 ? 12  THR A N   1 
ATOM   91   C  CA  . THR A 1 12 ? -6.601  -13.229 -3.791  1.00 16.46 ? 12  THR A CA  1 
ATOM   92   C  C   . THR A 1 12 ? -6.990  -12.013 -2.966  1.00 13.83 ? 12  THR A C   1 
ATOM   93   O  O   . THR A 1 12 ? -6.857  -12.034 -1.743  1.00 16.62 ? 12  THR A O   1 
ATOM   94   C  CB  . THR A 1 12 ? -7.600  -14.381 -3.559  1.00 19.93 ? 12  THR A CB  1 
ATOM   95   O  OG1 . THR A 1 12 ? -7.316  -15.451 -4.473  1.00 19.49 ? 12  THR A OG1 1 
ATOM   96   C  CG2 . THR A 1 12 ? -9.016  -13.903 -3.802  1.00 18.23 ? 12  THR A CG2 1 
ATOM   97   N  N   . CYS A 1 13 ? -7.427  -10.942 -3.628  1.00 15.67 ? 13  CYS A N   1 
ATOM   98   C  CA  . CYS A 1 13 ? -7.764  -9.708  -2.924  1.00 13.69 ? 13  CYS A CA  1 
ATOM   99   C  C   . CYS A 1 13 ? -8.990  -9.917  -2.044  1.00 20.04 ? 13  CYS A C   1 
ATOM   100  O  O   . CYS A 1 13 ? -9.916  -10.659 -2.415  1.00 21.30 ? 13  CYS A O   1 
ATOM   101  C  CB  . CYS A 1 13 ? -8.084  -8.565  -3.888  1.00 12.64 ? 13  CYS A CB  1 
ATOM   102  S  SG  . CYS A 1 13 ? -6.826  -8.211  -5.098  1.00 15.58 ? 13  CYS A SG  1 
ATOM   103  N  N   . PRO A 1 14 ? -9.006  -9.245  -0.887  1.00 17.21 ? 14  PRO A N   1 
ATOM   104  C  CA  . PRO A 1 14 ? -10.193 -9.202  -0.027  1.00 18.68 ? 14  PRO A CA  1 
ATOM   105  C  C   . PRO A 1 14 ? -11.347 -8.575  -0.795  1.00 16.22 ? 14  PRO A C   1 
ATOM   106  O  O   . PRO A 1 14 ? -11.113 -7.672  -1.590  1.00 14.93 ? 14  PRO A O   1 
ATOM   107  C  CB  . PRO A 1 14 ? -9.762  -8.277  1.119   1.00 23.25 ? 14  PRO A CB  1 
ATOM   108  C  CG  . PRO A 1 14 ? -8.581  -7.516  0.587   1.00 21.99 ? 14  PRO A CG  1 
ATOM   109  C  CD  . PRO A 1 14 ? -7.881  -8.488  -0.308  1.00 15.85 ? 14  PRO A CD  1 
ATOM   110  N  N   . GLU A 1 15 ? -12.568 -9.058  -0.586  1.00 16.91 ? 15  GLU A N   1 
ATOM   111  C  CA  . GLU A 1 15 ? -13.719 -8.474  -1.262  1.00 16.71 ? 15  GLU A CA  1 
ATOM   112  C  C   . GLU A 1 15 ? -13.829 -7.014  -0.835  1.00 16.45 ? 15  GLU A C   1 
ATOM   113  O  O   . GLU A 1 15 ? -13.704 -6.704  0.356   1.00 18.51 ? 15  GLU A O   1 
ATOM   114  C  CB  . GLU A 1 15 ? -14.990 -9.248  -0.923  1.00 16.76 ? 15  GLU A CB  1 
ATOM   115  C  CG  . GLU A 1 15 ? -14.987 -10.701 -1.425  1.00 19.44 ? 15  GLU A CG  1 
ATOM   116  C  CD  . GLU A 1 15 ? -15.038 -10.818 -2.944  1.00 22.89 ? 15  GLU A CD  1 
ATOM   117  O  OE1 . GLU A 1 15 ? -15.192 -9.783  -3.644  1.00 22.14 ? 15  GLU A OE1 1 
ATOM   118  O  OE2 . GLU A 1 15 ? -14.936 -11.961 -3.445  1.00 26.24 ? 15  GLU A OE2 1 
ATOM   119  N  N   . GLY A 1 16 ? -14.039 -6.123  -1.803  1.00 13.82 ? 16  GLY A N   1 
ATOM   120  C  CA  . GLY A 1 16 ? -14.041 -4.692  -1.528  1.00 13.73 ? 16  GLY A CA  1 
ATOM   121  C  C   . GLY A 1 16 ? -12.834 -3.987  -2.133  1.00 18.92 ? 16  GLY A C   1 
ATOM   122  O  O   . GLY A 1 16 ? -12.776 -2.755  -2.170  1.00 19.15 ? 16  GLY A O   1 
ATOM   123  N  N   . GLU A 1 17 ? -11.860 -4.771  -2.594  1.00 13.63 ? 17  GLU A N   1 
ATOM   124  C  CA  . GLU A 1 17 ? -10.722 -4.238  -3.347  1.00 19.01 ? 17  GLU A CA  1 
ATOM   125  C  C   . GLU A 1 17 ? -10.680 -4.882  -4.724  1.00 14.53 ? 17  GLU A C   1 
ATOM   126  O  O   . GLU A 1 17 ? -10.303 -6.049  -4.854  1.00 14.70 ? 17  GLU A O   1 
ATOM   127  C  CB  . GLU A 1 17 ? -9.398  -4.480  -2.611  1.00 17.95 ? 17  GLU A CB  1 
ATOM   128  C  CG  . GLU A 1 17 ? -9.394  -3.952  -1.187  1.00 19.93 ? 17  GLU A CG  1 
ATOM   129  C  CD  . GLU A 1 17 ? -8.003  -3.832  -0.603  1.00 22.68 ? 17  GLU A CD  1 
ATOM   130  O  OE1 . GLU A 1 17 ? -7.266  -4.837  -0.604  1.00 19.43 ? 17  GLU A OE1 1 
ATOM   131  O  OE2 . GLU A 1 17 ? -7.648  -2.722  -0.141  1.00 25.88 ? 17  GLU A OE2 1 
ATOM   132  N  N   . ASP A 1 18 ? -11.049 -4.112  -5.744  1.00 13.52 ? 18  ASP A N   1 
ATOM   133  C  CA  . ASP A 1 18 ? -11.231 -4.645  -7.093  1.00 17.45 ? 18  ASP A CA  1 
ATOM   134  C  C   . ASP A 1 18 ? -10.191 -4.145  -8.089  1.00 16.61 ? 18  ASP A C   1 
ATOM   135  O  O   . ASP A 1 18 ? -10.405 -4.213  -9.301  1.00 15.07 ? 18  ASP A O   1 
ATOM   136  C  CB  . ASP A 1 18 ? -12.648 -4.333  -7.616  1.00 15.78 ? 18  ASP A CB  1 
ATOM   137  C  CG  . ASP A 1 18 ? -12.921 -2.831  -7.743  1.00 23.98 ? 18  ASP A CG  1 
ATOM   138  O  OD1 . ASP A 1 18 ? -12.067 -2.010  -7.353  1.00 16.86 ? 18  ASP A OD1 1 
ATOM   139  O  OD2 . ASP A 1 18 ? -14.021 -2.463  -8.220  1.00 33.19 ? 18  ASP A OD2 1 
ATOM   140  N  N   . LYS A 1 19 ? -9.068  -3.645  -7.578  1.00 14.84 ? 19  LYS A N   1 
ATOM   141  C  CA  . LYS A 1 19 ? -7.951  -3.248  -8.434  1.00 12.85 ? 19  LYS A CA  1 
ATOM   142  C  C   . LYS A 1 19 ? -6.634  -3.842  -7.940  1.00 16.86 ? 19  LYS A C   1 
ATOM   143  O  O   . LYS A 1 19 ? -6.500  -4.177  -6.759  1.00 10.86 ? 19  LYS A O   1 
ATOM   144  C  CB  . LYS A 1 19 ? -7.846  -1.717  -8.505  1.00 15.91 ? 19  LYS A CB  1 
ATOM   145  C  CG  . LYS A 1 19 ? -9.024  -1.051  -9.225  1.00 20.84 ? 19  LYS A CG  1 
ATOM   146  C  CD  . LYS A 1 19 ? -9.022  0.473   -9.048  1.00 18.44 ? 19  LYS A CD  1 
ATOM   147  C  CE  . LYS A 1 19 ? -10.331 1.092   -9.511  1.00 25.38 ? 19  LYS A CE  1 
ATOM   148  N  NZ  . LYS A 1 19 ? -11.458 0.771   -8.571  1.00 34.10 ? 19  LYS A NZ  1 
ATOM   149  N  N   . CYS A 1 20 ? -5.684  -3.987  -8.862  1.00 11.74 ? 20  CYS A N   1 
ATOM   150  C  CA  . CYS A 1 20 ? -4.303  -4.309  -8.535  1.00 13.36 ? 20  CYS A CA  1 
ATOM   151  C  C   . CYS A 1 20 ? -3.492  -3.055  -8.795  1.00 13.25 ? 20  CYS A C   1 
ATOM   152  O  O   . CYS A 1 20 ? -3.794  -2.301  -9.732  1.00 15.41 ? 20  CYS A O   1 
ATOM   153  C  CB  . CYS A 1 20 ? -3.745  -5.397  -9.452  1.00 17.35 ? 20  CYS A CB  1 
ATOM   154  S  SG  . CYS A 1 20 ? -4.481  -7.024  -9.314  1.00 16.26 ? 20  CYS A SG  1 
ATOM   155  N  N   . GLU A 1 21 ? -2.463  -2.819  -7.980  1.00 12.24 ? 21  GLU A N   1 
ATOM   156  C  CA  . GLU A 1 21 ? -1.494  -1.781  -8.315  1.00 12.71 ? 21  GLU A CA  1 
ATOM   157  C  C   . GLU A 1 21 ? -0.046  -2.133  -8.000  1.00 14.39 ? 21  GLU A C   1 
ATOM   158  O  O   . GLU A 1 21 ? 0.250   -3.006  -7.173  1.00 12.94 ? 21  GLU A O   1 
ATOM   159  C  CB  . GLU A 1 21 ? -1.860  -0.411  -7.716  1.00 12.70 ? 21  GLU A CB  1 
ATOM   160  C  CG  . GLU A 1 21 ? -1.907  -0.339  -6.199  1.00 12.56 ? 21  GLU A CG  1 
ATOM   161  C  CD  . GLU A 1 21 ? -1.957  1.108   -5.704  1.00 15.87 ? 21  GLU A CD  1 
ATOM   162  O  OE1 . GLU A 1 21 ? -2.245  1.311   -4.504  1.00 16.62 ? 21  GLU A OE1 1 
ATOM   163  O  OE2 . GLU A 1 21 ? -1.691  2.037   -6.516  1.00 15.10 ? 21  GLU A OE2 1 
ATOM   164  N  N   . LYS A 1 22 ? 0.837   -1.458  -8.727  1.00 14.31 ? 22  LYS A N   1 
ATOM   165  C  CA  . LYS A 1 22 ? 2.260   -1.416  -8.439  1.00 14.01 ? 22  LYS A CA  1 
ATOM   166  C  C   . LYS A 1 22 ? 2.560   0.073   -8.316  1.00 16.35 ? 22  LYS A C   1 
ATOM   167  O  O   . LYS A 1 22 ? 2.365   0.832   -9.285  1.00 15.81 ? 22  LYS A O   1 
ATOM   168  C  CB  . LYS A 1 22 ? 3.053   -2.002  -9.606  1.00 14.28 ? 22  LYS A CB  1 
ATOM   169  C  CG  . LYS A 1 22 ? 4.567   -2.033  -9.371  1.00 15.79 ? 22  LYS A CG  1 
ATOM   170  C  CD  . LYS A 1 22 ? 5.301   -2.512  -10.611 1.00 16.55 ? 22  LYS A CD  1 
ATOM   171  C  CE  . LYS A 1 22 ? 5.766   -1.346  -11.452 1.00 20.27 ? 22  LYS A CE  1 
ATOM   172  N  NZ  . LYS A 1 22 ? 6.511   -1.827  -12.649 1.00 29.28 ? 22  LYS A NZ  1 
ATOM   173  N  N   . TYR A 1 23 ? 3.000   0.523   -7.146  1.00 11.72 ? 23  TYR A N   1 
ATOM   174  C  CA  . TYR A 1 23 ? 3.287   1.949   -7.013  1.00 13.09 ? 23  TYR A CA  1 
ATOM   175  C  C   . TYR A 1 23 ? 4.622   2.242   -6.341  1.00 16.85 ? 23  TYR A C   1 
ATOM   176  O  O   . TYR A 1 23 ? 5.096   1.464   -5.512  1.00 12.38 ? 23  TYR A O   1 
ATOM   177  C  CB  . TYR A 1 23 ? 2.134   2.701   -6.337  1.00 12.62 ? 23  TYR A CB  1 
ATOM   178  C  CG  . TYR A 1 23 ? 1.999   2.517   -4.835  1.00 16.06 ? 23  TYR A CG  1 
ATOM   179  C  CD1 . TYR A 1 23 ? 1.271   1.462   -4.303  1.00 12.09 ? 23  TYR A CD1 1 
ATOM   180  C  CD2 . TYR A 1 23 ? 2.570   3.427   -3.953  1.00 12.93 ? 23  TYR A CD2 1 
ATOM   181  C  CE1 . TYR A 1 23 ? 1.140   1.302   -2.932  1.00 12.87 ? 23  TYR A CE1 1 
ATOM   182  C  CE2 . TYR A 1 23 ? 2.440   3.277   -2.586  1.00 12.11 ? 23  TYR A CE2 1 
ATOM   183  C  CZ  . TYR A 1 23 ? 1.724   2.217   -2.078  1.00 12.67 ? 23  TYR A CZ  1 
ATOM   184  O  OH  . TYR A 1 23 ? 1.595   2.078   -0.703  1.00 12.17 ? 23  TYR A OH  1 
ATOM   185  N  N   . ALA A 1 24 ? 5.208   3.376   -6.712  1.00 12.19 ? 24  ALA A N   1 
ATOM   186  C  CA  . ALA A 1 24 ? 6.553   3.752   -6.280  1.00 14.53 ? 24  ALA A CA  1 
ATOM   187  C  C   . ALA A 1 24 ? 6.557   4.335   -4.879  1.00 14.61 ? 24  ALA A C   1 
ATOM   188  O  O   . ALA A 1 24 ? 5.702   5.148   -4.530  1.00 12.27 ? 24  ALA A O   1 
ATOM   189  C  CB  . ALA A 1 24 ? 7.173   4.748   -7.269  1.00 12.66 ? 24  ALA A CB  1 
ATOM   190  N  N   . VAL A 1 25 ? 7.545   3.920   -4.086  1.00 16.40 ? 25  VAL A N   1 
ATOM   191  C  CA  . VAL A 1 25 ? 7.758   4.464   -2.762  1.00 14.53 ? 25  VAL A CA  1 
ATOM   192  C  C   . VAL A 1 25 ? 9.237   4.837   -2.658  1.00 19.29 ? 25  VAL A C   1 
ATOM   193  O  O   . VAL A 1 25 ? 10.099  4.064   -3.083  1.00 13.73 ? 25  VAL A O   1 
ATOM   194  C  CB  . VAL A 1 25 ? 7.386   3.424   -1.684  1.00 18.81 ? 25  VAL A CB  1 
ATOM   195  C  CG1 . VAL A 1 25 ? 7.921   3.849   -0.336  1.00 17.16 ? 25  VAL A CG1 1 
ATOM   196  C  CG2 . VAL A 1 25 ? 5.869   3.214   -1.639  1.00 17.45 ? 25  VAL A CG2 1 
ATOM   197  N  N   . GLY A 1 26 ? 9.529   6.027   -2.129  1.00 13.71 ? 26  GLY A N   1 
ATOM   198  C  CA  . GLY A 1 26 ? 10.902  6.483   -2.023  1.00 15.84 ? 26  GLY A CA  1 
ATOM   199  C  C   . GLY A 1 26 ? 11.611  5.786   -0.882  1.00 16.80 ? 26  GLY A C   1 
ATOM   200  O  O   . GLY A 1 26 ? 10.984  5.506   0.142   1.00 15.57 ? 26  GLY A O   1 
ATOM   201  N  N   . LEU A 1 27 ? 12.899  5.493   -1.056  1.00 12.35 ? 27  LEU A N   1 
ATOM   202  C  CA  . LEU A 1 27 ? 13.694  4.853   -0.006  1.00 14.64 ? 27  LEU A CA  1 
ATOM   203  C  C   . LEU A 1 27 ? 14.654  5.853   0.626   1.00 15.28 ? 27  LEU A C   1 
ATOM   204  O  O   . LEU A 1 27 ? 14.471  6.278   1.769   1.00 19.74 ? 27  LEU A O   1 
ATOM   205  C  CB  . LEU A 1 27 ? 14.497  3.682   -0.572  1.00 15.50 ? 27  LEU A CB  1 
ATOM   206  C  CG  . LEU A 1 27 ? 13.779  2.342   -0.666  1.00 17.93 ? 27  LEU A CG  1 
ATOM   207  C  CD1 . LEU A 1 27 ? 14.676  1.305   -1.334  1.00 17.81 ? 27  LEU A CD1 1 
ATOM   208  C  CD2 . LEU A 1 27 ? 13.362  1.885   0.739   1.00 18.41 ? 27  LEU A CD2 1 
ATOM   209  N  N   . MET A 1 28 ? 15.673  6.234   -0.135  1.00 16.00 ? 28  MET A N   1 
ATOM   210  C  CA  . MET A 1 28 ? 16.660  7.197   0.337   1.00 15.84 ? 28  MET A CA  1 
ATOM   211  C  C   . MET A 1 28 ? 17.554  7.706   -0.793  1.00 13.18 ? 28  MET A C   1 
ATOM   212  O  O   . MET A 1 28 ? 17.973  6.939   -1.666  1.00 15.85 ? 28  MET A O   1 
ATOM   213  C  CB  . MET A 1 28 ? 17.518  6.574   1.430   1.00 15.58 ? 28  MET A CB  1 
ATOM   214  C  CG  . MET A 1 28 ? 18.272  5.331   1.002   1.00 16.04 ? 28  MET A CG  1 
ATOM   215  S  SD  . MET A 1 28 ? 18.943  4.531   2.476   1.00 22.19 ? 28  MET A SD  1 
ATOM   216  C  CE  . MET A 1 28 ? 17.577  3.442   2.910   1.00 25.07 ? 28  MET A CE  1 
ATOM   217  N  N   . HIS A 1 29 ? 17.817  9.009   -0.770  1.00 13.74 ? 29  HIS A N   1 
ATOM   218  C  CA  . HIS A 1 29 ? 18.777  9.632   -1.678  1.00 20.03 ? 29  HIS A CA  1 
ATOM   219  C  C   . HIS A 1 29 ? 18.457  9.382   -3.145  1.00 16.16 ? 29  HIS A C   1 
ATOM   220  O  O   . HIS A 1 29 ? 19.352  9.188   -3.968  1.00 19.00 ? 29  HIS A O   1 
ATOM   221  C  CB  . HIS A 1 29 ? 20.193  9.148   -1.358  1.00 17.96 ? 29  HIS A CB  1 
ATOM   222  C  CG  . HIS A 1 29 ? 20.639  9.468   0.037   1.00 18.78 ? 29  HIS A CG  1 
ATOM   223  N  ND1 . HIS A 1 29 ? 20.945  10.752  0.443   1.00 25.33 ? 29  HIS A ND1 1 
ATOM   224  C  CD2 . HIS A 1 29 ? 20.825  8.678   1.118   1.00 19.22 ? 29  HIS A CD2 1 
ATOM   225  C  CE1 . HIS A 1 29 ? 21.315  10.734  1.712   1.00 23.86 ? 29  HIS A CE1 1 
ATOM   226  N  NE2 . HIS A 1 29 ? 21.255  9.489   2.147   1.00 22.82 ? 29  HIS A NE2 1 
ATOM   227  N  N   . GLY A 1 30 ? 17.174  9.386   -3.468  1.00 20.01 ? 30  GLY A N   1 
ATOM   228  C  CA  . GLY A 1 30 ? 16.761  9.160   -4.838  1.00 18.16 ? 30  GLY A CA  1 
ATOM   229  C  C   . GLY A 1 30 ? 16.475  7.711   -5.203  1.00 19.09 ? 30  GLY A C   1 
ATOM   230  O  O   . GLY A 1 30 ? 15.939  7.452   -6.276  1.00 22.63 ? 30  GLY A O   1 
ATOM   231  N  N   . SER A 1 31 ? 16.815  6.754   -4.346  1.00 16.53 ? 31  SER A N   1 
ATOM   232  C  CA  . SER A 1 31 ? 16.437  5.381   -4.661  1.00 14.78 ? 31  SER A CA  1 
ATOM   233  C  C   . SER A 1 31 ? 14.949  5.150   -4.330  1.00 16.31 ? 31  SER A C   1 
ATOM   234  O  O   . SER A 1 31 ? 14.384  5.825   -3.462  1.00 17.66 ? 31  SER A O   1 
ATOM   235  C  CB  . SER A 1 31 ? 17.348  4.375   -3.956  1.00 13.04 ? 31  SER A CB  1 
ATOM   236  O  OG  . SER A 1 31 ? 17.170  4.402   -2.550  1.00 16.34 ? 31  SER A OG  1 
ATOM   237  N  N   . PHE A 1 32 ? 14.311  4.220   -5.039  1.00 12.82 ? 32  PHE A N   1 
ATOM   238  C  CA  . PHE A 1 32 ? 12.926  3.867   -4.761  1.00 16.60 ? 32  PHE A CA  1 
ATOM   239  C  C   . PHE A 1 32 ? 12.668  2.386   -5.044  1.00 15.87 ? 32  PHE A C   1 
ATOM   240  O  O   . PHE A 1 32 ? 13.522  1.690   -5.578  1.00 13.97 ? 32  PHE A O   1 
ATOM   241  C  CB  . PHE A 1 32 ? 11.968  4.744   -5.578  1.00 16.09 ? 32  PHE A CB  1 
ATOM   242  C  CG  . PHE A 1 32 ? 12.054  4.518   -7.056  1.00 22.19 ? 32  PHE A CG  1 
ATOM   243  C  CD1 . PHE A 1 32 ? 11.129  3.707   -7.699  1.00 23.20 ? 32  PHE A CD1 1 
ATOM   244  C  CD2 . PHE A 1 32 ? 13.055  5.113   -7.810  1.00 20.79 ? 32  PHE A CD2 1 
ATOM   245  C  CE1 . PHE A 1 32 ? 11.195  3.500   -9.063  1.00 16.87 ? 32  PHE A CE1 1 
ATOM   246  C  CE2 . PHE A 1 32 ? 13.125  4.905   -9.176  1.00 21.65 ? 32  PHE A CE2 1 
ATOM   247  C  CZ  . PHE A 1 32 ? 12.191  4.090   -9.800  1.00 17.99 ? 32  PHE A CZ  1 
ATOM   248  N  N   . PHE A 1 33 ? 11.492  1.901   -4.662  1.00 13.87 ? 33  PHE A N   1 
ATOM   249  C  CA  . PHE A 1 33 ? 11.098  0.535   -4.999  1.00 13.87 ? 33  PHE A CA  1 
ATOM   250  C  C   . PHE A 1 33 ? 9.587   0.485   -5.132  1.00 13.39 ? 33  PHE A C   1 
ATOM   251  O  O   . PHE A 1 33 ? 8.896   1.470   -4.864  1.00 13.74 ? 33  PHE A O   1 
ATOM   252  C  CB  . PHE A 1 33 ? 11.591  -0.477  -3.955  1.00 16.36 ? 33  PHE A CB  1 
ATOM   253  C  CG  . PHE A 1 33 ? 10.877  -0.396  -2.627  1.00 17.25 ? 33  PHE A CG  1 
ATOM   254  C  CD1 . PHE A 1 33 ? 10.342  -1.535  -2.052  1.00 26.04 ? 33  PHE A CD1 1 
ATOM   255  C  CD2 . PHE A 1 33 ? 10.771  0.810   -1.937  1.00 22.08 ? 33  PHE A CD2 1 
ATOM   256  C  CE1 . PHE A 1 33 ? 9.691   -1.472  -0.823  1.00 28.38 ? 33  PHE A CE1 1 
ATOM   257  C  CE2 . PHE A 1 33 ? 10.113  0.876   -0.704  1.00 20.46 ? 33  PHE A CE2 1 
ATOM   258  C  CZ  . PHE A 1 33 ? 9.579   -0.263  -0.155  1.00 22.00 ? 33  PHE A CZ  1 
ATOM   259  N  N   . PHE A 1 34 ? 9.068   -0.645  -5.582  1.00 13.71 ? 34  PHE A N   1 
ATOM   260  C  CA  . PHE A 1 34 ? 7.628   -0.720  -5.808  1.00 10.85 ? 34  PHE A CA  1 
ATOM   261  C  C   . PHE A 1 34 ? 6.916   -1.550  -4.763  1.00 15.02 ? 34  PHE A C   1 
ATOM   262  O  O   . PHE A 1 34 ? 7.454   -2.529  -4.239  1.00 15.28 ? 34  PHE A O   1 
ATOM   263  C  CB  . PHE A 1 34 ? 7.323   -1.280  -7.181  1.00 12.64 ? 34  PHE A CB  1 
ATOM   264  C  CG  . PHE A 1 34 ? 7.674   -0.340  -8.301  1.00 16.73 ? 34  PHE A CG  1 
ATOM   265  C  CD1 . PHE A 1 34 ? 6.818   0.701   -8.648  1.00 13.85 ? 34  PHE A CD1 1 
ATOM   266  C  CD2 . PHE A 1 34 ? 8.861   -0.494  -9.002  1.00 16.49 ? 34  PHE A CD2 1 
ATOM   267  C  CE1 . PHE A 1 34 ? 7.145   1.572   -9.694  1.00 17.71 ? 34  PHE A CE1 1 
ATOM   268  C  CE2 . PHE A 1 34 ? 9.187   0.362   -10.044 1.00 17.65 ? 34  PHE A CE2 1 
ATOM   269  C  CZ  . PHE A 1 34 ? 8.336   1.396   -10.389 1.00 14.33 ? 34  PHE A CZ  1 
ATOM   270  N  N   . ILE A 1 35 ? 5.686   -1.144  -4.493  1.00 14.23 ? 35  ILE A N   1 
ATOM   271  C  CA  . ILE A 1 35 ? 4.809   -1.866  -3.610  1.00 14.31 ? 35  ILE A CA  1 
ATOM   272  C  C   . ILE A 1 35 ? 3.719   -2.447  -4.491  1.00 17.47 ? 35  ILE A C   1 
ATOM   273  O  O   . ILE A 1 35 ? 3.154   -1.749  -5.339  1.00 12.97 ? 35  ILE A O   1 
ATOM   274  C  CB  . ILE A 1 35 ? 4.238   -0.924  -2.555  1.00 12.74 ? 35  ILE A CB  1 
ATOM   275  C  CG1 . ILE A 1 35 ? 5.310   -0.649  -1.502  1.00 15.48 ? 35  ILE A CG1 1 
ATOM   276  C  CG2 . ILE A 1 35 ? 3.008   -1.530  -1.894  1.00 14.53 ? 35  ILE A CG2 1 
ATOM   277  C  CD1 . ILE A 1 35 ? 5.666   -1.889  -0.694  1.00 20.38 ? 35  ILE A CD1 1 
ATOM   278  N  N   . TYR A 1 36 ? 3.463   -3.739  -4.317  1.00 13.62 ? 36  TYR A N   1 
ATOM   279  C  CA  . TYR A 1 36 ? 2.456   -4.443  -5.099  1.00 13.32 ? 36  TYR A CA  1 
ATOM   280  C  C   . TYR A 1 36 ? 1.313   -4.781  -4.172  1.00 14.75 ? 36  TYR A C   1 
ATOM   281  O  O   . TYR A 1 36 ? 1.532   -5.359  -3.103  1.00 11.28 ? 36  TYR A O   1 
ATOM   282  C  CB  . TYR A 1 36 ? 3.043   -5.744  -5.639  1.00 17.61 ? 36  TYR A CB  1 
ATOM   283  C  CG  . TYR A 1 36 ? 4.198   -5.560  -6.590  1.00 17.21 ? 36  TYR A CG  1 
ATOM   284  C  CD1 . TYR A 1 36 ? 5.497   -5.405  -6.121  1.00 15.66 ? 36  TYR A CD1 1 
ATOM   285  C  CD2 . TYR A 1 36 ? 3.991   -5.552  -7.965  1.00 16.31 ? 36  TYR A CD2 1 
ATOM   286  C  CE1 . TYR A 1 36 ? 6.558   -5.235  -7.004  1.00 16.34 ? 36  TYR A CE1 1 
ATOM   287  C  CE2 . TYR A 1 36 ? 5.045   -5.394  -8.849  1.00 17.83 ? 36  TYR A CE2 1 
ATOM   288  C  CZ  . TYR A 1 36 ? 6.323   -5.238  -8.361  1.00 16.84 ? 36  TYR A CZ  1 
ATOM   289  O  OH  . TYR A 1 36 ? 7.369   -5.081  -9.241  1.00 16.00 ? 36  TYR A OH  1 
ATOM   290  N  N   . THR A 1 37 ? 0.086   -4.438  -4.559  1.00 13.23 ? 37  THR A N   1 
ATOM   291  C  CA  . THR A 1 37 ? -1.038  -4.639  -3.650  1.00 11.19 ? 37  THR A CA  1 
ATOM   292  C  C   . THR A 1 37 ? -2.402  -4.606  -4.328  1.00 12.35 ? 37  THR A C   1 
ATOM   293  O  O   . THR A 1 37 ? -2.560  -4.079  -5.429  1.00 12.53 ? 37  THR A O   1 
ATOM   294  C  CB  . THR A 1 37 ? -1.025  -3.612  -2.482  1.00 14.63 ? 37  THR A CB  1 
ATOM   295  O  OG1 . THR A 1 37 ? -2.004  -3.966  -1.491  1.00 14.04 ? 37  THR A OG1 1 
ATOM   296  C  CG2 . THR A 1 37 ? -1.302  -2.191  -2.990  1.00 13.26 ? 37  THR A CG2 1 
ATOM   297  N  N   . CYS A 1 38 ? -3.376  -5.203  -3.660  1.00 13.94 ? 38  CYS A N   1 
ATOM   298  C  CA  . CYS A 1 38 ? -4.759  -4.990  -4.012  1.00 12.80 ? 38  CYS A CA  1 
ATOM   299  C  C   . CYS A 1 38 ? -5.122  -3.616  -3.475  1.00 14.27 ? 38  CYS A C   1 
ATOM   300  O  O   . CYS A 1 38 ? -4.507  -3.138  -2.514  1.00 15.02 ? 38  CYS A O   1 
ATOM   301  C  CB  . CYS A 1 38 ? -5.638  -6.052  -3.359  1.00 12.47 ? 38  CYS A CB  1 
ATOM   302  S  SG  . CYS A 1 38 ? -5.278  -7.758  -3.863  1.00 13.94 ? 38  CYS A SG  1 
ATOM   303  N  N   . THR A 1 39 ? -6.125  -2.986  -4.076  1.00 11.08 ? 39  THR A N   1 
ATOM   304  C  CA  . THR A 1 39 ? -6.583  -1.687  -3.589  1.00 15.10 ? 39  THR A CA  1 
ATOM   305  C  C   . THR A 1 39 ? -7.980  -1.374  -4.109  1.00 14.81 ? 39  THR A C   1 
ATOM   306  O  O   . THR A 1 39 ? -8.453  -2.007  -5.056  1.00 13.32 ? 39  THR A O   1 
ATOM   307  C  CB  . THR A 1 39 ? -5.627  -0.568  -4.020  1.00 15.23 ? 39  THR A CB  1 
ATOM   308  O  OG1 . THR A 1 39 ? -6.027  0.665   -3.409  1.00 16.37 ? 39  THR A OG1 1 
ATOM   309  C  CG2 . THR A 1 39 ? -5.635  -0.413  -5.530  1.00 12.74 ? 39  THR A CG2 1 
ATOM   310  N  N   . SER A 1 40 ? -8.642  -0.411  -3.477  1.00 14.48 ? 40  SER A N   1 
ATOM   311  C  CA  . SER A 1 40 ? -9.890  0.123   -4.007  1.00 17.56 ? 40  SER A CA  1 
ATOM   312  C  C   . SER A 1 40 ? -9.592  1.403   -4.778  1.00 20.35 ? 40  SER A C   1 
ATOM   313  O  O   . SER A 1 40 ? -10.383 1.840   -5.613  1.00 19.66 ? 40  SER A O   1 
ATOM   314  C  CB  . SER A 1 40 ? -10.844 0.451   -2.869  1.00 19.25 ? 40  SER A CB  1 
ATOM   315  O  OG  . SER A 1 40 ? -11.052 -0.682  -2.067  1.00 24.45 ? 40  SER A OG  1 
ATOM   316  N  N   . LYS A 1 41 ? -8.453  2.017   -4.472  1.00 11.56 ? 41  LYS A N   1 
ATOM   317  C  CA  . LYS A 1 41 ? -8.071  3.273   -5.104  1.00 15.56 ? 41  LYS A CA  1 
ATOM   318  C  C   . LYS A 1 41 ? -6.580  3.314   -5.315  1.00 16.29 ? 41  LYS A C   1 
ATOM   319  O  O   . LYS A 1 41 ? -5.803  3.112   -4.384  1.00 19.64 ? 41  LYS A O   1 
ATOM   320  C  CB  . LYS A 1 41 ? -8.518  4.476   -4.275  1.00 19.97 ? 41  LYS A CB  1 
ATOM   321  C  CG  . LYS A 1 41 ? -10.021 4.757   -4.389  1.00 25.14 ? 41  LYS A CG  1 
ATOM   322  C  CD  . LYS A 1 41 ? -10.410 5.024   -5.841  1.00 25.83 ? 41  LYS A CD  1 
ATOM   323  C  CE  . LYS A 1 41 ? -11.883 4.708   -6.082  1.00 29.22 ? 41  LYS A CE  1 
ATOM   324  N  NZ  . LYS A 1 41 ? -12.637 5.919   -6.514  1.00 42.21 ? 41  LYS A NZ  1 
ATOM   325  N  N   . CYS A 1 42 ? -6.182  3.561   -6.551  1.00 16.02 ? 42  CYS A N   1 
ATOM   326  C  CA  . CYS A 1 42 ? -4.765  3.525   -6.882  1.00 16.82 ? 42  CYS A CA  1 
ATOM   327  C  C   . CYS A 1 42 ? -4.034  4.793   -6.452  1.00 17.15 ? 42  CYS A C   1 
ATOM   328  O  O   . CYS A 1 42 ? -4.587  5.894   -6.505  1.00 18.09 ? 42  CYS A O   1 
ATOM   329  C  CB  . CYS A 1 42 ? -4.590  3.266   -8.370  1.00 17.08 ? 42  CYS A CB  1 
ATOM   330  S  SG  . CYS A 1 42 ? -5.041  1.575   -8.873  1.00 18.73 ? 42  CYS A SG  1 
ATOM   331  N  N   . HIS A 1 43 ? -2.789  4.622   -6.012  1.00 13.06 ? 43  HIS A N   1 
ATOM   332  C  CA  . HIS A 1 43 ? -1.918  5.735   -5.681  1.00 13.55 ? 43  HIS A CA  1 
ATOM   333  C  C   . HIS A 1 43 ? -1.547  6.493   -6.946  1.00 17.61 ? 43  HIS A C   1 
ATOM   334  O  O   . HIS A 1 43 ? -1.214  5.879   -7.968  1.00 17.27 ? 43  HIS A O   1 
ATOM   335  C  CB  . HIS A 1 43 ? -0.641  5.230   -4.992  1.00 10.81 ? 43  HIS A CB  1 
ATOM   336  C  CG  . HIS A 1 43 ? -0.860  4.764   -3.585  1.00 11.97 ? 43  HIS A CG  1 
ATOM   337  N  ND1 . HIS A 1 43 ? -1.437  3.548   -3.282  1.00 15.10 ? 43  HIS A ND1 1 
ATOM   338  C  CD2 . HIS A 1 43 ? -0.585  5.354   -2.397  1.00 15.90 ? 43  HIS A CD2 1 
ATOM   339  C  CE1 . HIS A 1 43 ? -1.501  3.408   -1.969  1.00 15.19 ? 43  HIS A CE1 1 
ATOM   340  N  NE2 . HIS A 1 43 ? -0.986  4.489   -1.408  1.00 13.63 ? 43  HIS A NE2 1 
ATOM   341  N  N   . GLU A 1 44 ? -1.593  7.820   -6.873  1.00 15.85 ? 44  GLU A N   1 
ATOM   342  C  CA  . GLU A 1 44 ? -1.224  8.657   -8.009  1.00 26.03 ? 44  GLU A CA  1 
ATOM   343  C  C   . GLU A 1 44 ? 0.277   8.601   -8.170  1.00 20.30 ? 44  GLU A C   1 
ATOM   344  O  O   . GLU A 1 44 ? 1.005   8.536   -7.185  1.00 17.89 ? 44  GLU A O   1 
ATOM   345  C  CB  . GLU A 1 44 ? -1.647  10.110  -7.780  1.00 33.68 ? 44  GLU A CB  1 
ATOM   346  C  CG  . GLU A 1 44 ? -3.145  10.376  -7.916  1.00 42.35 ? 44  GLU A CG  1 
ATOM   347  C  CD  . GLU A 1 44 ? -3.534  11.729  -7.331  1.00 55.24 ? 44  GLU A CD  1 
ATOM   348  O  OE1 . GLU A 1 44 ? -2.705  12.298  -6.581  1.00 50.12 ? 44  GLU A OE1 1 
ATOM   349  O  OE2 . GLU A 1 44 ? -4.654  12.217  -7.615  1.00 47.18 ? 44  GLU A OE2 1 
ATOM   350  N  N   . GLY A 1 45 ? 0.746   8.625   -9.413  1.00 22.02 ? 45  GLY A N   1 
ATOM   351  C  CA  . GLY A 1 45 ? 2.174   8.660   -9.664  1.00 19.41 ? 45  GLY A CA  1 
ATOM   352  C  C   . GLY A 1 45 ? 2.516   8.266   -11.079 1.00 20.66 ? 45  GLY A C   1 
ATOM   353  O  O   . GLY A 1 45 ? 1.936   7.339   -11.633 1.00 19.93 ? 45  GLY A O   1 
ATOM   354  N  N   . ALA A 1 46 ? 3.474   8.979   -11.656 1.00 21.45 ? 46  ALA A N   1 
ATOM   355  C  CA  . ALA A 1 46 ? 3.840   8.806   -13.059 1.00 22.13 ? 46  ALA A CA  1 
ATOM   356  C  C   . ALA A 1 46 ? 4.469   7.447   -13.388 1.00 22.25 ? 46  ALA A C   1 
ATOM   357  O  O   . ALA A 1 46 ? 4.596   7.101   -14.565 1.00 19.83 ? 46  ALA A O   1 
ATOM   358  C  CB  . ALA A 1 46 ? 4.773   9.936   -13.501 1.00 17.59 ? 46  ALA A CB  1 
ATOM   359  N  N   . TYR A 1 47 ? 4.874   6.688   -12.367 1.00 12.96 ? 47  TYR A N   1 
ATOM   360  C  CA  . TYR A 1 47 ? 5.510   5.395   -12.604 1.00 14.47 ? 47  TYR A CA  1 
ATOM   361  C  C   . TYR A 1 47 ? 4.645   4.236   -12.143 1.00 15.75 ? 47  TYR A C   1 
ATOM   362  O  O   . TYR A 1 47 ? 5.036   3.074   -12.237 1.00 15.51 ? 47  TYR A O   1 
ATOM   363  C  CB  . TYR A 1 47 ? 6.906   5.357   -11.959 1.00 20.48 ? 47  TYR A CB  1 
ATOM   364  C  CG  . TYR A 1 47 ? 7.771   6.442   -12.538 1.00 17.03 ? 47  TYR A CG  1 
ATOM   365  C  CD1 . TYR A 1 47 ? 8.516   6.215   -13.688 1.00 17.89 ? 47  TYR A CD1 1 
ATOM   366  C  CD2 . TYR A 1 47 ? 7.774   7.722   -11.991 1.00 19.09 ? 47  TYR A CD2 1 
ATOM   367  C  CE1 . TYR A 1 47 ? 9.275   7.223   -14.261 1.00 20.24 ? 47  TYR A CE1 1 
ATOM   368  C  CE2 . TYR A 1 47 ? 8.543   8.744   -12.558 1.00 21.50 ? 47  TYR A CE2 1 
ATOM   369  C  CZ  . TYR A 1 47 ? 9.287   8.486   -13.692 1.00 23.08 ? 47  TYR A CZ  1 
ATOM   370  O  OH  . TYR A 1 47 ? 10.047  9.493   -14.260 1.00 23.49 ? 47  TYR A OH  1 
ATOM   371  N  N   . ASN A 1 48 ? 3.445   4.556   -11.674 1.00 17.06 ? 48  ASN A N   1 
ATOM   372  C  CA  . ASN A 1 48 ? 2.564   3.545   -11.091 1.00 13.52 ? 48  ASN A CA  1 
ATOM   373  C  C   . ASN A 1 48 ? 1.699   2.829   -12.116 1.00 15.90 ? 48  ASN A C   1 
ATOM   374  O  O   . ASN A 1 48 ? 1.441   3.356   -13.198 1.00 13.39 ? 48  ASN A O   1 
ATOM   375  C  CB  . ASN A 1 48 ? 1.695   4.182   -10.011 1.00 15.88 ? 48  ASN A CB  1 
ATOM   376  C  CG  . ASN A 1 48 ? 2.520   4.848   -8.926  1.00 14.00 ? 48  ASN A CG  1 
ATOM   377  O  OD1 . ASN A 1 48 ? 3.717   4.578   -8.783  1.00 15.21 ? 48  ASN A OD1 1 
ATOM   378  N  ND2 . ASN A 1 48 ? 1.885   5.714   -8.152  1.00 15.95 ? 48  ASN A ND2 1 
ATOM   379  N  N   . VAL A 1 49 ? 1.248   1.628   -11.749 1.00 15.53 ? 49  VAL A N   1 
ATOM   380  C  CA  . VAL A 1 49 ? 0.402   0.804   -12.595 1.00 14.16 ? 49  VAL A CA  1 
ATOM   381  C  C   . VAL A 1 49 ? -0.865  0.508   -11.804 1.00 18.24 ? 49  VAL A C   1 
ATOM   382  O  O   . VAL A 1 49 ? -0.789  0.039   -10.662 1.00 11.93 ? 49  VAL A O   1 
ATOM   383  C  CB  . VAL A 1 49 ? 1.105   -0.515  -12.948 1.00 15.11 ? 49  VAL A CB  1 
ATOM   384  C  CG1 . VAL A 1 49 ? 0.199   -1.394  -13.791 1.00 13.94 ? 49  VAL A CG1 1 
ATOM   385  C  CG2 . VAL A 1 49 ? 2.419   -0.235  -13.683 1.00 22.62 ? 49  VAL A CG2 1 
ATOM   386  N  N   . CYS A 1 50 ? -2.015  0.829   -12.392 1.00 13.74 ? 50  CYS A N   1 
ATOM   387  C  CA  . CYS A 1 50 ? -3.318  0.564   -11.780 1.00 13.78 ? 50  CYS A CA  1 
ATOM   388  C  C   . CYS A 1 50 ? -4.170  -0.235  -12.763 1.00 18.02 ? 50  CYS A C   1 
ATOM   389  O  O   . CYS A 1 50 ? -4.450  0.243   -13.868 1.00 14.49 ? 50  CYS A O   1 
ATOM   390  C  CB  . CYS A 1 50 ? -4.014  1.892   -11.443 1.00 16.40 ? 50  CYS A CB  1 
ATOM   391  S  SG  . CYS A 1 50 ? -5.707  1.754   -10.765 1.00 19.46 ? 50  CYS A SG  1 
ATOM   392  N  N   . CYS A 1 51 ? -4.581  -1.446  -12.382 1.00 18.38 ? 51  CYS A N   1 
ATOM   393  C  CA  . CYS A 1 51 ? -5.316  -2.315  -13.316 1.00 17.70 ? 51  CYS A CA  1 
ATOM   394  C  C   . CYS A 1 51 ? -6.374  -3.174  -12.623 1.00 18.23 ? 51  CYS A C   1 
ATOM   395  O  O   . CYS A 1 51 ? -6.477  -3.141  -11.397 1.00 16.35 ? 51  CYS A O   1 
ATOM   396  C  CB  . CYS A 1 51 ? -4.337  -3.174  -14.127 1.00 19.75 ? 51  CYS A CB  1 
ATOM   397  S  SG  . CYS A 1 51 ? -3.044  -3.930  -13.133 1.00 15.42 ? 51  CYS A SG  1 
ATOM   398  N  N   . SER A 1 52 ? -7.163  -3.931  -13.397 1.00 15.54 ? 52  SER A N   1 
ATOM   399  C  CA  . SER A 1 52 ? -8.304  -4.668  -12.828 1.00 16.57 ? 52  SER A CA  1 
ATOM   400  C  C   . SER A 1 52 ? -8.411  -6.133  -13.236 1.00 16.83 ? 52  SER A C   1 
ATOM   401  O  O   . SER A 1 52 ? -9.489  -6.712  -13.135 1.00 17.61 ? 52  SER A O   1 
ATOM   402  C  CB  . SER A 1 52 ? -9.637  -3.995  -13.201 1.00 20.08 ? 52  SER A CB  1 
ATOM   403  O  OG  . SER A 1 52 ? -9.721  -2.676  -12.707 1.00 24.78 ? 52  SER A OG  1 
ATOM   404  N  N   . THR A 1 53 ? -7.331  -6.739  -13.710 1.00 13.55 ? 53  THR A N   1 
ATOM   405  C  CA  . THR A 1 53 ? -7.396  -8.159  -14.082 1.00 15.67 ? 53  THR A CA  1 
ATOM   406  C  C   . THR A 1 53 ? -6.338  -8.982  -13.337 1.00 16.57 ? 53  THR A C   1 
ATOM   407  O  O   . THR A 1 53 ? -5.356  -8.419  -12.840 1.00 15.57 ? 53  THR A O   1 
ATOM   408  C  CB  . THR A 1 53 ? -7.263  -8.363  -15.607 1.00 20.28 ? 53  THR A CB  1 
ATOM   409  O  OG1 . THR A 1 53 ? -5.990  -7.866  -16.045 1.00 19.38 ? 53  THR A OG1 1 
ATOM   410  C  CG2 . THR A 1 53 ? -8.379  -7.626  -16.347 1.00 20.44 ? 53  THR A CG2 1 
ATOM   411  N  N   . ASP A 1 54 ? -6.531  -10.301 -13.262 1.00 15.10 ? 54  ASP A N   1 
ATOM   412  C  CA  . ASP A 1 54 ? -5.650  -11.160 -12.457 1.00 21.02 ? 54  ASP A CA  1 
ATOM   413  C  C   . ASP A 1 54 ? -4.169  -10.969 -12.782 1.00 15.09 ? 54  ASP A C   1 
ATOM   414  O  O   . ASP A 1 54 ? -3.769  -11.036 -13.944 1.00 18.17 ? 54  ASP A O   1 
ATOM   415  C  CB  . ASP A 1 54 ? -6.005  -12.641 -12.625 1.00 21.63 ? 54  ASP A CB  1 
ATOM   416  C  CG  . ASP A 1 54 ? -7.310  -13.016 -11.955 1.00 22.04 ? 54  ASP A CG  1 
ATOM   417  O  OD1 . ASP A 1 54 ? -7.771  -12.281 -11.046 1.00 18.29 ? 54  ASP A OD1 1 
ATOM   418  O  OD2 . ASP A 1 54 ? -7.864  -14.065 -12.337 1.00 21.12 ? 54  ASP A OD2 1 
ATOM   419  N  N   . LEU A 1 55 ? -3.389  -10.708 -11.737 1.00 21.80 ? 55  LEU A N   1 
ATOM   420  C  CA  . LEU A 1 55 ? -1.929  -10.570 -11.793 1.00 19.78 ? 55  LEU A CA  1 
ATOM   421  C  C   . LEU A 1 55 ? -1.442  -9.468  -12.728 1.00 18.48 ? 55  LEU A C   1 
ATOM   422  O  O   . LEU A 1 55 ? -0.290  -9.480  -13.161 1.00 18.40 ? 55  LEU A O   1 
ATOM   423  C  CB  . LEU A 1 55 ? -1.259  -11.904 -12.138 1.00 20.79 ? 55  LEU A CB  1 
ATOM   424  C  CG  . LEU A 1 55 ? -1.539  -13.094 -11.211 1.00 18.06 ? 55  LEU A CG  1 
ATOM   425  C  CD1 . LEU A 1 55 ? -0.506  -14.199 -11.443 1.00 18.70 ? 55  LEU A CD1 1 
ATOM   426  C  CD2 . LEU A 1 55 ? -1.588  -12.685 -9.735  1.00 19.57 ? 55  LEU A CD2 1 
ATOM   427  N  N   . CYS A 1 56 ? -2.306  -8.500  -13.020 1.00 17.27 ? 56  CYS A N   1 
ATOM   428  C  CA  . CYS A 1 56 ? -1.947  -7.449  -13.977 1.00 17.76 ? 56  CYS A CA  1 
ATOM   429  C  C   . CYS A 1 56 ? -0.857  -6.480  -13.491 1.00 17.81 ? 56  CYS A C   1 
ATOM   430  O  O   . CYS A 1 56 ? -0.260  -5.764  -14.301 1.00 13.96 ? 56  CYS A O   1 
ATOM   431  C  CB  . CYS A 1 56 ? -3.187  -6.662  -14.390 1.00 16.14 ? 56  CYS A CB  1 
ATOM   432  S  SG  . CYS A 1 56 ? -3.957  -5.740  -13.026 1.00 15.01 ? 56  CYS A SG  1 
ATOM   433  N  N   . ASN A 1 57 ? -0.606  -6.436  -12.182 1.00 14.30 ? 57  ASN A N   1 
ATOM   434  C  CA  . ASN A 1 57 ? 0.350   -5.473  -11.645 1.00 17.32 ? 57  ASN A CA  1 
ATOM   435  C  C   . ASN A 1 57 ? 1.785   -5.984  -11.684 1.00 20.54 ? 57  ASN A C   1 
ATOM   436  O  O   . ASN A 1 57 ? 2.568   -5.714  -10.773 1.00 19.24 ? 57  ASN A O   1 
ATOM   437  C  CB  . ASN A 1 57 ? -0.030  -5.016  -10.234 1.00 17.16 ? 57  ASN A CB  1 
ATOM   438  C  CG  . ASN A 1 57 ? -0.190  -6.163  -9.279  1.00 15.63 ? 57  ASN A CG  1 
ATOM   439  O  OD1 . ASN A 1 57 ? -0.496  -7.292  -9.687  1.00 14.08 ? 57  ASN A OD1 1 
ATOM   440  N  ND2 . ASN A 1 57 ? 0.019   -5.890  -7.989  1.00 13.29 ? 57  ASN A ND2 1 
ATOM   441  N  N   . LYS A 1 58 ? 2.078   -6.754  -12.732 1.00 22.14 ? 58  LYS A N   1 
ATOM   442  C  CA  . LYS A 1 58 ? 3.425   -7.080  -13.223 1.00 28.26 ? 58  LYS A CA  1 
ATOM   443  C  C   . LYS A 1 58 ? 3.323   -8.294  -14.125 1.00 29.07 ? 58  LYS A C   1 
ATOM   444  O  O   . LYS A 1 58 ? 3.449   -9.421  -13.649 1.00 36.39 ? 58  LYS A O   1 
ATOM   445  C  CB  . LYS A 1 58 ? 4.413   -7.388  -12.117 1.00 29.05 ? 58  LYS A CB  1 
ATOM   446  C  CG  . LYS A 1 58 ? 5.767   -6.748  -12.339 1.00 30.48 ? 58  LYS A CG  1 
ATOM   447  C  CD  . LYS A 1 58 ? 6.288   -6.954  -13.766 1.00 38.94 ? 58  LYS A CD  1 
ATOM   448  C  CE  . LYS A 1 58 ? 7.639   -6.295  -13.924 1.00 38.34 ? 58  LYS A CE  1 
ATOM   449  N  NZ  . LYS A 1 58 ? 8.364   -6.345  -12.617 1.00 38.41 ? 58  LYS A NZ  1 
ATOM   450  N  N   . LEU B 1 1  ? -10.795 11.762  6.578   1.00 27.10 ? 1   LEU B N   1 
ATOM   451  C  CA  . LEU B 1 1  ? -9.753  11.076  7.333   1.00 24.51 ? 1   LEU B CA  1 
ATOM   452  C  C   . LEU B 1 1  ? -8.370  11.450  6.808   1.00 24.85 ? 1   LEU B C   1 
ATOM   453  O  O   . LEU B 1 1  ? -8.140  11.427  5.598   1.00 19.23 ? 1   LEU B O   1 
ATOM   454  C  CB  . LEU B 1 1  ? -9.941  9.561   7.237   1.00 23.39 ? 1   LEU B CB  1 
ATOM   455  C  CG  . LEU B 1 1  ? -8.844  8.700   7.878   1.00 18.88 ? 1   LEU B CG  1 
ATOM   456  C  CD1 . LEU B 1 1  ? -8.820  8.853   9.386   1.00 17.76 ? 1   LEU B CD1 1 
ATOM   457  C  CD2 . LEU B 1 1  ? -8.971  7.235   7.484   1.00 18.94 ? 1   LEU B CD2 1 
ATOM   458  N  N   . LYS B 1 2  ? -7.460  11.784  7.724   1.00 28.65 ? 2   LYS B N   1 
ATOM   459  C  CA  . LYS B 1 2  ? -6.064  12.077  7.381   1.00 22.80 ? 2   LYS B CA  1 
ATOM   460  C  C   . LYS B 1 2  ? -5.114  10.992  7.899   1.00 21.26 ? 2   LYS B C   1 
ATOM   461  O  O   . LYS B 1 2  ? -5.251  10.508  9.031   1.00 19.34 ? 2   LYS B O   1 
ATOM   462  C  CB  . LYS B 1 2  ? -5.638  13.459  7.898   1.00 25.34 ? 2   LYS B CB  1 
ATOM   463  C  CG  . LYS B 1 2  ? -6.305  14.637  7.187   1.00 30.06 ? 2   LYS B CG  1 
ATOM   464  C  CD  . LYS B 1 2  ? -5.551  15.939  7.444   1.00 31.87 ? 2   LYS B CD  1 
ATOM   465  C  CE  . LYS B 1 2  ? -5.076  16.583  6.128   1.00 38.60 ? 2   LYS B CE  1 
ATOM   466  N  NZ  . LYS B 1 2  ? -3.611  16.392  5.863   1.00 34.65 ? 2   LYS B NZ  1 
ATOM   467  N  N   . CYS B 1 3  ? -4.148  10.628  7.063   1.00 21.45 ? 3   CYS B N   1 
ATOM   468  C  CA  . CYS B 1 3  ? -3.212  9.554   7.373   1.00 18.62 ? 3   CYS B CA  1 
ATOM   469  C  C   . CYS B 1 3  ? -1.794  9.953   7.003   1.00 20.35 ? 3   CYS B C   1 
ATOM   470  O  O   . CYS B 1 3  ? -1.597  10.811  6.148   1.00 15.06 ? 3   CYS B O   1 
ATOM   471  C  CB  . CYS B 1 3  ? -3.561  8.310   6.553   1.00 20.66 ? 3   CYS B CB  1 
ATOM   472  S  SG  . CYS B 1 3  ? -5.137  7.559   6.951   1.00 19.35 ? 3   CYS B SG  1 
ATOM   473  N  N   . TYR B 1 4  ? -0.803  9.313   7.619   1.00 20.63 ? 4   TYR B N   1 
ATOM   474  C  CA  . TYR B 1 4  ? 0.556   9.410   7.093   1.00 17.84 ? 4   TYR B CA  1 
ATOM   475  C  C   . TYR B 1 4  ? 0.669   8.624   5.785   1.00 17.77 ? 4   TYR B C   1 
ATOM   476  O  O   . TYR B 1 4  ? 0.111   7.527   5.657   1.00 15.22 ? 4   TYR B O   1 
ATOM   477  C  CB  . TYR B 1 4  ? 1.577   8.891   8.111   1.00 17.72 ? 4   TYR B CB  1 
ATOM   478  C  CG  . TYR B 1 4  ? 1.865   9.868   9.223   1.00 21.11 ? 4   TYR B CG  1 
ATOM   479  C  CD1 . TYR B 1 4  ? 2.790   10.881  9.046   1.00 27.90 ? 4   TYR B CD1 1 
ATOM   480  C  CD2 . TYR B 1 4  ? 1.207   9.780   10.450  1.00 20.32 ? 4   TYR B CD2 1 
ATOM   481  C  CE1 . TYR B 1 4  ? 3.058   11.784  10.047  1.00 27.05 ? 4   TYR B CE1 1 
ATOM   482  C  CE2 . TYR B 1 4  ? 1.467   10.681  11.458  1.00 23.25 ? 4   TYR B CE2 1 
ATOM   483  C  CZ  . TYR B 1 4  ? 2.397   11.681  11.250  1.00 27.02 ? 4   TYR B CZ  1 
ATOM   484  O  OH  . TYR B 1 4  ? 2.677   12.586  12.242  1.00 26.85 ? 4   TYR B OH  1 
ATOM   485  N  N   . SER B 1 5  ? 1.378   9.193   4.815   1.00 18.33 ? 5   SER B N   1 
ATOM   486  C  CA  . SER B 1 5  ? 1.651   8.509   3.557   1.00 19.20 ? 5   SER B CA  1 
ATOM   487  C  C   . SER B 1 5  ? 3.145   8.189   3.429   1.00 18.23 ? 5   SER B C   1 
ATOM   488  O  O   . SER B 1 5  ? 3.581   7.566   2.451   1.00 17.85 ? 5   SER B O   1 
ATOM   489  C  CB  . SER B 1 5  ? 1.192   9.367   2.384   1.00 18.71 ? 5   SER B CB  1 
ATOM   490  O  OG  . SER B 1 5  ? 1.792   10.646  2.459   1.00 25.81 ? 5   SER B OG  1 
ATOM   491  N  N   . SER B 1 6  ? 3.918   8.646   4.409   1.00 19.37 ? 6   SER B N   1 
ATOM   492  C  CA  . SER B 1 6  ? 5.317   8.254   4.583   1.00 22.14 ? 6   SER B CA  1 
ATOM   493  C  C   . SER B 1 6  ? 5.710   8.595   6.019   1.00 25.89 ? 6   SER B C   1 
ATOM   494  O  O   . SER B 1 6  ? 4.854   8.997   6.807   1.00 25.71 ? 6   SER B O   1 
ATOM   495  C  CB  . SER B 1 6  ? 6.228   8.991   3.593   1.00 24.34 ? 6   SER B CB  1 
ATOM   496  O  OG  . SER B 1 6  ? 6.511   10.311  4.039   1.00 26.09 ? 6   SER B OG  1 
ATOM   497  N  N   . ARG B 1 7  ? 6.994   8.449   6.345   1.00 21.06 ? 7   ARG B N   1 
ATOM   498  C  CA  . ARG B 1 7  ? 7.558   8.827   7.653   1.00 28.85 ? 7   ARG B CA  1 
ATOM   499  C  C   . ARG B 1 7  ? 7.093   10.189  8.172   1.00 29.29 ? 7   ARG B C   1 
ATOM   500  O  O   . ARG B 1 7  ? 6.857   10.371  9.368   1.00 28.47 ? 7   ARG B O   1 
ATOM   501  C  CB  . ARG B 1 7  ? 9.092   8.871   7.552   1.00 32.36 ? 7   ARG B CB  1 
ATOM   502  C  CG  . ARG B 1 7  ? 9.838   7.633   8.031   1.00 31.25 ? 7   ARG B CG  1 
ATOM   503  C  CD  . ARG B 1 7  ? 11.301  7.680   7.558   1.00 29.53 ? 7   ARG B CD  1 
ATOM   504  N  NE  . ARG B 1 7  ? 11.775  9.058   7.475   1.00 35.85 ? 7   ARG B NE  1 
ATOM   505  C  CZ  . ARG B 1 7  ? 12.733  9.487   6.655   1.00 34.69 ? 7   ARG B CZ  1 
ATOM   506  N  NH1 . ARG B 1 7  ? 13.347  8.644   5.838   1.00 31.92 ? 7   ARG B NH1 1 
ATOM   507  N  NH2 . ARG B 1 7  ? 13.076  10.771  6.654   1.00 39.80 ? 7   ARG B NH2 1 
ATOM   508  N  N   . THR B 1 8  ? 6.983   11.151  7.262   1.00 30.46 ? 8   THR B N   1 
ATOM   509  C  CA  . THR B 1 8  ? 6.712   12.534  7.634   1.00 34.25 ? 8   THR B CA  1 
ATOM   510  C  C   . THR B 1 8  ? 5.561   13.148  6.842   1.00 34.27 ? 8   THR B C   1 
ATOM   511  O  O   . THR B 1 8  ? 4.964   14.142  7.263   1.00 36.26 ? 8   THR B O   1 
ATOM   512  C  CB  . THR B 1 8  ? 7.952   13.404  7.408   1.00 36.44 ? 8   THR B CB  1 
ATOM   513  O  OG1 . THR B 1 8  ? 8.446   13.174  6.082   1.00 37.32 ? 8   THR B OG1 1 
ATOM   514  C  CG2 . THR B 1 8  ? 9.044   13.071  8.427   1.00 36.83 ? 8   THR B CG2 1 
ATOM   515  N  N   . GLU B 1 9  ? 5.256   12.568  5.687   1.00 29.69 ? 9   GLU B N   1 
ATOM   516  C  CA  . GLU B 1 9  ? 4.217   13.130  4.837   1.00 26.76 ? 9   GLU B CA  1 
ATOM   517  C  C   . GLU B 1 9  ? 2.818   12.650  5.168   1.00 25.29 ? 9   GLU B C   1 
ATOM   518  O  O   . GLU B 1 9  ? 2.611   11.525  5.622   1.00 24.02 ? 9   GLU B O   1 
ATOM   519  C  CB  . GLU B 1 9  ? 4.544   12.950  3.360   1.00 26.76 ? 9   GLU B CB  1 
ATOM   520  C  CG  . GLU B 1 9  ? 5.527   13.995  2.882   1.00 36.69 ? 9   GLU B CG  1 
ATOM   521  C  CD  . GLU B 1 9  ? 6.084   13.676  1.521   1.00 39.06 ? 9   GLU B CD  1 
ATOM   522  O  OE1 . GLU B 1 9  ? 5.490   12.824  0.822   1.00 44.43 ? 9   GLU B OE1 1 
ATOM   523  O  OE2 . GLU B 1 9  ? 7.119   14.272  1.155   1.00 40.20 ? 9   GLU B OE2 1 
ATOM   524  N  N   . THR B 1 10 ? 1.865   13.526  4.884   1.00 26.96 ? 10  THR B N   1 
ATOM   525  C  CA  . THR B 1 10 ? 0.510   13.443  5.395   1.00 27.20 ? 10  THR B CA  1 
ATOM   526  C  C   . THR B 1 10 ? -0.441  13.775  4.244   1.00 27.59 ? 10  THR B C   1 
ATOM   527  O  O   . THR B 1 10 ? -0.129  14.625  3.411   1.00 30.29 ? 10  THR B O   1 
ATOM   528  C  CB  . THR B 1 10 ? 0.352   14.456  6.571   1.00 30.60 ? 10  THR B CB  1 
ATOM   529  O  OG1 . THR B 1 10 ? 0.886   13.895  7.778   1.00 33.46 ? 10  THR B OG1 1 
ATOM   530  C  CG2 . THR B 1 10 ? -1.063  14.829  6.814   1.00 31.42 ? 10  THR B CG2 1 
ATOM   531  N  N   . MET B 1 11 ? -1.583  13.090  4.174   1.00 29.07 ? 11  MET B N   1 
ATOM   532  C  CA  . MET B 1 11 ? -2.588  13.401  3.155   1.00 24.81 ? 11  MET B CA  1 
ATOM   533  C  C   . MET B 1 11 ? -4.013  13.134  3.626   1.00 26.69 ? 11  MET B C   1 
ATOM   534  O  O   . MET B 1 11 ? -4.230  12.445  4.632   1.00 26.46 ? 11  MET B O   1 
ATOM   535  C  CB  . MET B 1 11 ? -2.305  12.642  1.855   1.00 21.44 ? 11  MET B CB  1 
ATOM   536  C  CG  . MET B 1 11 ? -2.411  11.123  1.961   1.00 22.50 ? 11  MET B CG  1 
ATOM   537  S  SD  . MET B 1 11 ? -2.287  10.319  0.351   1.00 32.72 ? 11  MET B SD  1 
ATOM   538  C  CE  . MET B 1 11 ? -4.006  9.996   -0.025  1.00 28.52 ? 11  MET B CE  1 
ATOM   539  N  N   . THR B 1 12 ? -4.978  13.699  2.896   1.00 26.73 ? 12  THR B N   1 
ATOM   540  C  CA  . THR B 1 12 ? -6.386  13.387  3.101   1.00 27.37 ? 12  THR B CA  1 
ATOM   541  C  C   . THR B 1 12 ? -6.744  12.193  2.219   1.00 25.25 ? 12  THR B C   1 
ATOM   542  O  O   . THR B 1 12 ? -6.445  12.192  1.025   1.00 27.40 ? 12  THR B O   1 
ATOM   543  C  CB  . THR B 1 12 ? -7.287  14.587  2.757   1.00 30.77 ? 12  THR B CB  1 
ATOM   544  O  OG1 . THR B 1 12 ? -7.045  15.646  3.694   1.00 27.37 ? 12  THR B OG1 1 
ATOM   545  C  CG2 . THR B 1 12 ? -8.764  14.182  2.807   1.00 27.56 ? 12  THR B CG2 1 
ATOM   546  N  N   . CYS B 1 13 ? -7.351  11.164  2.811   1.00 26.70 ? 13  CYS B N   1 
ATOM   547  C  CA  . CYS B 1 13 ? -7.654  9.937   2.074   1.00 21.29 ? 13  CYS B CA  1 
ATOM   548  C  C   . CYS B 1 13 ? -8.735  10.182  1.025   1.00 27.57 ? 13  CYS B C   1 
ATOM   549  O  O   . CYS B 1 13 ? -9.648  10.986  1.248   1.00 26.67 ? 13  CYS B O   1 
ATOM   550  C  CB  . CYS B 1 13 ? -8.126  8.827   3.022   1.00 22.73 ? 13  CYS B CB  1 
ATOM   551  S  SG  . CYS B 1 13 ? -6.948  8.315   4.283   1.00 20.89 ? 13  CYS B SG  1 
ATOM   552  N  N   . PRO B 1 14 ? -8.643  9.486   -0.124  1.00 24.87 ? 14  PRO B N   1 
ATOM   553  C  CA  . PRO B 1 14 ? -9.702  9.563   -1.137  1.00 25.94 ? 14  PRO B CA  1 
ATOM   554  C  C   . PRO B 1 14 ? -10.970 8.847   -0.680  1.00 30.91 ? 14  PRO B C   1 
ATOM   555  O  O   . PRO B 1 14 ? -10.934 8.088   0.288   1.00 23.83 ? 14  PRO B O   1 
ATOM   556  C  CB  . PRO B 1 14 ? -9.093  8.835   -2.347  1.00 25.78 ? 14  PRO B CB  1 
ATOM   557  C  CG  . PRO B 1 14 ? -8.065  7.934   -1.779  1.00 26.51 ? 14  PRO B CG  1 
ATOM   558  C  CD  . PRO B 1 14 ? -7.501  8.673   -0.581  1.00 27.83 ? 14  PRO B CD  1 
ATOM   559  N  N   . GLU B 1 15 ? -12.082 9.089   -1.370  1.00 35.00 ? 15  GLU B N   1 
ATOM   560  C  CA  . GLU B 1 15 ? -13.349 8.492   -0.974  1.00 26.99 ? 15  GLU B CA  1 
ATOM   561  C  C   . GLU B 1 15 ? -13.274 6.970   -1.017  1.00 26.21 ? 15  GLU B C   1 
ATOM   562  O  O   . GLU B 1 15 ? -12.659 6.393   -1.914  1.00 27.04 ? 15  GLU B O   1 
ATOM   563  C  CB  . GLU B 1 15 ? -14.501 9.014   -1.844  1.00 39.97 ? 15  GLU B CB  1 
ATOM   564  C  CG  . GLU B 1 15 ? -15.107 10.317  -1.337  1.00 41.89 ? 15  GLU B CG  1 
ATOM   565  C  CD  . GLU B 1 15 ? -14.081 11.209  -0.655  1.00 53.34 ? 15  GLU B CD  1 
ATOM   566  O  OE1 . GLU B 1 15 ? -14.176 11.387  0.582   1.00 50.45 ? 15  GLU B OE1 1 
ATOM   567  O  OE2 . GLU B 1 15 ? -13.173 11.723  -1.351  1.00 53.44 ? 15  GLU B OE2 1 
ATOM   568  N  N   . GLY B 1 16 ? -13.883 6.331   -0.024  1.00 25.52 ? 16  GLY B N   1 
ATOM   569  C  CA  . GLY B 1 16 ? -13.944 4.882   0.031   1.00 30.33 ? 16  GLY B CA  1 
ATOM   570  C  C   . GLY B 1 16 ? -12.759 4.261   0.747   1.00 25.29 ? 16  GLY B C   1 
ATOM   571  O  O   . GLY B 1 16 ? -12.752 3.064   1.015   1.00 31.21 ? 16  GLY B O   1 
ATOM   572  N  N   . GLU B 1 17 ? -11.745 5.069   1.042   1.00 24.07 ? 17  GLU B N   1 
ATOM   573  C  CA  . GLU B 1 17 ? -10.604 4.591   1.813   1.00 23.22 ? 17  GLU B CA  1 
ATOM   574  C  C   . GLU B 1 17 ? -10.660 5.169   3.232   1.00 21.68 ? 17  GLU B C   1 
ATOM   575  O  O   . GLU B 1 17 ? -10.180 6.275   3.492   1.00 21.80 ? 17  GLU B O   1 
ATOM   576  C  CB  . GLU B 1 17 ? -9.291  4.908   1.090   1.00 22.82 ? 17  GLU B CB  1 
ATOM   577  C  CG  . GLU B 1 17 ? -9.119  4.121   -0.221  1.00 21.49 ? 17  GLU B CG  1 
ATOM   578  C  CD  . GLU B 1 17 ? -7.671  4.017   -0.676  1.00 24.03 ? 17  GLU B CD  1 
ATOM   579  O  OE1 . GLU B 1 17 ? -6.917  5.004   -0.527  1.00 23.40 ? 17  GLU B OE1 1 
ATOM   580  O  OE2 . GLU B 1 17 ? -7.289  2.943   -1.186  1.00 22.89 ? 17  GLU B OE2 1 
ATOM   581  N  N   . ASP B 1 18 ? -11.271 4.414   4.141   1.00 20.38 ? 18  ASP B N   1 
ATOM   582  C  CA  . ASP B 1 18 ? -11.616 4.934   5.458   1.00 19.39 ? 18  ASP B CA  1 
ATOM   583  C  C   . ASP B 1 18 ? -10.667 4.487   6.567   1.00 20.92 ? 18  ASP B C   1 
ATOM   584  O  O   . ASP B 1 18 ? -10.965 4.669   7.749   1.00 17.47 ? 18  ASP B O   1 
ATOM   585  C  CB  . ASP B 1 18 ? -13.061 4.555   5.820   1.00 22.19 ? 18  ASP B CB  1 
ATOM   586  C  CG  . ASP B 1 18 ? -13.393 3.105   5.485   1.00 23.93 ? 18  ASP B CG  1 
ATOM   587  O  OD1 . ASP B 1 18 ? -12.462 2.269   5.429   1.00 21.95 ? 18  ASP B OD1 1 
ATOM   588  O  OD2 . ASP B 1 18 ? -14.592 2.800   5.266   1.00 24.78 ? 18  ASP B OD2 1 
ATOM   589  N  N   . LYS B 1 19 ? -9.519  3.923   6.195   1.00 19.51 ? 19  LYS B N   1 
ATOM   590  C  CA  . LYS B 1 19 ? -8.548  3.488   7.202   1.00 16.41 ? 19  LYS B CA  1 
ATOM   591  C  C   . LYS B 1 19 ? -7.143  3.955   6.888   1.00 19.50 ? 19  LYS B C   1 
ATOM   592  O  O   . LYS B 1 19 ? -6.768  4.101   5.715   1.00 16.71 ? 19  LYS B O   1 
ATOM   593  C  CB  . LYS B 1 19 ? -8.551  1.963   7.335   1.00 14.81 ? 19  LYS B CB  1 
ATOM   594  C  CG  . LYS B 1 19 ? -9.871  1.387   7.776   1.00 19.95 ? 19  LYS B CG  1 
ATOM   595  C  CD  . LYS B 1 19 ? -9.978  -0.068  7.372   1.00 28.03 ? 19  LYS B CD  1 
ATOM   596  C  CE  . LYS B 1 19 ? -11.425 -0.469  7.136   1.00 25.69 ? 19  LYS B CE  1 
ATOM   597  N  NZ  . LYS B 1 19 ? -11.519 -1.946  7.025   1.00 33.98 ? 19  LYS B NZ  1 
ATOM   598  N  N   . CYS B 1 20 ? -6.370  4.184   7.947   1.00 15.28 ? 20  CYS B N   1 
ATOM   599  C  CA  . CYS B 1 20 ? -4.932  4.398   7.813   1.00 14.03 ? 20  CYS B CA  1 
ATOM   600  C  C   . CYS B 1 20 ? -4.262  3.080   8.139   1.00 15.13 ? 20  CYS B C   1 
ATOM   601  O  O   . CYS B 1 20 ? -4.711  2.357   9.044   1.00 11.87 ? 20  CYS B O   1 
ATOM   602  C  CB  . CYS B 1 20 ? -4.421  5.420   8.827   1.00 15.04 ? 20  CYS B CB  1 
ATOM   603  S  SG  . CYS B 1 20 ? -5.279  7.008   8.883   1.00 17.72 ? 20  CYS B SG  1 
ATOM   604  N  N   . GLU B 1 21 ? -3.185  2.763   7.433   1.00 13.08 ? 21  GLU B N   1 
ATOM   605  C  CA  . GLU B 1 21 ? -2.356  1.645   7.864   1.00 13.69 ? 21  GLU B CA  1 
ATOM   606  C  C   . GLU B 1 21 ? -0.867  1.925   7.807   1.00 15.57 ? 21  GLU B C   1 
ATOM   607  O  O   . GLU B 1 21 ? -0.404  2.784   7.060   1.00 14.06 ? 21  GLU B O   1 
ATOM   608  C  CB  . GLU B 1 21 ? -2.714  0.329   7.155   1.00 13.61 ? 21  GLU B CB  1 
ATOM   609  C  CG  . GLU B 1 21 ? -2.370  0.232   5.699   1.00 17.61 ? 21  GLU B CG  1 
ATOM   610  C  CD  . GLU B 1 21 ? -2.680  -1.154  5.138   1.00 21.06 ? 21  GLU B CD  1 
ATOM   611  O  OE1 . GLU B 1 21 ? -2.907  -1.244  3.918   1.00 20.03 ? 21  GLU B OE1 1 
ATOM   612  O  OE2 . GLU B 1 21 ? -2.686  -2.147  5.911   1.00 15.65 ? 21  GLU B OE2 1 
ATOM   613  N  N   . LYS B 1 22 ? -0.139  1.195   8.643   1.00 16.16 ? 22  LYS B N   1 
ATOM   614  C  CA  . LYS B 1 22 ? 1.314   1.208   8.662   1.00 15.52 ? 22  LYS B CA  1 
ATOM   615  C  C   . LYS B 1 22 ? 1.720   -0.253  8.739   1.00 13.57 ? 22  LYS B C   1 
ATOM   616  O  O   . LYS B 1 22 ? 1.352   -0.955  9.683   1.00 16.28 ? 22  LYS B O   1 
ATOM   617  C  CB  . LYS B 1 22 ? 1.829   1.974   9.883   1.00 13.82 ? 22  LYS B CB  1 
ATOM   618  C  CG  . LYS B 1 22 ? 3.349   2.033   9.985   1.00 17.29 ? 22  LYS B CG  1 
ATOM   619  C  CD  . LYS B 1 22 ? 3.769   2.553   11.349  1.00 20.85 ? 22  LYS B CD  1 
ATOM   620  C  CE  . LYS B 1 22 ? 5.252   2.379   11.565  1.00 23.11 ? 22  LYS B CE  1 
ATOM   621  N  NZ  . LYS B 1 22 ? 5.667   3.010   12.848  1.00 26.21 ? 22  LYS B NZ  1 
ATOM   622  N  N   . TYR B 1 23 ? 2.408   -0.731  7.713   1.00 12.14 ? 23  TYR B N   1 
ATOM   623  C  CA  . TYR B 1 23 ? 2.881   -2.116  7.695   1.00 19.19 ? 23  TYR B CA  1 
ATOM   624  C  C   . TYR B 1 23 ? 4.310   -2.202  7.161   1.00 16.25 ? 23  TYR B C   1 
ATOM   625  O  O   . TYR B 1 23 ? 4.709   -1.406  6.321   1.00 12.98 ? 23  TYR B O   1 
ATOM   626  C  CB  . TYR B 1 23 ? 1.927   -3.032  6.896   1.00 16.72 ? 23  TYR B CB  1 
ATOM   627  C  CG  . TYR B 1 23 ? 1.865   -2.780  5.393   1.00 17.66 ? 23  TYR B CG  1 
ATOM   628  C  CD1 . TYR B 1 23 ? 0.968   -1.860  4.857   1.00 17.80 ? 23  TYR B CD1 1 
ATOM   629  C  CD2 . TYR B 1 23 ? 2.663   -3.499  4.509   1.00 16.24 ? 23  TYR B CD2 1 
ATOM   630  C  CE1 . TYR B 1 23 ? 0.902   -1.631  3.480   1.00 14.80 ? 23  TYR B CE1 1 
ATOM   631  C  CE2 . TYR B 1 23 ? 2.595   -3.279  3.128   1.00 14.94 ? 23  TYR B CE2 1 
ATOM   632  C  CZ  . TYR B 1 23 ? 1.709   -2.344  2.626   1.00 14.65 ? 23  TYR B CZ  1 
ATOM   633  O  OH  . TYR B 1 23 ? 1.629   -2.109  1.259   1.00 18.06 ? 23  TYR B OH  1 
ATOM   634  N  N   . ALA B 1 24 ? 5.083   -3.166  7.657   1.00 18.99 ? 24  ALA B N   1 
ATOM   635  C  CA  . ALA B 1 24 ? 6.468   -3.319  7.223   1.00 14.86 ? 24  ALA B CA  1 
ATOM   636  C  C   . ALA B 1 24 ? 6.564   -4.242  6.018   1.00 15.43 ? 24  ALA B C   1 
ATOM   637  O  O   . ALA B 1 24 ? 5.806   -5.210  5.897   1.00 16.80 ? 24  ALA B O   1 
ATOM   638  C  CB  . ALA B 1 24 ? 7.335   -3.858  8.363   1.00 17.30 ? 24  ALA B CB  1 
ATOM   639  N  N   . VAL B 1 25 ? 7.498   -3.940  5.121   1.00 15.44 ? 25  VAL B N   1 
ATOM   640  C  CA  . VAL B 1 25 ? 7.848   -4.874  4.065   1.00 15.01 ? 25  VAL B CA  1 
ATOM   641  C  C   . VAL B 1 25 ? 9.343   -5.164  4.132   1.00 17.17 ? 25  VAL B C   1 
ATOM   642  O  O   . VAL B 1 25 ? 10.116  -4.360  4.663   1.00 13.89 ? 25  VAL B O   1 
ATOM   643  C  CB  . VAL B 1 25 ? 7.484   -4.328  2.665   1.00 20.07 ? 25  VAL B CB  1 
ATOM   644  C  CG1 . VAL B 1 25 ? 6.003   -4.017  2.593   1.00 19.43 ? 25  VAL B CG1 1 
ATOM   645  C  CG2 . VAL B 1 25 ? 8.306   -3.081  2.345   1.00 13.39 ? 25  VAL B CG2 1 
ATOM   646  N  N   . GLY B 1 26 ? 9.741   -6.322  3.608   1.00 19.16 ? 26  GLY B N   1 
ATOM   647  C  CA  . GLY B 1 26 ? 11.144  -6.665  3.511   1.00 20.02 ? 26  GLY B CA  1 
ATOM   648  C  C   . GLY B 1 26 ? 11.817  -5.796  2.467   1.00 21.80 ? 26  GLY B C   1 
ATOM   649  O  O   . GLY B 1 26 ? 11.231  -5.473  1.425   1.00 19.48 ? 26  GLY B O   1 
ATOM   650  N  N   . LEU B 1 27 ? 13.052  -5.410  2.754   1.00 16.71 ? 27  LEU B N   1 
ATOM   651  C  CA  . LEU B 1 27 ? 13.830  -4.580  1.859   1.00 20.18 ? 27  LEU B CA  1 
ATOM   652  C  C   . LEU B 1 27 ? 14.880  -5.461  1.198   1.00 22.64 ? 27  LEU B C   1 
ATOM   653  O  O   . LEU B 1 27 ? 14.745  -5.844  0.035   1.00 23.03 ? 27  LEU B O   1 
ATOM   654  C  CB  . LEU B 1 27 ? 14.516  -3.479  2.664   1.00 22.73 ? 27  LEU B CB  1 
ATOM   655  C  CG  . LEU B 1 27 ? 14.426  -2.038  2.178   1.00 25.93 ? 27  LEU B CG  1 
ATOM   656  C  CD1 . LEU B 1 27 ? 15.171  -1.138  3.149   1.00 22.49 ? 27  LEU B CD1 1 
ATOM   657  C  CD2 . LEU B 1 27 ? 14.980  -1.913  0.766   1.00 26.63 ? 27  LEU B CD2 1 
ATOM   658  N  N   . MET B 1 28 ? 15.931  -5.776  1.955   1.00 17.75 ? 28  MET B N   1 
ATOM   659  C  CA  . MET B 1 28 ? 16.951  -6.707  1.508   1.00 17.41 ? 28  MET B CA  1 
ATOM   660  C  C   . MET B 1 28 ? 17.801  -7.170  2.686   1.00 19.48 ? 28  MET B C   1 
ATOM   661  O  O   . MET B 1 28 ? 18.065  -6.392  3.606   1.00 17.08 ? 28  MET B O   1 
ATOM   662  C  CB  . MET B 1 28 ? 17.852  -6.063  0.437   1.00 14.82 ? 28  MET B CB  1 
ATOM   663  C  CG  . MET B 1 28 ? 18.619  -4.832  0.911   1.00 19.49 ? 28  MET B CG  1 
ATOM   664  S  SD  . MET B 1 28 ? 19.491  -3.989  -0.435  1.00 25.77 ? 28  MET B SD  1 
ATOM   665  C  CE  . MET B 1 28 ? 19.696  -2.360  0.284   1.00 32.23 ? 28  MET B CE  1 
ATOM   666  N  N   . HIS B 1 29 ? 18.212  -8.439  2.642   1.00 16.13 ? 29  HIS B N   1 
ATOM   667  C  CA  . HIS B 1 29 ? 19.148  -9.034  3.605   1.00 22.60 ? 29  HIS B CA  1 
ATOM   668  C  C   . HIS B 1 29 ? 18.736  -8.848  5.063   1.00 20.27 ? 29  HIS B C   1 
ATOM   669  O  O   . HIS B 1 29 ? 19.575  -8.612  5.920   1.00 19.77 ? 29  HIS B O   1 
ATOM   670  C  CB  . HIS B 1 29 ? 20.570  -8.494  3.391   1.00 19.68 ? 29  HIS B CB  1 
ATOM   671  C  CG  . HIS B 1 29 ? 21.140  -8.818  2.045   1.00 20.98 ? 29  HIS B CG  1 
ATOM   672  N  ND1 . HIS B 1 29 ? 21.533  -10.091 1.690   1.00 21.47 ? 29  HIS B ND1 1 
ATOM   673  C  CD2 . HIS B 1 29 ? 21.374  -8.035  0.961   1.00 18.85 ? 29  HIS B CD2 1 
ATOM   674  C  CE1 . HIS B 1 29 ? 21.989  -10.077 0.449   1.00 27.72 ? 29  HIS B CE1 1 
ATOM   675  N  NE2 . HIS B 1 29 ? 21.903  -8.842  -0.016  1.00 21.00 ? 29  HIS B NE2 1 
ATOM   676  N  N   . GLY B 1 30 ? 17.442  -8.947  5.335   1.00 19.71 ? 30  GLY B N   1 
ATOM   677  C  CA  . GLY B 1 30 ? 16.955  -8.807  6.695   1.00 20.29 ? 30  GLY B CA  1 
ATOM   678  C  C   . GLY B 1 30 ? 16.583  -7.396  7.118   1.00 21.85 ? 30  GLY B C   1 
ATOM   679  O  O   . GLY B 1 30 ? 16.134  -7.193  8.253   1.00 20.23 ? 30  GLY B O   1 
ATOM   680  N  N   . SER B 1 31 ? 16.762  -6.416  6.233   1.00 20.08 ? 31  SER B N   1 
ATOM   681  C  CA  . SER B 1 31 ? 16.241  -5.078  6.519   1.00 17.83 ? 31  SER B CA  1 
ATOM   682  C  C   . SER B 1 31 ? 14.772  -4.945  6.110   1.00 18.63 ? 31  SER B C   1 
ATOM   683  O  O   . SER B 1 31 ? 14.297  -5.638  5.204   1.00 18.69 ? 31  SER B O   1 
ATOM   684  C  CB  . SER B 1 31 ? 17.093  -3.984  5.873   1.00 15.81 ? 31  SER B CB  1 
ATOM   685  O  OG  . SER B 1 31 ? 17.107  -4.096  4.467   1.00 18.17 ? 31  SER B OG  1 
ATOM   686  N  N   . PHE B 1 32 ? 14.064  -4.052  6.796   1.00 16.41 ? 32  PHE B N   1 
ATOM   687  C  CA  . PHE B 1 32 ? 12.640  -3.838  6.579   1.00 14.65 ? 32  PHE B CA  1 
ATOM   688  C  C   . PHE B 1 32 ? 12.387  -2.332  6.514   1.00 15.15 ? 32  PHE B C   1 
ATOM   689  O  O   . PHE B 1 32 ? 13.243  -1.533  6.903   1.00 12.57 ? 32  PHE B O   1 
ATOM   690  C  CB  . PHE B 1 32 ? 11.817  -4.448  7.723   1.00 19.95 ? 32  PHE B CB  1 
ATOM   691  C  CG  . PHE B 1 32 ? 11.879  -5.957  7.801   1.00 22.53 ? 32  PHE B CG  1 
ATOM   692  C  CD1 . PHE B 1 32 ? 12.854  -6.593  8.551   1.00 21.61 ? 32  PHE B CD1 1 
ATOM   693  C  CD2 . PHE B 1 32 ? 10.946  -6.735  7.138   1.00 24.83 ? 32  PHE B CD2 1 
ATOM   694  C  CE1 . PHE B 1 32 ? 12.900  -7.979  8.630   1.00 21.48 ? 32  PHE B CE1 1 
ATOM   695  C  CE2 . PHE B 1 32 ? 10.993  -8.111  7.208   1.00 25.23 ? 32  PHE B CE2 1 
ATOM   696  C  CZ  . PHE B 1 32 ? 11.975  -8.734  7.957   1.00 27.48 ? 32  PHE B CZ  1 
ATOM   697  N  N   . PHE B 1 33 ? 11.203  -1.952  6.035   1.00 14.33 ? 33  PHE B N   1 
ATOM   698  C  CA  . PHE B 1 33 ? 10.880  -0.560  5.753   1.00 15.40 ? 33  PHE B CA  1 
ATOM   699  C  C   . PHE B 1 33 ? 9.385   -0.418  5.975   1.00 14.99 ? 33  PHE B C   1 
ATOM   700  O  O   . PHE B 1 33 ? 8.641   -1.364  5.713   1.00 15.15 ? 33  PHE B O   1 
ATOM   701  C  CB  . PHE B 1 33 ? 11.222  -0.259  4.288   1.00 16.37 ? 33  PHE B CB  1 
ATOM   702  C  CG  . PHE B 1 33 ? 11.192  1.208   3.930   1.00 18.04 ? 33  PHE B CG  1 
ATOM   703  C  CD1 . PHE B 1 33 ? 12.186  2.071   4.379   1.00 19.16 ? 33  PHE B CD1 1 
ATOM   704  C  CD2 . PHE B 1 33 ? 10.196  1.718   3.093   1.00 17.93 ? 33  PHE B CD2 1 
ATOM   705  C  CE1 . PHE B 1 33 ? 12.171  3.428   4.029   1.00 16.32 ? 33  PHE B CE1 1 
ATOM   706  C  CE2 . PHE B 1 33 ? 10.182  3.060   2.739   1.00 17.30 ? 33  PHE B CE2 1 
ATOM   707  C  CZ  . PHE B 1 33 ? 11.164  3.916   3.205   1.00 15.27 ? 33  PHE B CZ  1 
ATOM   708  N  N   . PHE B 1 34 ? 8.926   0.731   6.469   1.00 14.15 ? 34  PHE B N   1 
ATOM   709  C  CA  . PHE B 1 34 ? 7.489   0.874   6.723   1.00 15.43 ? 34  PHE B CA  1 
ATOM   710  C  C   . PHE B 1 34 ? 6.754   1.549   5.575   1.00 14.00 ? 34  PHE B C   1 
ATOM   711  O  O   . PHE B 1 34 ? 7.232   2.535   5.002   1.00 13.74 ? 34  PHE B O   1 
ATOM   712  C  CB  . PHE B 1 34 ? 7.207   1.631   8.023   1.00 14.68 ? 34  PHE B CB  1 
ATOM   713  C  CG  . PHE B 1 34 ? 7.425   0.813   9.262   1.00 16.73 ? 34  PHE B CG  1 
ATOM   714  C  CD1 . PHE B 1 34 ? 6.584   -0.251  9.567   1.00 15.08 ? 34  PHE B CD1 1 
ATOM   715  C  CD2 . PHE B 1 34 ? 8.461   1.116   10.129  1.00 14.51 ? 34  PHE B CD2 1 
ATOM   716  C  CE1 . PHE B 1 34 ? 6.780   -1.006  10.714  1.00 19.52 ? 34  PHE B CE1 1 
ATOM   717  C  CE2 . PHE B 1 34 ? 8.658   0.365   11.290  1.00 22.29 ? 34  PHE B CE2 1 
ATOM   718  C  CZ  . PHE B 1 34 ? 7.816   -0.699  11.575  1.00 17.42 ? 34  PHE B CZ  1 
ATOM   719  N  N   . ILE B 1 35 ? 5.572   1.016   5.273   1.00 12.45 ? 35  ILE B N   1 
ATOM   720  C  CA  . ILE B 1 35 ? 4.695   1.560   4.250   1.00 12.29 ? 35  ILE B CA  1 
ATOM   721  C  C   . ILE B 1 35 ? 3.504   2.195   4.948   1.00 14.08 ? 35  ILE B C   1 
ATOM   722  O  O   . ILE B 1 35 ? 2.798   1.524   5.700   1.00 15.66 ? 35  ILE B O   1 
ATOM   723  C  CB  . ILE B 1 35 ? 4.208   0.457   3.305   1.00 11.94 ? 35  ILE B CB  1 
ATOM   724  C  CG1 . ILE B 1 35 ? 5.405   -0.222  2.639   1.00 16.24 ? 35  ILE B CG1 1 
ATOM   725  C  CG2 . ILE B 1 35 ? 3.237   1.014   2.255   1.00 14.31 ? 35  ILE B CG2 1 
ATOM   726  C  CD1 . ILE B 1 35 ? 6.310   0.731   1.865   1.00 13.77 ? 35  ILE B CD1 1 
ATOM   727  N  N   . TYR B 1 36 ? 3.300   3.491   4.715   1.00 13.71 ? 36  TYR B N   1 
ATOM   728  C  CA  . TYR B 1 36 ? 2.195   4.235   5.320   1.00 12.20 ? 36  TYR B CA  1 
ATOM   729  C  C   . TYR B 1 36 ? 1.161   4.592   4.248   1.00 17.00 ? 36  TYR B C   1 
ATOM   730  O  O   . TYR B 1 36 ? 1.488   5.242   3.251   1.00 13.10 ? 36  TYR B O   1 
ATOM   731  C  CB  . TYR B 1 36 ? 2.709   5.543   5.928   1.00 14.45 ? 36  TYR B CB  1 
ATOM   732  C  CG  . TYR B 1 36 ? 3.749   5.386   7.008   1.00 15.94 ? 36  TYR B CG  1 
ATOM   733  C  CD1 . TYR B 1 36 ? 5.088   5.212   6.690   1.00 15.55 ? 36  TYR B CD1 1 
ATOM   734  C  CD2 . TYR B 1 36 ? 3.398   5.442   8.346   1.00 15.69 ? 36  TYR B CD2 1 
ATOM   735  C  CE1 . TYR B 1 36 ? 6.043   5.080   7.674   1.00 18.15 ? 36  TYR B CE1 1 
ATOM   736  C  CE2 . TYR B 1 36 ? 4.346   5.317   9.339   1.00 14.80 ? 36  TYR B CE2 1 
ATOM   737  C  CZ  . TYR B 1 36 ? 5.665   5.130   9.000   1.00 20.26 ? 36  TYR B CZ  1 
ATOM   738  O  OH  . TYR B 1 36 ? 6.618   5.001   9.990   1.00 16.46 ? 36  TYR B OH  1 
ATOM   739  N  N   . THR B 1 37 ? -0.094  4.205   4.445   1.00 13.69 ? 37  THR B N   1 
ATOM   740  C  CA  . THR B 1 37 ? -1.100  4.568   3.449   1.00 14.23 ? 37  THR B CA  1 
ATOM   741  C  C   . THR B 1 37 ? -2.532  4.581   3.958   1.00 14.81 ? 37  THR B C   1 
ATOM   742  O  O   . THR B 1 37 ? -2.861  3.934   4.961   1.00 14.73 ? 37  THR B O   1 
ATOM   743  C  CB  . THR B 1 37 ? -1.025  3.638   2.223   1.00 16.08 ? 37  THR B CB  1 
ATOM   744  O  OG1 . THR B 1 37 ? -1.911  4.109   1.195   1.00 15.70 ? 37  THR B OG1 1 
ATOM   745  C  CG2 . THR B 1 37 ? -1.408  2.204   2.610   1.00 16.52 ? 37  THR B CG2 1 
ATOM   746  N  N   . CYS B 1 38 ? -3.377  5.340   3.258   1.00 16.26 ? 38  CYS B N   1 
ATOM   747  C  CA  . CYS B 1 38 ? -4.825  5.183   3.362   1.00 16.39 ? 38  CYS B CA  1 
ATOM   748  C  C   . CYS B 1 38 ? -5.189  3.896   2.642   1.00 16.60 ? 38  CYS B C   1 
ATOM   749  O  O   . CYS B 1 38 ? -4.574  3.561   1.628   1.00 15.80 ? 38  CYS B O   1 
ATOM   750  C  CB  . CYS B 1 38 ? -5.558  6.326   2.646   1.00 14.49 ? 38  CYS B CB  1 
ATOM   751  S  SG  . CYS B 1 38 ? -5.226  7.993   3.226   1.00 16.30 ? 38  CYS B SG  1 
ATOM   752  N  N   . THR B 1 39 ? -6.199  3.183   3.138   1.00 16.26 ? 39  THR B N   1 
ATOM   753  C  CA  . THR B 1 39 ? -6.642  1.960   2.479   1.00 19.01 ? 39  THR B CA  1 
ATOM   754  C  C   . THR B 1 39 ? -8.109  1.710   2.801   1.00 19.52 ? 39  THR B C   1 
ATOM   755  O  O   . THR B 1 39 ? -8.654  2.331   3.715   1.00 21.04 ? 39  THR B O   1 
ATOM   756  C  CB  . THR B 1 39 ? -5.793  0.737   2.899   1.00 17.98 ? 39  THR B CB  1 
ATOM   757  O  OG1 . THR B 1 39 ? -6.179  -0.406  2.122   1.00 17.82 ? 39  THR B OG1 1 
ATOM   758  C  CG2 . THR B 1 39 ? -5.978  0.423   4.395   1.00 13.53 ? 39  THR B CG2 1 
ATOM   759  N  N   . SER B 1 40 ? -8.744  0.816   2.049   1.00 19.47 ? 40  SER B N   1 
ATOM   760  C  CA  . SER B 1 40 ? -10.111 0.401   2.359   1.00 19.69 ? 40  SER B CA  1 
ATOM   761  C  C   . SER B 1 40 ? -10.129 -0.917  3.145   1.00 21.82 ? 40  SER B C   1 
ATOM   762  O  O   . SER B 1 40 ? -11.062 -1.183  3.900   1.00 20.58 ? 40  SER B O   1 
ATOM   763  C  CB  . SER B 1 40 ? -10.955 0.293   1.085   1.00 22.05 ? 40  SER B CB  1 
ATOM   764  O  OG  . SER B 1 40 ? -10.675 -0.895  0.369   1.00 21.67 ? 40  SER B OG  1 
ATOM   765  N  N   . LYS B 1 41 ? -9.100  -1.739  2.955   1.00 20.13 ? 41  LYS B N   1 
ATOM   766  C  CA  . LYS B 1 41 ? -8.924  -2.978  3.710   1.00 18.89 ? 41  LYS B CA  1 
ATOM   767  C  C   . LYS B 1 41 ? -7.472  -3.036  4.151   1.00 21.19 ? 41  LYS B C   1 
ATOM   768  O  O   . LYS B 1 41 ? -6.574  -2.859  3.335   1.00 19.37 ? 41  LYS B O   1 
ATOM   769  C  CB  . LYS B 1 41 ? -9.235  -4.196  2.838   1.00 16.03 ? 41  LYS B CB  1 
ATOM   770  C  CG  . LYS B 1 41 ? -10.586 -4.138  2.139   1.00 23.96 ? 41  LYS B CG  1 
ATOM   771  C  CD  . LYS B 1 41 ? -11.728 -4.382  3.123   1.00 19.43 ? 41  LYS B CD  1 
ATOM   772  C  CE  . LYS B 1 41 ? -13.076 -4.255  2.413   1.00 20.25 ? 41  LYS B CE  1 
ATOM   773  N  NZ  . LYS B 1 41 ? -13.376 -2.849  2.079   1.00 21.97 ? 41  LYS B NZ  1 
ATOM   774  N  N   . CYS B 1 42 ? -7.236  -3.267  5.436   1.00 14.94 ? 42  CYS B N   1 
ATOM   775  C  CA  . CYS B 1 42 ? -5.871  -3.278  5.930   1.00 18.43 ? 42  CYS B CA  1 
ATOM   776  C  C   . CYS B 1 42 ? -5.162  -4.571  5.581   1.00 23.27 ? 42  CYS B C   1 
ATOM   777  O  O   . CYS B 1 42 ? -5.772  -5.639  5.571   1.00 22.81 ? 42  CYS B O   1 
ATOM   778  C  CB  . CYS B 1 42 ? -5.844  -3.048  7.437   1.00 17.88 ? 42  CYS B CB  1 
ATOM   779  S  SG  . CYS B 1 42 ? -6.192  -1.346  7.840   1.00 18.66 ? 42  CYS B SG  1 
ATOM   780  N  N   . HIS B 1 43 ? -3.872  -4.469  5.278   1.00 25.10 ? 43  HIS B N   1 
ATOM   781  C  CA  . HIS B 1 43 ? -3.056  -5.658  5.140   1.00 24.41 ? 43  HIS B CA  1 
ATOM   782  C  C   . HIS B 1 43 ? -3.078  -6.326  6.497   1.00 28.70 ? 43  HIS B C   1 
ATOM   783  O  O   . HIS B 1 43 ? -2.985  -5.653  7.531   1.00 26.42 ? 43  HIS B O   1 
ATOM   784  C  CB  . HIS B 1 43 ? -1.629  -5.300  4.731   1.00 23.08 ? 43  HIS B CB  1 
ATOM   785  C  CG  . HIS B 1 43 ? -1.527  -4.805  3.324   1.00 24.48 ? 43  HIS B CG  1 
ATOM   786  N  ND1 . HIS B 1 43 ? -1.991  -3.566  2.937   1.00 23.08 ? 43  HIS B ND1 1 
ATOM   787  C  CD2 . HIS B 1 43 ? -1.053  -5.397  2.203   1.00 20.58 ? 43  HIS B CD2 1 
ATOM   788  C  CE1 . HIS B 1 43 ? -1.789  -3.410  1.639   1.00 22.10 ? 43  HIS B CE1 1 
ATOM   789  N  NE2 . HIS B 1 43 ? -1.223  -4.508  1.171   1.00 20.61 ? 43  HIS B NE2 1 
ATOM   790  N  N   . GLU B 1 44 ? -3.263  -7.640  6.512   1.00 31.27 ? 44  GLU B N   1 
ATOM   791  C  CA  . GLU B 1 44 ? -3.236  -8.333  7.781   1.00 38.12 ? 44  GLU B CA  1 
ATOM   792  C  C   . GLU B 1 44 ? -1.826  -8.813  8.083   1.00 32.82 ? 44  GLU B C   1 
ATOM   793  O  O   . GLU B 1 44 ? -1.032  -9.099  7.186   1.00 32.20 ? 44  GLU B O   1 
ATOM   794  C  CB  . GLU B 1 44 ? -4.259  -9.469  7.846   1.00 41.44 ? 44  GLU B CB  1 
ATOM   795  C  CG  . GLU B 1 44 ? -4.268  -10.433 6.686   1.00 47.45 ? 44  GLU B CG  1 
ATOM   796  C  CD  . GLU B 1 44 ? -5.518  -11.294 6.694   1.00 53.82 ? 44  GLU B CD  1 
ATOM   797  O  OE1 . GLU B 1 44 ? -6.619  -10.718 6.836   1.00 51.82 ? 44  GLU B OE1 1 
ATOM   798  O  OE2 . GLU B 1 44 ? -5.399  -12.536 6.585   1.00 52.21 ? 44  GLU B OE2 1 
ATOM   799  N  N   . GLY B 1 45 ? -1.514  -8.847  9.365   1.00 42.65 ? 45  GLY B N   1 
ATOM   800  C  CA  . GLY B 1 45 ? -0.230  -9.311  9.838   1.00 40.04 ? 45  GLY B CA  1 
ATOM   801  C  C   . GLY B 1 45 ? -0.285  -9.167  11.336  1.00 42.27 ? 45  GLY B C   1 
ATOM   802  O  O   . GLY B 1 45 ? -1.182  -8.509  11.856  1.00 38.06 ? 45  GLY B O   1 
ATOM   803  N  N   . ALA B 1 46 ? 0.685   -9.753  12.029  1.00 41.36 ? 46  ALA B N   1 
ATOM   804  C  CA  . ALA B 1 46 ? 0.646   -9.795  13.489  1.00 44.23 ? 46  ALA B CA  1 
ATOM   805  C  C   . ALA B 1 46 ? 0.962   -8.445  14.131  1.00 39.61 ? 46  ALA B C   1 
ATOM   806  O  O   . ALA B 1 46 ? 0.562   -8.186  15.273  1.00 36.51 ? 46  ALA B O   1 
ATOM   807  C  CB  . ALA B 1 46 ? 1.593   -10.869 14.018  1.00 41.12 ? 46  ALA B CB  1 
ATOM   808  N  N   . TYR B 1 47 ? 1.671   -7.593  13.395  1.00 25.29 ? 47  TYR B N   1 
ATOM   809  C  CA  . TYR B 1 47 ? 2.158   -6.326  13.936  1.00 26.79 ? 47  TYR B CA  1 
ATOM   810  C  C   . TYR B 1 47 ? 1.723   -5.123  13.108  1.00 29.53 ? 47  TYR B C   1 
ATOM   811  O  O   . TYR B 1 47 ? 2.203   -4.009  13.326  1.00 25.75 ? 47  TYR B O   1 
ATOM   812  C  CB  . TYR B 1 47 ? 3.687   -6.349  14.051  1.00 28.67 ? 47  TYR B CB  1 
ATOM   813  C  CG  . TYR B 1 47 ? 4.189   -7.331  15.081  1.00 26.38 ? 47  TYR B CG  1 
ATOM   814  C  CD1 . TYR B 1 47 ? 4.405   -6.935  16.393  1.00 22.21 ? 47  TYR B CD1 1 
ATOM   815  C  CD2 . TYR B 1 47 ? 4.437   -8.657  14.743  1.00 26.86 ? 47  TYR B CD2 1 
ATOM   816  C  CE1 . TYR B 1 47 ? 4.853   -7.839  17.347  1.00 23.32 ? 47  TYR B CE1 1 
ATOM   817  C  CE2 . TYR B 1 47 ? 4.888   -9.564  15.686  1.00 29.69 ? 47  TYR B CE2 1 
ATOM   818  C  CZ  . TYR B 1 47 ? 5.095   -9.149  16.984  1.00 24.17 ? 47  TYR B CZ  1 
ATOM   819  O  OH  . TYR B 1 47 ? 5.546   -10.047 17.923  1.00 27.01 ? 47  TYR B OH  1 
ATOM   820  N  N   . ASN B 1 48 ? 0.804   -5.335  12.172  1.00 25.73 ? 48  ASN B N   1 
ATOM   821  C  CA  . ASN B 1 48 ? 0.338   -4.229  11.348  1.00 21.94 ? 48  ASN B CA  1 
ATOM   822  C  C   . ASN B 1 48 ? -0.483  -3.226  12.138  1.00 22.27 ? 48  ASN B C   1 
ATOM   823  O  O   . ASN B 1 48 ? -1.156  -3.573  13.115  1.00 24.36 ? 48  ASN B O   1 
ATOM   824  C  CB  . ASN B 1 48 ? -0.442  -4.729  10.133  1.00 26.90 ? 48  ASN B CB  1 
ATOM   825  C  CG  . ASN B 1 48 ? 0.455   -5.371  9.095   1.00 25.31 ? 48  ASN B CG  1 
ATOM   826  O  OD1 . ASN B 1 48 ? 1.653   -5.557  9.321   1.00 30.83 ? 48  ASN B OD1 1 
ATOM   827  N  ND2 . ASN B 1 48 ? -0.120  -5.720  7.951   1.00 29.11 ? 48  ASN B ND2 1 
ATOM   828  N  N   . VAL B 1 49 ? -0.395  -1.974  11.722  1.00 18.24 ? 49  VAL B N   1 
ATOM   829  C  CA  . VAL B 1 49 ? -1.197  -0.919  12.304  1.00 18.44 ? 49  VAL B CA  1 
ATOM   830  C  C   . VAL B 1 49 ? -2.341  -0.614  11.341  1.00 18.09 ? 49  VAL B C   1 
ATOM   831  O  O   . VAL B 1 49 ? -2.114  -0.434  10.150  1.00 14.78 ? 49  VAL B O   1 
ATOM   832  C  CB  . VAL B 1 49 ? -0.348  0.328   12.580  1.00 20.08 ? 49  VAL B CB  1 
ATOM   833  C  CG1 . VAL B 1 49 ? -1.234  1.537   12.839  1.00 16.80 ? 49  VAL B CG1 1 
ATOM   834  C  CG2 . VAL B 1 49 ? 0.592   0.057   13.768  1.00 21.70 ? 49  VAL B CG2 1 
ATOM   835  N  N   . CYS B 1 50 ? -3.568  -0.613  11.862  1.00 15.38 ? 50  CYS B N   1 
ATOM   836  C  CA  . CYS B 1 50 ? -4.766  -0.379  11.068  1.00 13.07 ? 50  CYS B CA  1 
ATOM   837  C  C   . CYS B 1 50 ? -5.746  0.394   11.949  1.00 17.64 ? 50  CYS B C   1 
ATOM   838  O  O   . CYS B 1 50 ? -6.099  -0.074  13.041  1.00 13.51 ? 50  CYS B O   1 
ATOM   839  C  CB  . CYS B 1 50 ? -5.381  -1.719  10.640  1.00 13.59 ? 50  CYS B CB  1 
ATOM   840  S  SG  . CYS B 1 50 ? -6.963  -1.603  9.685   1.00 18.21 ? 50  CYS B SG  1 
ATOM   841  N  N   . CYS B 1 51 ? -6.168  1.580   11.505  1.00 14.59 ? 51  CYS B N   1 
ATOM   842  C  CA  . CYS B 1 51 ? -7.021  2.434   12.340  1.00 15.06 ? 51  CYS B CA  1 
ATOM   843  C  C   . CYS B 1 51 ? -7.757  3.518   11.554  1.00 20.00 ? 51  CYS B C   1 
ATOM   844  O  O   . CYS B 1 51 ? -7.449  3.766   10.386  1.00 17.26 ? 51  CYS B O   1 
ATOM   845  C  CB  . CYS B 1 51 ? -6.189  3.064   13.455  1.00 18.60 ? 51  CYS B CB  1 
ATOM   846  S  SG  . CYS B 1 51 ? -4.650  3.740   12.821  1.00 17.93 ? 51  CYS B SG  1 
ATOM   847  N  N   . SER B 1 52 ? -8.729  4.165   12.196  1.00 15.28 ? 52  SER B N   1 
ATOM   848  C  CA  . SER B 1 52 ? -9.577  5.127   11.495  1.00 17.81 ? 52  SER B CA  1 
ATOM   849  C  C   . SER B 1 52 ? -9.704  6.489   12.185  1.00 23.26 ? 52  SER B C   1 
ATOM   850  O  O   . SER B 1 52 ? -10.734 7.161   12.050  1.00 25.03 ? 52  SER B O   1 
ATOM   851  C  CB  . SER B 1 52 ? -10.970 4.534   11.228  1.00 22.11 ? 52  SER B CB  1 
ATOM   852  O  OG  . SER B 1 52 ? -10.881 3.346   10.451  1.00 24.19 ? 52  SER B OG  1 
ATOM   853  N  N   . THR B 1 53 ? -8.665  6.899   12.912  1.00 18.80 ? 53  THR B N   1 
ATOM   854  C  CA  . THR B 1 53 ? -8.620  8.252   13.478  1.00 21.98 ? 53  THR B CA  1 
ATOM   855  C  C   . THR B 1 53 ? -7.454  9.016   12.846  1.00 26.87 ? 53  THR B C   1 
ATOM   856  O  O   . THR B 1 53 ? -6.457  8.402   12.455  1.00 17.59 ? 53  THR B O   1 
ATOM   857  C  CB  . THR B 1 53 ? -8.498  8.235   15.025  1.00 22.55 ? 53  THR B CB  1 
ATOM   858  O  OG1 . THR B 1 53 ? -7.312  7.532   15.402  1.00 23.29 ? 53  THR B OG1 1 
ATOM   859  C  CG2 . THR B 1 53 ? -9.700  7.551   15.651  1.00 24.35 ? 53  THR B CG2 1 
ATOM   860  N  N   . ASP B 1 54 ? -7.578  10.339  12.730  1.00 24.84 ? 54  ASP B N   1 
ATOM   861  C  CA  . ASP B 1 54 ? -6.580  11.120  11.991  1.00 22.13 ? 54  ASP B CA  1 
ATOM   862  C  C   . ASP B 1 54 ? -5.163  10.851  12.488  1.00 21.94 ? 54  ASP B C   1 
ATOM   863  O  O   . ASP B 1 54 ? -4.922  10.777  13.701  1.00 22.35 ? 54  ASP B O   1 
ATOM   864  C  CB  . ASP B 1 54 ? -6.875  12.621  12.034  1.00 23.32 ? 54  ASP B CB  1 
ATOM   865  C  CG  . ASP B 1 54 ? -8.112  12.996  11.234  1.00 26.65 ? 54  ASP B CG  1 
ATOM   866  O  OD1 . ASP B 1 54 ? -8.568  12.177  10.405  1.00 20.95 ? 54  ASP B OD1 1 
ATOM   867  O  OD2 . ASP B 1 54 ? -8.623  14.115  11.442  1.00 23.97 ? 54  ASP B OD2 1 
ATOM   868  N  N   . LEU B 1 55 ? -4.262  10.666  11.523  1.00 21.13 ? 55  LEU B N   1 
ATOM   869  C  CA  . LEU B 1 55 ? -2.838  10.413  11.740  1.00 18.25 ? 55  LEU B CA  1 
ATOM   870  C  C   . LEU B 1 55 ? -2.550  9.327   12.765  1.00 20.97 ? 55  LEU B C   1 
ATOM   871  O  O   . LEU B 1 55 ? -1.548  9.389   13.483  1.00 24.97 ? 55  LEU B O   1 
ATOM   872  C  CB  . LEU B 1 55 ? -2.115  11.707  12.122  1.00 22.79 ? 55  LEU B CB  1 
ATOM   873  C  CG  . LEU B 1 55 ? -2.274  12.886  11.158  1.00 24.08 ? 55  LEU B CG  1 
ATOM   874  C  CD1 . LEU B 1 55 ? -1.212  13.941  11.424  1.00 26.61 ? 55  LEU B CD1 1 
ATOM   875  C  CD2 . LEU B 1 55 ? -2.239  12.436  9.713   1.00 25.93 ? 55  LEU B CD2 1 
ATOM   876  N  N   . CYS B 1 56 ? -3.418  8.325   12.829  1.00 19.60 ? 56  CYS B N   1 
ATOM   877  C  CA  . CYS B 1 56 ? -3.225  7.241   13.781  1.00 21.21 ? 56  CYS B CA  1 
ATOM   878  C  C   . CYS B 1 56 ? -2.150  6.243   13.340  1.00 20.48 ? 56  CYS B C   1 
ATOM   879  O  O   . CYS B 1 56 ? -1.650  5.474   14.167  1.00 18.99 ? 56  CYS B O   1 
ATOM   880  C  CB  . CYS B 1 56 ? -4.539  6.516   14.041  1.00 21.97 ? 56  CYS B CB  1 
ATOM   881  S  SG  . CYS B 1 56 ? -5.197  5.680   12.582  1.00 21.22 ? 56  CYS B SG  1 
ATOM   882  N  N   . ASN B 1 57 ? -1.789  6.251   12.054  1.00 15.52 ? 57  ASN B N   1 
ATOM   883  C  CA  . ASN B 1 57 ? -0.812  5.275   11.553  1.00 17.35 ? 57  ASN B CA  1 
ATOM   884  C  C   . ASN B 1 57 ? 0.629   5.747   11.757  1.00 20.31 ? 57  ASN B C   1 
ATOM   885  O  O   . ASN B 1 57 ? 1.386   5.941   10.796  1.00 17.53 ? 57  ASN B O   1 
ATOM   886  C  CB  . ASN B 1 57 ? -1.077  4.880   10.090  1.00 13.87 ? 57  ASN B CB  1 
ATOM   887  C  CG  . ASN B 1 57 ? -0.986  6.061   9.125   1.00 15.53 ? 57  ASN B CG  1 
ATOM   888  O  OD1 . ASN B 1 57 ? -1.309  7.202   9.472   1.00 18.84 ? 57  ASN B OD1 1 
ATOM   889  N  ND2 . ASN B 1 57 ? -0.551  5.783   7.899   1.00 15.77 ? 57  ASN B ND2 1 
ATOM   890  N  N   . LYS B 1 58 ? 0.981   5.878   13.035  1.00 21.83 ? 58  LYS B N   1 
ATOM   891  C  CA  . LYS B 1 58 ? 2.245   6.448   13.540  1.00 29.20 ? 58  LYS B CA  1 
ATOM   892  C  C   . LYS B 1 58 ? 2.185   7.962   13.605  1.00 27.02 ? 58  LYS B C   1 
ATOM   893  O  O   . LYS B 1 58 ? 1.859   8.515   14.647  1.00 31.28 ? 58  LYS B O   1 
ATOM   894  C  CB  . LYS B 1 58 ? 3.496   5.989   12.781  1.00 26.81 ? 58  LYS B CB  1 
ATOM   895  C  CG  . LYS B 1 58 ? 4.596   7.053   12.778  1.00 23.76 ? 58  LYS B CG  1 
ATOM   896  C  CD  . LYS B 1 58 ? 5.983   6.466   12.703  1.00 25.51 ? 58  LYS B CD  1 
ATOM   897  C  CE  . LYS B 1 58 ? 6.996   7.351   13.435  1.00 37.66 ? 58  LYS B CE  1 
ATOM   898  N  NZ  . LYS B 1 58 ? 7.025   8.756   12.925  1.00 43.70 ? 58  LYS B NZ  1 
HETATM 899  ZN ZN  . ZN  C 2 .  ? 21.761  9.133   4.101   0.25 20.43 ? 101 ZN  A ZN  1 
HETATM 900  ZN ZN  . ZN  D 2 .  ? 22.527  -8.153  -1.856  0.25 17.18 ? 101 ZN  B ZN  1 
HETATM 901  O  O   . HOH E 3 .  ? 9.831   -4.107  -8.949  1.00 19.47 ? 201 HOH A O   1 
HETATM 902  O  O   . HOH E 3 .  ? -14.215 -6.685  -4.680  1.00 17.45 ? 202 HOH A O   1 
HETATM 903  O  O   . HOH E 3 .  ? 11.259  8.343   -16.329 1.00 20.57 ? 203 HOH A O   1 
HETATM 904  O  O   . HOH E 3 .  ? -7.099  -3.702  -16.195 1.00 16.93 ? 204 HOH A O   1 
HETATM 905  O  O   . HOH E 3 .  ? -2.737  -6.793  -1.520  1.00 15.79 ? 205 HOH A O   1 
HETATM 906  O  O   . HOH E 3 .  ? -8.258  4.172   -8.794  1.00 12.09 ? 206 HOH A O   1 
HETATM 907  O  O   . HOH E 3 .  ? 1.478   5.910   -14.775 1.00 20.28 ? 207 HOH A O   1 
HETATM 908  O  O   . HOH E 3 .  ? 2.131   4.265   0.606   1.00 16.51 ? 208 HOH A O   1 
HETATM 909  O  O   . HOH E 3 .  ? 8.860   6.632   1.662   1.00 15.01 ? 209 HOH A O   1 
HETATM 910  O  O   . HOH E 3 .  ? 16.863  8.915   -8.374  1.00 18.30 ? 210 HOH A O   1 
HETATM 911  O  O   . HOH E 3 .  ? -1.708  3.145   -14.265 1.00 12.71 ? 211 HOH A O   1 
HETATM 912  O  O   . HOH E 3 .  ? -1.536  4.277   -11.624 1.00 17.83 ? 212 HOH A O   1 
HETATM 913  O  O   . HOH E 3 .  ? 10.439  -2.906  -6.567  1.00 17.58 ? 213 HOH A O   1 
HETATM 914  O  O   . HOH E 3 .  ? -11.852 -8.242  -5.437  1.00 22.07 ? 214 HOH A O   1 
HETATM 915  O  O   . HOH E 3 .  ? 0.221   -6.448  -0.947  1.00 19.43 ? 215 HOH A O   1 
HETATM 916  O  O   . HOH E 3 .  ? -0.076  -0.168  -0.051  1.00 20.98 ? 216 HOH A O   1 
HETATM 917  O  O   . HOH E 3 .  ? 8.832   -2.881  -11.557 1.00 19.72 ? 217 HOH A O   1 
HETATM 918  O  O   . HOH E 3 .  ? 5.278   6.978   -9.588  1.00 14.90 ? 218 HOH A O   1 
HETATM 919  O  O   . HOH E 3 .  ? -11.144 -10.624 -4.683  1.00 18.56 ? 219 HOH A O   1 
HETATM 920  O  O   . HOH E 3 .  ? 9.548   -4.479  -4.675  1.00 22.98 ? 220 HOH A O   1 
HETATM 921  O  O   . HOH E 3 .  ? 14.539  8.381   -2.233  1.00 21.17 ? 221 HOH A O   1 
HETATM 922  O  O   . HOH E 3 .  ? -8.891  -11.066 -14.417 1.00 16.54 ? 222 HOH A O   1 
HETATM 923  O  O   . HOH E 3 .  ? 0.760   -8.422  1.232   1.00 19.24 ? 223 HOH A O   1 
HETATM 924  O  O   . HOH E 3 .  ? -13.500 -8.206  2.608   1.00 22.44 ? 224 HOH A O   1 
HETATM 925  O  O   . HOH E 3 .  ? -5.655  -5.763  -17.466 1.00 18.02 ? 225 HOH A O   1 
HETATM 926  O  O   . HOH E 3 .  ? 2.036   7.520   -3.926  1.00 24.57 ? 226 HOH A O   1 
HETATM 927  O  O   . HOH E 3 .  ? 4.495   -5.090  -1.985  1.00 18.86 ? 227 HOH A O   1 
HETATM 928  O  O   . HOH E 3 .  ? -12.905 -9.882  -8.008  1.00 24.18 ? 228 HOH A O   1 
HETATM 929  O  O   . HOH E 3 .  ? 3.759   6.550   -6.063  1.00 19.57 ? 229 HOH A O   1 
HETATM 930  O  O   . HOH E 3 .  ? -10.311 -13.930 -7.981  1.00 23.16 ? 230 HOH A O   1 
HETATM 931  O  O   . HOH E 3 .  ? -11.744 -2.392  -11.256 1.00 24.53 ? 231 HOH A O   1 
HETATM 932  O  O   . HOH E 3 .  ? -4.572  -16.879 -4.848  1.00 25.86 ? 232 HOH A O   1 
HETATM 933  O  O   . HOH E 3 .  ? 5.413   8.797   -7.065  1.00 29.13 ? 233 HOH A O   1 
HETATM 934  O  O   . HOH E 3 .  ? -4.792  -15.435 -1.331  1.00 21.53 ? 234 HOH A O   1 
HETATM 935  O  O   . HOH E 3 .  ? -11.356 -6.302  -10.796 1.00 17.48 ? 235 HOH A O   1 
HETATM 936  O  O   . HOH E 3 .  ? 2.971   -6.738  1.817   1.00 21.44 ? 236 HOH A O   1 
HETATM 937  O  O   . HOH E 3 .  ? 7.409   -4.837  -2.130  1.00 25.31 ? 237 HOH A O   1 
HETATM 938  O  O   . HOH E 3 .  ? 4.390   6.221   -2.700  1.00 28.73 ? 238 HOH A O   1 
HETATM 939  O  O   . HOH E 3 .  ? -9.711  -3.752  -17.019 1.00 24.11 ? 239 HOH A O   1 
HETATM 940  O  O   . HOH E 3 .  ? -5.114  -5.896  0.493   1.00 24.88 ? 240 HOH A O   1 
HETATM 941  O  O   . HOH E 3 .  ? -10.944 -12.553 -0.649  1.00 28.47 ? 241 HOH A O   1 
HETATM 942  O  O   . HOH E 3 .  ? 16.748  10.581  1.426   1.00 26.47 ? 242 HOH A O   1 
HETATM 943  O  O   . HOH E 3 .  ? 11.783  -5.535  -10.019 1.00 25.65 ? 243 HOH A O   1 
HETATM 944  O  O   . HOH E 3 .  ? 0.074   -17.057 -3.120  0.50 28.43 ? 244 HOH A O   1 
HETATM 945  O  O   . HOH E 3 .  ? 5.794   -8.832  -10.074 1.00 31.44 ? 245 HOH A O   1 
HETATM 946  O  O   . HOH E 3 .  ? -12.668 -11.053 1.273   1.00 19.53 ? 246 HOH A O   1 
HETATM 947  O  O   . HOH E 3 .  ? 7.646   -10.379 -10.578 1.00 35.30 ? 247 HOH A O   1 
HETATM 948  O  O   . HOH E 3 .  ? -4.312  3.966   -15.203 1.00 24.57 ? 248 HOH A O   1 
HETATM 949  O  O   . HOH E 3 .  ? -7.654  -14.879 -15.058 1.00 30.55 ? 249 HOH A O   1 
HETATM 950  O  O   . HOH E 3 .  ? -8.666  -0.995  -14.630 1.00 26.69 ? 250 HOH A O   1 
HETATM 951  O  O   . HOH E 3 .  ? 6.651   1.176   -13.517 1.00 24.96 ? 251 HOH A O   1 
HETATM 952  O  O   . HOH E 3 .  ? -1.849  -17.471 -4.854  1.00 26.20 ? 252 HOH A O   1 
HETATM 953  O  O   . HOH E 3 .  ? 2.314   -4.566  -14.977 1.00 18.71 ? 253 HOH A O   1 
HETATM 954  O  O   . HOH E 3 .  ? 21.882  6.406   3.162   0.25 24.33 ? 254 HOH A O   1 
HETATM 955  O  O   . HOH E 3 .  ? -2.771  -15.502 -6.621  1.00 20.66 ? 255 HOH A O   1 
HETATM 956  O  O   . HOH E 3 .  ? 8.552   -7.130  -3.629  1.00 22.10 ? 256 HOH A O   1 
HETATM 957  O  O   . HOH E 3 .  ? -9.950  -16.219 -5.958  1.00 34.36 ? 257 HOH A O   1 
HETATM 958  O  O   . HOH E 3 .  ? -9.365  -14.902 -10.235 1.00 33.25 ? 258 HOH A O   1 
HETATM 959  O  O   . HOH E 3 .  ? -11.503 -9.670  3.612   1.00 26.59 ? 259 HOH A O   1 
HETATM 960  O  O   . HOH E 3 .  ? -4.305  -9.933  -16.412 1.00 24.94 ? 260 HOH A O   1 
HETATM 961  O  O   . HOH E 3 .  ? 8.106   9.114   -6.364  1.00 36.84 ? 261 HOH A O   1 
HETATM 962  O  O   . HOH E 3 .  ? -3.060  0.763   -1.872  1.00 26.18 ? 262 HOH A O   1 
HETATM 963  O  O   . HOH E 3 .  ? 5.190   -7.882  0.697   1.00 29.62 ? 263 HOH A O   1 
HETATM 964  O  O   . HOH E 3 .  ? -5.667  -7.732  2.654   1.00 36.16 ? 264 HOH A O   1 
HETATM 965  O  O   . HOH E 3 .  ? -1.185  7.088   -11.441 1.00 30.58 ? 265 HOH A O   1 
HETATM 966  O  O   . HOH E 3 .  ? 7.381   10.801  -7.881  1.00 34.64 ? 266 HOH A O   1 
HETATM 967  O  O   . HOH E 3 .  ? 18.571  12.714  2.452   1.00 37.53 ? 267 HOH A O   1 
HETATM 968  O  O   . HOH E 3 .  ? 21.996  3.829   2.273   0.25 36.59 ? 268 HOH A O   1 
HETATM 969  O  O   . HOH E 3 .  ? -13.549 -13.387 -8.488  1.00 33.36 ? 269 HOH A O   1 
HETATM 970  O  O   . HOH E 3 .  ? -13.031 -12.738 -6.082  1.00 28.06 ? 270 HOH A O   1 
HETATM 971  O  O   . HOH E 3 .  ? -6.352  0.637   -15.483 1.00 23.88 ? 271 HOH A O   1 
HETATM 972  O  O   . HOH E 3 .  ? 6.772   11.327  -9.931  1.00 35.94 ? 272 HOH A O   1 
HETATM 973  O  O   . HOH E 3 .  ? -12.727 -10.929 5.479   1.00 33.73 ? 273 HOH A O   1 
HETATM 974  O  O   . HOH F 3 .  ? -9.558  -3.890  7.156   1.00 19.81 ? 201 HOH B O   1 
HETATM 975  O  O   . HOH F 3 .  ? 2.279   -4.402  0.111   1.00 20.83 ? 202 HOH B O   1 
HETATM 976  O  O   . HOH F 3 .  ? -7.651  0.313   -0.783  1.00 22.61 ? 203 HOH B O   1 
HETATM 977  O  O   . HOH F 3 .  ? 9.232   4.744   9.909   1.00 23.25 ? 204 HOH B O   1 
HETATM 978  O  O   . HOH F 3 .  ? 4.768   4.734   2.588   1.00 18.15 ? 205 HOH B O   1 
HETATM 979  O  O   . HOH F 3 .  ? 14.423  -8.412  4.323   1.00 30.63 ? 206 HOH B O   1 
HETATM 980  O  O   . HOH F 3 .  ? 9.277   4.584   5.768   1.00 22.64 ? 207 HOH B O   1 
HETATM 981  O  O   . HOH F 3 .  ? -9.583  3.521   14.637  1.00 21.12 ? 208 HOH B O   1 
HETATM 982  O  O   . HOH F 3 .  ? 9.270   -5.576  -0.211  1.00 22.55 ? 209 HOH B O   1 
HETATM 983  O  O   . HOH F 3 .  ? 0.275   6.456   0.837   1.00 23.38 ? 210 HOH B O   1 
HETATM 984  O  O   . HOH F 3 .  ? 7.137   5.064   3.502   1.00 21.39 ? 211 HOH B O   1 
HETATM 985  O  O   . HOH F 3 .  ? 4.273   -4.462  10.135  1.00 23.22 ? 212 HOH B O   1 
HETATM 986  O  O   . HOH F 3 .  ? 5.203   7.788   0.171   1.00 29.11 ? 213 HOH B O   1 
HETATM 987  O  O   . HOH F 3 .  ? -4.756  3.844   -1.695  1.00 23.01 ? 214 HOH B O   1 
HETATM 988  O  O   . HOH F 3 .  ? -12.583 8.579   10.655  1.00 30.57 ? 215 HOH B O   1 
HETATM 989  O  O   . HOH F 3 .  ? 13.071  7.402   3.610   1.00 26.25 ? 216 HOH B O   1 
HETATM 990  O  O   . HOH F 3 .  ? -2.016  -2.763  8.360   1.00 23.34 ? 217 HOH B O   1 
HETATM 991  O  O   . HOH F 3 .  ? -13.148 11.056  7.592   1.00 27.35 ? 218 HOH B O   1 
HETATM 992  O  O   . HOH F 3 .  ? -3.932  -4.746  10.014  1.00 29.37 ? 219 HOH B O   1 
HETATM 993  O  O   . HOH F 3 .  ? -12.206 0.953   11.687  1.00 27.65 ? 220 HOH B O   1 
HETATM 994  O  O   . HOH F 3 .  ? 14.944  10.070  3.533   1.00 25.57 ? 221 HOH B O   1 
HETATM 995  O  O   . HOH F 3 .  ? -2.577  6.880   1.140   1.00 20.37 ? 222 HOH B O   1 
HETATM 996  O  O   . HOH F 3 .  ? -12.284 -1.445  10.468  1.00 24.08 ? 223 HOH B O   1 
HETATM 997  O  O   . HOH F 3 .  ? -11.191 10.908  3.763   1.00 22.42 ? 224 HOH B O   1 
HETATM 998  O  O   . HOH F 3 .  ? -12.046 8.542   4.022   1.00 27.59 ? 225 HOH B O   1 
HETATM 999  O  O   . HOH F 3 .  ? 15.546  10.557  6.857   1.00 28.81 ? 226 HOH B O   1 
HETATM 1000 O  O   . HOH F 3 .  ? 3.951   2.252   15.429  1.00 31.06 ? 227 HOH B O   1 
HETATM 1001 O  O   . HOH F 3 .  ? -12.725 6.752   8.810   1.00 26.01 ? 228 HOH B O   1 
HETATM 1002 O  O   . HOH F 3 .  ? -14.424 1.387   0.482   1.00 28.99 ? 229 HOH B O   1 
HETATM 1003 O  O   . HOH F 3 .  ? -15.263 5.411   9.271   1.00 36.92 ? 230 HOH B O   1 
HETATM 1004 O  O   . HOH F 3 .  ? -9.280  16.388  5.456   1.00 33.71 ? 231 HOH B O   1 
HETATM 1005 O  O   . HOH F 3 .  ? -4.306  15.953  1.252   1.00 29.85 ? 232 HOH B O   1 
HETATM 1006 O  O   . HOH F 3 .  ? -4.747  -0.834  -0.493  1.00 23.40 ? 233 HOH B O   1 
HETATM 1007 O  O   . HOH F 3 .  ? 7.520   -8.348  2.550   1.00 27.22 ? 234 HOH B O   1 
HETATM 1008 O  O   . HOH F 3 .  ? -13.389 8.049   5.834   1.00 25.01 ? 235 HOH B O   1 
HETATM 1009 O  O   . HOH F 3 .  ? -17.011 3.522   9.724   1.00 36.14 ? 236 HOH B O   1 
HETATM 1010 O  O   . HOH F 3 .  ? 3.913   -6.861  4.541   1.00 27.43 ? 237 HOH B O   1 
HETATM 1011 O  O   . HOH F 3 .  ? -13.103 6.412   13.772  1.00 35.64 ? 238 HOH B O   1 
HETATM 1012 O  O   . HOH F 3 .  ? 13.955  -8.674  1.636   1.00 27.64 ? 239 HOH B O   1 
HETATM 1013 O  O   . HOH F 3 .  ? 1.156   -6.873  6.093   1.00 33.44 ? 240 HOH B O   1 
HETATM 1014 O  O   . HOH F 3 .  ? 17.591  -10.198 0.329   1.00 24.25 ? 241 HOH B O   1 
HETATM 1015 O  O   . HOH F 3 .  ? -2.533  -0.418  1.013   1.00 26.03 ? 242 HOH B O   1 
HETATM 1016 O  O   . HOH F 3 .  ? 8.522   3.336   12.923  1.00 24.50 ? 243 HOH B O   1 
HETATM 1017 O  O   . HOH F 3 .  ? -4.038  6.414   -1.194  1.00 25.58 ? 244 HOH B O   1 
HETATM 1018 O  O   . HOH F 3 .  ? -10.172 14.294  6.627   1.00 30.91 ? 245 HOH B O   1 
HETATM 1019 O  O   . HOH F 3 .  ? -10.105 -2.626  9.854   1.00 25.29 ? 246 HOH B O   1 
HETATM 1020 O  O   . HOH F 3 .  ? 1.051   12.483  14.305  1.00 27.49 ? 247 HOH B O   1 
HETATM 1021 O  O   . HOH F 3 .  ? -9.829  11.511  13.617  1.00 28.85 ? 248 HOH B O   1 
HETATM 1022 O  O   . HOH F 3 .  ? -12.105 4.089   -2.559  1.00 32.75 ? 249 HOH B O   1 
HETATM 1023 O  O   . HOH F 3 .  ? 2.763   6.800   -0.858  1.00 27.17 ? 250 HOH B O   1 
HETATM 1024 O  O   . HOH F 3 .  ? -16.707 3.919   4.597   1.00 32.67 ? 251 HOH B O   1 
HETATM 1025 O  O   . HOH F 3 .  ? 3.621   -6.727  7.288   1.00 30.97 ? 252 HOH B O   1 
HETATM 1026 O  O   . HOH F 3 .  ? -11.425 12.425  10.369  1.00 37.96 ? 253 HOH B O   1 
HETATM 1027 O  O   . HOH F 3 .  ? 10.999  10.135  10.330  1.00 38.15 ? 254 HOH B O   1 
HETATM 1028 O  O   . HOH F 3 .  ? -14.824 0.915   3.543   1.00 29.16 ? 255 HOH B O   1 
HETATM 1029 O  O   . HOH F 3 .  ? 5.569   -6.758  10.863  1.00 27.87 ? 256 HOH B O   1 
HETATM 1030 O  O   . HOH F 3 .  ? 4.525   14.022  12.128  1.00 33.51 ? 257 HOH B O   1 
HETATM 1031 O  O   . HOH F 3 .  ? -14.502 2.553   -3.568  1.00 31.19 ? 258 HOH B O   1 
HETATM 1032 O  O   . HOH F 3 .  ? 10.940  -4.968  -1.989  1.00 35.15 ? 259 HOH B O   1 
HETATM 1033 O  O   . HOH F 3 .  ? 13.207  -4.423  -1.928  1.00 31.99 ? 260 HOH B O   1 
HETATM 1034 O  O   . HOH F 3 .  ? -10.648 14.043  13.427  1.00 33.33 ? 261 HOH B O   1 
HETATM 1035 O  O   . HOH F 3 .  ? -11.771 11.462  -3.571  1.00 42.90 ? 262 HOH B O   1 
HETATM 1036 O  O   . HOH F 3 .  ? -15.952 5.324   6.404   1.00 35.78 ? 263 HOH B O   1 
HETATM 1037 O  O   . HOH F 3 .  ? -10.108 15.434  15.886  1.00 35.61 ? 264 HOH B O   1 
HETATM 1038 O  O   . HOH F 3 .  ? 13.562  -10.643 5.813   1.00 41.95 ? 265 HOH B O   1 
HETATM 1039 O  O   . HOH F 3 .  ? 12.932  -7.256  -1.301  1.00 36.37 ? 266 HOH B O   1 
HETATM 1040 O  O   . HOH F 3 .  ? -7.052  15.111  16.207  1.00 31.58 ? 267 HOH B O   1 
HETATM 1041 O  O   . HOH F 3 .  ? -2.907  -8.805  3.444   1.00 32.38 ? 268 HOH B O   1 
# 
